data_8QM0
#
_entry.id   8QM0
#
_cell.length_a   56.651
_cell.length_b   206.756
_cell.length_c   96.795
_cell.angle_alpha   90.000
_cell.angle_beta   90.760
_cell.angle_gamma   90.000
#
_symmetry.space_group_name_H-M   'P 1 21 1'
#
loop_
_entity.id
_entity.type
_entity.pdbx_description
1 polymer 'Oligopeptide-binding protein AmiA'
2 polymer ALA-LYS-THR-ILE-LYS-ILE-THR-GLN-THR-ARG
3 water water
#
loop_
_entity_poly.entity_id
_entity_poly.type
_entity_poly.pdbx_seq_one_letter_code
_entity_poly.pdbx_strand_id
1 'polypeptide(L)'
;ASSSSKSSDSSAPKAYGYVYTADPETLDYLISSKNSTTVVTSNGIDGLFTNDNYGNLAPAVAEDWEVSKDGLTYTYKIRK
GVKWFTSDGEEYAEVTAKDFVNGLKHAADKKSEAMYLAENSVKGLADYLSGTSTDFSTVGVKAVDDYTLQYTLNQPEPFW
NSKLTYSIFWPLNEEFETSKGSDFAKPTDPTSLLYNGPFLLKGLTAKSSVEFVKNEQYWDKENVHLDTINLAYYDGSDQE
SLERNFTSGAYSYARLYPTSSNYSKVAEEYKDNIYYTQSGSGIAGLGVNIDRQSYNYTSKTTDSEKVATKKALLNKDFRQ
ALNFALDRSAYSAQINGKDGAALAVRNLFVKPDFVSAGEKTFGDLVAAQLPAYGDEWKGVNLADGQDGLFNADKAKAEFA
KAKKALEADGVQFPIHLDVPVDQASKNYISRIQSFKQSVETVLGVENVVVDIQQMTSDEFLNITYYAANASSEDWDVSGG
VSWGPDYQDPSTYLDILKTTSSETTKTYLGFDNPNSPSVVQVGLKEYDKLVDEAARETSDLNVRYEKYAAAQAWLTDSSL
FIPAMASSGAAPVLSRIVPFTGASAQTGSKGSDVYFKYLKSQDKVVTKEEYEKAREKWLKEKAESNEKAQKELASHVK
;
A,B,C,D
2 'polypeptide(L)' AKTIKITQTR E,F,G,H
#
# COMPACT_ATOMS: atom_id res chain seq x y z
N ALA A 12 5.85 -24.72 8.87
CA ALA A 12 5.67 -26.07 8.36
C ALA A 12 4.63 -26.12 7.24
N PRO A 13 4.95 -26.81 6.14
CA PRO A 13 3.96 -26.91 5.06
C PRO A 13 2.71 -27.67 5.45
N LYS A 14 2.84 -28.60 6.40
CA LYS A 14 1.70 -29.41 6.80
C LYS A 14 0.77 -28.71 7.79
N ALA A 15 1.02 -27.44 8.11
CA ALA A 15 0.12 -26.65 8.94
C ALA A 15 -0.67 -25.72 8.02
N TYR A 16 -1.89 -26.13 7.66
CA TYR A 16 -2.70 -25.31 6.78
C TYR A 16 -3.20 -24.09 7.55
N GLY A 17 -3.01 -22.91 6.95
CA GLY A 17 -3.54 -21.69 7.55
C GLY A 17 -4.28 -20.81 6.58
N TYR A 18 -5.52 -20.44 6.92
CA TYR A 18 -6.24 -19.42 6.15
C TYR A 18 -7.25 -18.74 7.06
N VAL A 19 -8.44 -18.40 6.53
CA VAL A 19 -9.38 -17.54 7.21
C VAL A 19 -10.78 -18.14 7.12
N TYR A 20 -11.65 -17.65 8.00
CA TYR A 20 -13.10 -17.84 7.88
C TYR A 20 -13.76 -16.50 8.16
N THR A 21 -14.99 -16.35 7.66
CA THR A 21 -15.59 -15.03 7.60
C THR A 21 -16.84 -14.84 8.47
N ALA A 22 -17.37 -15.89 9.08
CA ALA A 22 -18.53 -15.73 9.95
C ALA A 22 -18.56 -16.85 10.97
N ASP A 23 -18.75 -16.50 12.25
CA ASP A 23 -18.89 -17.55 13.25
C ASP A 23 -20.16 -18.35 12.98
N PRO A 24 -20.12 -19.66 13.15
CA PRO A 24 -21.33 -20.47 12.90
C PRO A 24 -22.40 -20.20 13.94
N GLU A 25 -23.67 -20.27 13.52
CA GLU A 25 -24.74 -20.20 14.51
C GLU A 25 -24.95 -21.50 15.24
N THR A 26 -24.48 -22.61 14.66
CA THR A 26 -24.71 -23.94 15.20
C THR A 26 -23.62 -24.84 14.63
N LEU A 27 -23.32 -25.94 15.34
CA LEU A 27 -22.52 -27.00 14.76
C LEU A 27 -23.38 -28.11 14.17
N ASP A 28 -24.71 -27.98 14.24
CA ASP A 28 -25.62 -29.04 13.79
C ASP A 28 -25.68 -29.03 12.25
N TYR A 29 -24.82 -29.86 11.65
CA TYR A 29 -24.71 -29.93 10.19
C TYR A 29 -25.96 -30.51 9.52
N LEU A 30 -26.81 -31.21 10.27
CA LEU A 30 -28.04 -31.74 9.70
C LEU A 30 -29.11 -30.67 9.51
N ILE A 31 -29.07 -29.61 10.31
CA ILE A 31 -30.16 -28.65 10.38
C ILE A 31 -29.83 -27.38 9.60
N SER A 32 -28.55 -27.02 9.54
CA SER A 32 -28.13 -25.73 9.00
C SER A 32 -28.03 -25.78 7.48
N SER A 33 -28.44 -24.69 6.83
CA SER A 33 -28.20 -24.50 5.40
C SER A 33 -27.16 -23.41 5.13
N LYS A 34 -26.39 -23.05 6.14
N LYS A 34 -26.40 -23.05 6.16
CA LYS A 34 -25.43 -21.95 6.02
CA LYS A 34 -25.43 -21.96 6.05
C LYS A 34 -24.01 -22.49 5.92
C LYS A 34 -24.02 -22.53 5.89
N ASN A 35 -23.23 -21.92 5.00
CA ASN A 35 -21.86 -22.37 4.76
C ASN A 35 -21.00 -22.25 6.01
N SER A 36 -21.36 -21.33 6.93
CA SER A 36 -20.52 -21.16 8.11
C SER A 36 -20.51 -22.40 8.98
N THR A 37 -21.58 -23.21 8.93
CA THR A 37 -21.58 -24.51 9.61
C THR A 37 -20.74 -25.53 8.85
N THR A 38 -20.87 -25.55 7.52
CA THR A 38 -20.04 -26.43 6.70
C THR A 38 -18.56 -26.16 6.93
N VAL A 39 -18.18 -24.88 7.05
CA VAL A 39 -16.78 -24.53 7.19
C VAL A 39 -16.17 -25.20 8.42
N VAL A 40 -16.93 -25.27 9.50
CA VAL A 40 -16.39 -25.80 10.76
C VAL A 40 -16.65 -27.29 10.95
N THR A 41 -17.43 -27.94 10.07
CA THR A 41 -17.75 -29.34 10.31
C THR A 41 -17.31 -30.31 9.22
N SER A 42 -17.19 -29.89 7.96
N SER A 42 -17.17 -29.87 7.97
CA SER A 42 -16.92 -30.85 6.89
CA SER A 42 -16.91 -30.81 6.87
C SER A 42 -15.63 -31.62 7.13
C SER A 42 -15.62 -31.60 7.10
N ASN A 43 -14.58 -30.94 7.62
CA ASN A 43 -13.30 -31.61 7.85
C ASN A 43 -13.39 -32.66 8.95
N GLY A 44 -14.42 -32.59 9.80
CA GLY A 44 -14.59 -33.60 10.85
C GLY A 44 -15.67 -34.64 10.65
N ILE A 45 -16.54 -34.48 9.65
CA ILE A 45 -17.69 -35.36 9.47
C ILE A 45 -17.74 -35.81 8.02
N ASP A 46 -17.58 -37.12 7.80
CA ASP A 46 -17.75 -37.75 6.49
C ASP A 46 -19.11 -38.42 6.39
N GLY A 47 -19.73 -38.28 5.24
CA GLY A 47 -20.87 -39.09 4.83
C GLY A 47 -20.45 -40.22 3.92
N LEU A 48 -21.40 -40.68 3.10
CA LEU A 48 -21.20 -41.91 2.33
C LEU A 48 -20.15 -41.76 1.24
N PHE A 49 -20.00 -40.54 0.70
CA PHE A 49 -19.07 -40.26 -0.40
C PHE A 49 -18.33 -38.96 -0.11
N THR A 50 -17.15 -38.82 -0.73
CA THR A 50 -16.49 -37.54 -0.89
C THR A 50 -16.29 -37.30 -2.38
N ASN A 51 -15.51 -36.27 -2.72
CA ASN A 51 -15.16 -35.99 -4.11
C ASN A 51 -13.65 -36.12 -4.25
N ASP A 52 -13.21 -36.81 -5.30
CA ASP A 52 -11.77 -36.84 -5.55
C ASP A 52 -11.35 -35.59 -6.30
N ASN A 53 -10.07 -35.52 -6.66
CA ASN A 53 -9.54 -34.30 -7.26
C ASN A 53 -9.98 -34.11 -8.71
N TYR A 54 -10.67 -35.08 -9.29
CA TYR A 54 -11.29 -34.93 -10.61
C TYR A 54 -12.78 -34.69 -10.54
N GLY A 55 -13.34 -34.61 -9.35
CA GLY A 55 -14.76 -34.40 -9.19
C GLY A 55 -15.60 -35.66 -9.16
N ASN A 56 -14.99 -36.84 -9.21
CA ASN A 56 -15.78 -38.06 -9.12
C ASN A 56 -16.21 -38.27 -7.68
N LEU A 57 -17.34 -38.96 -7.50
CA LEU A 57 -17.68 -39.43 -6.17
C LEU A 57 -16.66 -40.45 -5.73
N ALA A 58 -16.16 -40.32 -4.51
CA ALA A 58 -15.20 -41.27 -4.02
C ALA A 58 -15.79 -42.01 -2.83
N PRO A 59 -15.58 -43.32 -2.72
CA PRO A 59 -16.04 -44.04 -1.53
C PRO A 59 -15.52 -43.40 -0.24
N ALA A 60 -16.44 -43.16 0.70
CA ALA A 60 -16.08 -42.67 2.02
C ALA A 60 -16.60 -43.63 3.07
N VAL A 61 -17.63 -43.26 3.82
CA VAL A 61 -18.22 -44.21 4.75
C VAL A 61 -18.89 -45.36 3.99
N ALA A 62 -19.33 -45.13 2.75
CA ALA A 62 -19.79 -46.22 1.88
C ALA A 62 -18.62 -46.82 1.12
N GLU A 63 -18.36 -48.12 1.36
CA GLU A 63 -17.32 -48.83 0.65
C GLU A 63 -17.80 -49.37 -0.69
N ASP A 64 -19.11 -49.60 -0.82
CA ASP A 64 -19.71 -50.07 -2.06
C ASP A 64 -21.15 -49.60 -2.07
N TRP A 65 -21.77 -49.66 -3.24
CA TRP A 65 -23.17 -49.28 -3.33
C TRP A 65 -23.78 -49.97 -4.53
N GLU A 66 -25.11 -50.05 -4.52
CA GLU A 66 -25.83 -50.58 -5.65
C GLU A 66 -27.18 -49.87 -5.74
N VAL A 67 -27.79 -49.96 -6.92
CA VAL A 67 -29.10 -49.39 -7.15
C VAL A 67 -29.95 -50.41 -7.88
N SER A 68 -31.24 -50.42 -7.59
CA SER A 68 -32.16 -51.33 -8.26
C SER A 68 -32.36 -50.93 -9.72
N LYS A 69 -32.86 -51.89 -10.51
CA LYS A 69 -33.11 -51.65 -11.93
C LYS A 69 -34.10 -50.50 -12.13
N ASP A 70 -35.10 -50.39 -11.26
CA ASP A 70 -36.07 -49.32 -11.40
C ASP A 70 -35.58 -48.00 -10.82
N GLY A 71 -34.38 -47.96 -10.26
CA GLY A 71 -33.79 -46.73 -9.78
C GLY A 71 -34.36 -46.18 -8.50
N LEU A 72 -35.21 -46.94 -7.80
CA LEU A 72 -35.88 -46.44 -6.60
C LEU A 72 -35.18 -46.81 -5.29
N THR A 73 -34.36 -47.85 -5.27
CA THR A 73 -33.74 -48.34 -4.03
CA THR A 73 -33.74 -48.31 -4.02
C THR A 73 -32.23 -48.30 -4.14
N TYR A 74 -31.58 -47.51 -3.29
CA TYR A 74 -30.13 -47.43 -3.22
C TYR A 74 -29.65 -48.14 -1.95
N THR A 75 -28.63 -48.98 -2.08
CA THR A 75 -28.12 -49.73 -0.94
C THR A 75 -26.62 -49.51 -0.82
N TYR A 76 -26.15 -49.19 0.38
CA TYR A 76 -24.77 -48.83 0.64
C TYR A 76 -24.19 -49.81 1.64
N LYS A 77 -23.04 -50.38 1.31
CA LYS A 77 -22.28 -51.17 2.29
C LYS A 77 -21.40 -50.20 3.07
N ILE A 78 -21.62 -50.13 4.39
CA ILE A 78 -20.84 -49.26 5.26
C ILE A 78 -19.48 -49.89 5.50
N ARG A 79 -18.43 -49.12 5.28
CA ARG A 79 -17.07 -49.55 5.60
C ARG A 79 -16.95 -49.90 7.07
N LYS A 80 -16.31 -51.04 7.35
CA LYS A 80 -16.17 -51.51 8.72
C LYS A 80 -14.98 -50.85 9.40
N GLY A 81 -15.09 -50.66 10.72
CA GLY A 81 -14.01 -50.13 11.51
C GLY A 81 -13.82 -48.63 11.47
N VAL A 82 -14.82 -47.87 11.02
CA VAL A 82 -14.77 -46.41 11.01
C VAL A 82 -15.34 -45.92 12.33
N LYS A 83 -14.55 -45.15 13.08
CA LYS A 83 -14.89 -44.77 14.44
C LYS A 83 -15.30 -43.31 14.53
N TRP A 84 -16.21 -43.03 15.46
CA TRP A 84 -16.45 -41.70 15.97
C TRP A 84 -15.40 -41.37 17.02
N PHE A 85 -14.87 -40.14 16.98
CA PHE A 85 -13.90 -39.68 17.97
C PHE A 85 -14.33 -38.35 18.57
N THR A 86 -14.01 -38.17 19.85
CA THR A 86 -14.17 -36.88 20.50
C THR A 86 -13.15 -35.89 19.97
N SER A 87 -13.36 -34.61 20.29
CA SER A 87 -12.43 -33.57 19.85
CA SER A 87 -12.44 -33.55 19.90
C SER A 87 -11.01 -33.81 20.35
N ASP A 88 -10.84 -34.64 21.38
CA ASP A 88 -9.53 -34.98 21.93
C ASP A 88 -9.01 -36.33 21.46
N GLY A 89 -9.64 -36.93 20.46
CA GLY A 89 -9.16 -38.18 19.93
C GLY A 89 -9.51 -39.40 20.75
N GLU A 90 -10.52 -39.32 21.62
CA GLU A 90 -11.03 -40.50 22.31
C GLU A 90 -12.02 -41.23 21.42
N GLU A 91 -11.78 -42.52 21.21
CA GLU A 91 -12.75 -43.31 20.47
C GLU A 91 -14.05 -43.38 21.24
N TYR A 92 -15.17 -43.15 20.56
CA TYR A 92 -16.48 -43.13 21.18
C TYR A 92 -17.35 -44.31 20.76
N ALA A 93 -17.37 -44.64 19.47
CA ALA A 93 -18.27 -45.68 18.98
C ALA A 93 -17.92 -45.98 17.53
N GLU A 94 -18.43 -47.11 17.05
CA GLU A 94 -18.34 -47.46 15.64
C GLU A 94 -19.35 -46.67 14.82
N VAL A 95 -18.96 -46.25 13.62
CA VAL A 95 -19.91 -45.67 12.67
C VAL A 95 -20.67 -46.80 11.99
N THR A 96 -22.00 -46.76 12.04
CA THR A 96 -22.81 -47.83 11.48
C THR A 96 -24.00 -47.23 10.72
N ALA A 97 -24.72 -48.11 10.00
CA ALA A 97 -25.86 -47.67 9.21
C ALA A 97 -26.90 -46.93 10.06
N LYS A 98 -27.06 -47.34 11.32
CA LYS A 98 -28.01 -46.66 12.22
C LYS A 98 -27.73 -45.17 12.34
N ASP A 99 -26.47 -44.74 12.17
CA ASP A 99 -26.15 -43.32 12.32
C ASP A 99 -26.74 -42.50 11.17
N PHE A 100 -26.93 -43.10 10.01
CA PHE A 100 -27.59 -42.40 8.92
C PHE A 100 -29.10 -42.42 9.05
N VAL A 101 -29.67 -43.50 9.59
CA VAL A 101 -31.08 -43.47 9.97
C VAL A 101 -31.33 -42.34 10.96
N ASN A 102 -30.50 -42.28 12.01
CA ASN A 102 -30.68 -41.25 13.02
C ASN A 102 -30.44 -39.85 12.44
N GLY A 103 -29.44 -39.72 11.56
CA GLY A 103 -29.18 -38.42 10.94
C GLY A 103 -30.41 -37.85 10.26
N LEU A 104 -31.07 -38.65 9.42
CA LEU A 104 -32.23 -38.15 8.69
C LEU A 104 -33.42 -37.94 9.62
N LYS A 105 -33.56 -38.77 10.66
CA LYS A 105 -34.63 -38.55 11.62
C LYS A 105 -34.45 -37.23 12.35
N HIS A 106 -33.22 -36.96 12.79
CA HIS A 106 -32.90 -35.69 13.44
C HIS A 106 -33.17 -34.51 12.51
N ALA A 107 -32.77 -34.62 11.23
CA ALA A 107 -33.03 -33.57 10.26
C ALA A 107 -34.52 -33.29 10.13
N ALA A 108 -35.34 -34.34 10.22
CA ALA A 108 -36.80 -34.16 10.14
C ALA A 108 -37.35 -33.59 11.44
N ASP A 109 -37.01 -34.20 12.57
CA ASP A 109 -37.52 -33.78 13.87
C ASP A 109 -37.19 -32.32 14.15
N LYS A 110 -35.94 -31.93 13.90
CA LYS A 110 -35.47 -30.57 14.18
C LYS A 110 -35.65 -29.64 12.98
N LYS A 111 -36.35 -30.10 11.94
CA LYS A 111 -36.84 -29.29 10.82
C LYS A 111 -35.69 -28.56 10.12
N SER A 112 -34.87 -29.37 9.43
CA SER A 112 -33.66 -28.87 8.82
C SER A 112 -33.96 -27.80 7.78
N GLU A 113 -33.10 -26.79 7.72
CA GLU A 113 -33.21 -25.72 6.74
C GLU A 113 -33.01 -26.20 5.32
N ALA A 114 -32.40 -27.37 5.16
CA ALA A 114 -32.08 -27.93 3.86
C ALA A 114 -33.00 -29.09 3.49
N MET A 115 -34.17 -29.17 4.13
CA MET A 115 -35.05 -30.29 3.89
C MET A 115 -35.53 -30.38 2.43
N TYR A 116 -35.46 -29.29 1.67
CA TYR A 116 -35.97 -29.25 0.28
C TYR A 116 -35.35 -30.37 -0.56
N LEU A 117 -34.18 -30.82 -0.20
CA LEU A 117 -33.58 -31.82 -1.11
C LEU A 117 -33.81 -33.26 -0.68
N ALA A 118 -34.56 -33.47 0.40
CA ALA A 118 -34.85 -34.84 0.82
C ALA A 118 -36.36 -35.07 0.95
N GLU A 119 -37.12 -34.02 1.26
CA GLU A 119 -38.52 -34.23 1.63
C GLU A 119 -39.34 -34.85 0.50
N ASN A 120 -39.04 -34.53 -0.77
CA ASN A 120 -39.81 -35.09 -1.88
C ASN A 120 -39.12 -36.26 -2.54
N SER A 121 -37.93 -36.63 -2.08
CA SER A 121 -37.15 -37.72 -2.67
C SER A 121 -37.26 -39.02 -1.88
N VAL A 122 -36.96 -38.97 -0.57
CA VAL A 122 -37.03 -40.16 0.27
C VAL A 122 -38.48 -40.52 0.52
N LYS A 123 -38.83 -41.77 0.21
CA LYS A 123 -40.21 -42.26 0.37
CA LYS A 123 -40.21 -42.23 0.37
C LYS A 123 -40.66 -42.12 1.82
N GLY A 124 -41.86 -41.58 2.02
CA GLY A 124 -42.43 -41.45 3.34
C GLY A 124 -41.94 -40.28 4.15
N LEU A 125 -40.90 -39.58 3.71
CA LEU A 125 -40.34 -38.52 4.55
C LEU A 125 -41.28 -37.32 4.65
N ALA A 126 -41.94 -36.94 3.54
CA ALA A 126 -42.83 -35.79 3.56
C ALA A 126 -43.96 -35.99 4.58
N ASP A 127 -44.44 -37.23 4.73
CA ASP A 127 -45.51 -37.50 5.68
C ASP A 127 -45.00 -37.52 7.13
N TYR A 128 -43.77 -37.99 7.36
CA TYR A 128 -43.19 -37.88 8.69
C TYR A 128 -42.95 -36.41 9.04
N LEU A 129 -42.46 -35.62 8.08
CA LEU A 129 -42.16 -34.21 8.32
C LEU A 129 -43.38 -33.47 8.83
N SER A 130 -44.54 -33.69 8.23
CA SER A 130 -45.74 -32.95 8.55
C SER A 130 -46.45 -33.50 9.77
N GLY A 131 -46.09 -34.72 10.20
CA GLY A 131 -46.78 -35.40 11.27
C GLY A 131 -47.95 -36.28 10.86
N THR A 132 -48.19 -36.45 9.56
CA THR A 132 -49.25 -37.35 9.10
C THR A 132 -48.88 -38.81 9.38
N SER A 133 -47.60 -39.14 9.32
CA SER A 133 -47.09 -40.42 9.79
C SER A 133 -46.28 -40.17 11.04
N THR A 134 -46.46 -41.01 12.05
CA THR A 134 -45.87 -40.74 13.36
C THR A 134 -44.61 -41.54 13.64
N ASP A 135 -44.37 -42.62 12.89
CA ASP A 135 -43.25 -43.51 13.14
C ASP A 135 -42.22 -43.38 12.02
N PHE A 136 -40.97 -43.13 12.41
CA PHE A 136 -39.90 -43.00 11.41
C PHE A 136 -39.62 -44.30 10.69
N SER A 137 -40.09 -45.44 11.21
CA SER A 137 -39.90 -46.70 10.51
CA SER A 137 -39.93 -46.71 10.52
C SER A 137 -40.62 -46.72 9.16
N THR A 138 -41.58 -45.82 8.95
CA THR A 138 -42.26 -45.74 7.66
C THR A 138 -41.51 -44.90 6.64
N VAL A 139 -40.34 -44.33 7.01
CA VAL A 139 -39.57 -43.48 6.11
C VAL A 139 -38.51 -44.34 5.42
N GLY A 140 -38.26 -44.05 4.14
CA GLY A 140 -37.39 -44.87 3.31
C GLY A 140 -35.90 -44.74 3.56
N VAL A 141 -35.48 -44.84 4.81
CA VAL A 141 -34.06 -45.04 5.12
C VAL A 141 -33.98 -46.13 6.19
N LYS A 142 -33.20 -47.17 5.92
CA LYS A 142 -33.23 -48.35 6.77
C LYS A 142 -31.83 -48.86 7.01
N ALA A 143 -31.53 -49.14 8.28
CA ALA A 143 -30.34 -49.91 8.63
C ALA A 143 -30.72 -51.38 8.51
N VAL A 144 -30.50 -51.94 7.32
CA VAL A 144 -30.81 -53.35 7.10
C VAL A 144 -30.03 -54.22 8.07
N ASP A 145 -28.74 -53.94 8.21
CA ASP A 145 -27.96 -54.39 9.35
C ASP A 145 -26.93 -53.30 9.66
N ASP A 146 -25.98 -53.59 10.55
CA ASP A 146 -25.09 -52.52 11.03
C ASP A 146 -24.29 -51.91 9.88
N TYR A 147 -24.03 -52.65 8.81
CA TYR A 147 -23.19 -52.17 7.72
C TYR A 147 -23.92 -52.21 6.38
N THR A 148 -25.25 -52.14 6.39
CA THR A 148 -26.05 -52.15 5.16
C THR A 148 -27.13 -51.10 5.31
N LEU A 149 -27.02 -50.02 4.54
CA LEU A 149 -27.90 -48.87 4.62
C LEU A 149 -28.68 -48.77 3.32
N GLN A 150 -30.00 -48.65 3.40
CA GLN A 150 -30.85 -48.69 2.22
C GLN A 150 -31.76 -47.47 2.19
N TYR A 151 -31.74 -46.72 1.10
CA TYR A 151 -32.67 -45.62 0.86
C TYR A 151 -33.67 -46.01 -0.22
N THR A 152 -34.93 -45.63 -0.02
CA THR A 152 -35.99 -45.85 -1.00
C THR A 152 -36.56 -44.50 -1.39
N LEU A 153 -36.64 -44.25 -2.70
CA LEU A 153 -37.03 -42.95 -3.24
C LEU A 153 -38.41 -43.01 -3.89
N ASN A 154 -39.02 -41.83 -4.01
CA ASN A 154 -40.34 -41.68 -4.64
C ASN A 154 -40.28 -41.76 -6.16
N GLN A 155 -39.12 -41.43 -6.75
CA GLN A 155 -38.96 -41.47 -8.19
C GLN A 155 -37.49 -41.68 -8.46
N PRO A 156 -37.12 -42.15 -9.65
CA PRO A 156 -35.70 -42.23 -10.00
C PRO A 156 -35.05 -40.85 -9.94
N GLU A 157 -33.82 -40.81 -9.44
CA GLU A 157 -33.04 -39.58 -9.37
C GLU A 157 -31.60 -39.87 -9.78
N PRO A 158 -31.22 -39.59 -11.03
CA PRO A 158 -29.84 -39.81 -11.45
C PRO A 158 -28.83 -39.04 -10.64
N PHE A 159 -29.25 -37.98 -9.97
CA PHE A 159 -28.37 -37.12 -9.19
C PHE A 159 -28.42 -37.45 -7.71
N TRP A 160 -29.05 -38.56 -7.34
CA TRP A 160 -29.22 -38.90 -5.93
C TRP A 160 -27.88 -39.05 -5.22
N ASN A 161 -26.95 -39.82 -5.79
CA ASN A 161 -25.67 -40.00 -5.10
C ASN A 161 -24.94 -38.69 -4.87
N SER A 162 -25.11 -37.70 -5.78
CA SER A 162 -24.44 -36.41 -5.56
C SER A 162 -24.99 -35.70 -4.33
N LYS A 163 -26.25 -35.94 -3.97
CA LYS A 163 -26.77 -35.37 -2.73
C LYS A 163 -26.01 -35.87 -1.50
N LEU A 164 -25.36 -37.02 -1.60
CA LEU A 164 -24.78 -37.64 -0.42
C LEU A 164 -23.48 -36.99 0.02
N THR A 165 -22.94 -36.05 -0.76
CA THR A 165 -21.83 -35.24 -0.27
C THR A 165 -22.31 -33.95 0.41
N TYR A 166 -23.62 -33.77 0.57
CA TYR A 166 -24.17 -32.62 1.28
C TYR A 166 -24.55 -33.02 2.70
N SER A 167 -24.53 -32.02 3.62
CA SER A 167 -24.47 -32.33 5.06
C SER A 167 -25.77 -32.95 5.60
N ILE A 168 -26.93 -32.68 4.99
CA ILE A 168 -28.14 -33.28 5.53
C ILE A 168 -28.09 -34.81 5.49
N PHE A 169 -27.19 -35.39 4.70
CA PHE A 169 -27.07 -36.84 4.60
C PHE A 169 -25.85 -37.40 5.35
N TRP A 170 -25.25 -36.59 6.24
CA TRP A 170 -24.17 -37.05 7.09
C TRP A 170 -24.75 -37.82 8.28
N PRO A 171 -23.95 -38.70 8.88
CA PRO A 171 -24.45 -39.51 10.00
C PRO A 171 -24.33 -38.76 11.31
N LEU A 172 -25.06 -39.27 12.31
CA LEU A 172 -25.02 -38.72 13.67
C LEU A 172 -25.26 -39.86 14.65
N ASN A 173 -24.34 -40.05 15.59
CA ASN A 173 -24.49 -41.07 16.63
C ASN A 173 -25.58 -40.65 17.63
N GLU A 174 -26.63 -41.46 17.74
CA GLU A 174 -27.77 -41.07 18.57
C GLU A 174 -27.44 -41.08 20.05
N GLU A 175 -26.62 -42.05 20.49
CA GLU A 175 -26.22 -42.07 21.89
C GLU A 175 -25.55 -40.77 22.29
N PHE A 176 -24.61 -40.29 21.48
CA PHE A 176 -23.92 -39.04 21.78
C PHE A 176 -24.89 -37.87 21.76
N GLU A 177 -25.70 -37.78 20.70
CA GLU A 177 -26.68 -36.72 20.58
C GLU A 177 -27.54 -36.61 21.83
N THR A 178 -28.10 -37.74 22.27
CA THR A 178 -28.96 -37.78 23.45
C THR A 178 -28.20 -37.37 24.70
N SER A 179 -26.96 -37.86 24.85
CA SER A 179 -26.20 -37.57 26.06
C SER A 179 -25.88 -36.09 26.19
N LYS A 180 -25.80 -35.37 25.07
CA LYS A 180 -25.49 -33.94 25.14
C LYS A 180 -26.73 -33.09 25.39
N GLY A 181 -27.90 -33.60 25.02
CA GLY A 181 -29.14 -32.88 25.29
C GLY A 181 -29.12 -31.51 24.64
N SER A 182 -29.47 -30.49 25.42
CA SER A 182 -29.51 -29.13 24.91
C SER A 182 -28.12 -28.54 24.67
N ASP A 183 -27.06 -29.22 25.09
CA ASP A 183 -25.70 -28.78 24.83
C ASP A 183 -25.14 -29.31 23.51
N PHE A 184 -25.93 -30.08 22.75
CA PHE A 184 -25.45 -30.67 21.52
C PHE A 184 -25.17 -29.61 20.46
N ALA A 185 -24.01 -29.72 19.80
CA ALA A 185 -23.68 -28.92 18.61
C ALA A 185 -23.72 -27.42 18.90
N LYS A 186 -23.19 -27.01 20.07
CA LYS A 186 -23.16 -25.59 20.41
C LYS A 186 -21.97 -24.93 19.72
N PRO A 187 -22.15 -23.72 19.17
CA PRO A 187 -21.17 -23.20 18.22
C PRO A 187 -19.86 -22.69 18.80
N THR A 188 -19.64 -22.72 20.12
CA THR A 188 -18.32 -22.45 20.65
C THR A 188 -17.69 -23.66 21.34
N ASP A 189 -18.25 -24.85 21.16
CA ASP A 189 -17.88 -26.03 21.94
C ASP A 189 -17.60 -27.25 21.06
N PRO A 190 -16.34 -27.45 20.66
CA PRO A 190 -15.99 -28.63 19.84
C PRO A 190 -16.21 -29.96 20.55
N THR A 191 -16.41 -29.96 21.86
CA THR A 191 -16.71 -31.22 22.51
C THR A 191 -18.18 -31.61 22.36
N SER A 192 -18.99 -30.76 21.76
CA SER A 192 -20.42 -30.99 21.59
C SER A 192 -20.76 -31.70 20.27
N LEU A 193 -19.75 -32.10 19.51
CA LEU A 193 -19.90 -32.97 18.35
C LEU A 193 -18.90 -34.12 18.48
N LEU A 194 -19.14 -35.19 17.71
CA LEU A 194 -18.17 -36.24 17.47
C LEU A 194 -17.74 -36.23 16.01
N TYR A 195 -16.56 -36.81 15.74
CA TYR A 195 -15.91 -36.66 14.44
C TYR A 195 -15.54 -38.03 13.88
N ASN A 196 -15.86 -38.26 12.61
CA ASN A 196 -15.48 -39.49 11.93
C ASN A 196 -14.60 -39.24 10.72
N GLY A 197 -14.21 -37.99 10.48
CA GLY A 197 -13.56 -37.60 9.24
C GLY A 197 -12.05 -37.47 9.35
N PRO A 198 -11.45 -36.80 8.37
CA PRO A 198 -9.99 -36.71 8.32
C PRO A 198 -9.40 -35.86 9.43
N PHE A 199 -10.16 -34.94 10.00
CA PHE A 199 -9.68 -34.08 11.07
C PHE A 199 -10.66 -34.11 12.24
N LEU A 200 -10.16 -33.71 13.40
CA LEU A 200 -10.98 -33.45 14.57
C LEU A 200 -11.09 -31.95 14.77
N LEU A 201 -12.31 -31.46 14.99
CA LEU A 201 -12.48 -30.07 15.36
C LEU A 201 -12.01 -29.87 16.80
N LYS A 202 -10.98 -29.04 16.99
CA LYS A 202 -10.31 -28.92 18.28
C LYS A 202 -10.57 -27.61 19.00
N GLY A 203 -10.85 -26.53 18.27
CA GLY A 203 -11.05 -25.23 18.88
C GLY A 203 -12.03 -24.33 18.13
N LEU A 204 -12.84 -23.59 18.88
CA LEU A 204 -13.73 -22.59 18.32
C LEU A 204 -13.73 -21.39 19.24
N THR A 205 -13.26 -20.25 18.74
CA THR A 205 -13.25 -19.03 19.54
C THR A 205 -13.89 -17.93 18.71
N ALA A 206 -14.95 -17.35 19.25
CA ALA A 206 -15.75 -16.37 18.51
C ALA A 206 -14.88 -15.22 18.02
N LYS A 207 -15.11 -14.82 16.78
CA LYS A 207 -14.41 -13.70 16.17
C LYS A 207 -12.90 -13.87 16.29
N SER A 208 -12.42 -15.11 16.25
CA SER A 208 -10.99 -15.34 16.41
C SER A 208 -10.48 -16.52 15.59
N SER A 209 -10.94 -17.75 15.87
CA SER A 209 -10.29 -18.87 15.22
C SER A 209 -11.16 -20.13 15.19
N VAL A 210 -10.91 -20.94 14.17
CA VAL A 210 -11.42 -22.30 14.02
C VAL A 210 -10.21 -23.19 13.82
N GLU A 211 -10.12 -24.28 14.60
CA GLU A 211 -8.90 -25.08 14.70
C GLU A 211 -9.22 -26.57 14.54
N PHE A 212 -8.42 -27.26 13.71
CA PHE A 212 -8.50 -28.71 13.54
C PHE A 212 -7.13 -29.35 13.72
N VAL A 213 -7.13 -30.61 14.15
CA VAL A 213 -5.94 -31.46 14.09
C VAL A 213 -6.27 -32.70 13.27
N LYS A 214 -5.23 -33.30 12.70
CA LYS A 214 -5.38 -34.53 11.94
C LYS A 214 -5.92 -35.65 12.82
N ASN A 215 -6.89 -36.40 12.29
CA ASN A 215 -7.39 -37.61 12.93
C ASN A 215 -6.42 -38.73 12.61
N GLU A 216 -5.55 -39.05 13.56
CA GLU A 216 -4.49 -40.03 13.32
C GLU A 216 -4.99 -41.46 13.33
N GLN A 217 -6.28 -41.69 13.57
CA GLN A 217 -6.86 -43.02 13.46
C GLN A 217 -7.86 -43.12 12.32
N TYR A 218 -7.87 -42.13 11.43
CA TYR A 218 -8.77 -42.11 10.29
C TYR A 218 -8.42 -43.23 9.32
N TRP A 219 -9.44 -43.92 8.82
CA TRP A 219 -9.21 -45.06 7.93
C TRP A 219 -8.48 -44.66 6.65
N ASP A 220 -8.66 -43.42 6.19
CA ASP A 220 -8.06 -42.94 4.96
C ASP A 220 -6.97 -41.90 5.22
N LYS A 221 -6.28 -42.01 6.37
CA LYS A 221 -5.29 -41.00 6.73
C LYS A 221 -4.13 -40.96 5.74
N GLU A 222 -3.95 -42.01 4.96
CA GLU A 222 -2.95 -42.01 3.90
C GLU A 222 -3.19 -40.89 2.89
N ASN A 223 -4.44 -40.42 2.76
CA ASN A 223 -4.81 -39.37 1.84
C ASN A 223 -4.99 -38.03 2.52
N VAL A 224 -4.46 -37.88 3.73
CA VAL A 224 -4.56 -36.65 4.51
C VAL A 224 -3.13 -36.16 4.71
N HIS A 225 -2.82 -34.99 4.15
CA HIS A 225 -1.44 -34.51 4.10
C HIS A 225 -1.25 -33.19 4.83
N LEU A 226 -2.15 -32.89 5.77
CA LEU A 226 -2.04 -31.75 6.65
C LEU A 226 -2.10 -32.25 8.09
N ASP A 227 -1.23 -31.70 8.94
CA ASP A 227 -1.23 -32.09 10.34
C ASP A 227 -2.21 -31.27 11.16
N THR A 228 -2.41 -30.01 10.79
CA THR A 228 -3.25 -29.06 11.51
C THR A 228 -3.91 -28.11 10.52
N ILE A 229 -5.05 -27.57 10.95
CA ILE A 229 -5.76 -26.54 10.19
C ILE A 229 -6.11 -25.43 11.18
N ASN A 230 -5.82 -24.20 10.78
CA ASN A 230 -6.17 -23.03 11.58
C ASN A 230 -6.80 -22.01 10.66
N LEU A 231 -8.02 -21.57 11.00
CA LEU A 231 -8.72 -20.52 10.26
C LEU A 231 -8.87 -19.32 11.18
N ALA A 232 -8.27 -18.19 10.78
CA ALA A 232 -8.37 -16.95 11.56
C ALA A 232 -9.56 -16.14 11.09
N TYR A 233 -10.22 -15.45 12.02
CA TYR A 233 -11.40 -14.68 11.69
C TYR A 233 -11.03 -13.48 10.81
N TYR A 234 -11.76 -13.29 9.73
CA TYR A 234 -11.48 -12.22 8.77
C TYR A 234 -12.80 -11.54 8.46
N ASP A 235 -12.92 -10.26 8.82
CA ASP A 235 -14.16 -9.53 8.63
C ASP A 235 -14.11 -8.54 7.48
N GLY A 236 -13.01 -8.53 6.71
CA GLY A 236 -12.88 -7.65 5.57
C GLY A 236 -12.39 -6.25 5.86
N SER A 237 -12.08 -5.91 7.11
CA SER A 237 -11.62 -4.56 7.39
C SER A 237 -10.17 -4.34 6.97
N ASP A 238 -9.40 -5.42 6.78
CA ASP A 238 -7.99 -5.35 6.48
C ASP A 238 -7.70 -6.36 5.36
N GLN A 239 -8.17 -6.05 4.14
CA GLN A 239 -8.05 -7.01 3.06
C GLN A 239 -6.60 -7.30 2.67
N GLU A 240 -5.68 -6.38 2.99
CA GLU A 240 -4.25 -6.62 2.80
C GLU A 240 -3.71 -7.70 3.73
N SER A 241 -4.47 -8.08 4.78
CA SER A 241 -3.97 -9.07 5.72
CA SER A 241 -3.96 -9.08 5.71
C SER A 241 -3.81 -10.44 5.06
N LEU A 242 -4.56 -10.73 4.01
CA LEU A 242 -4.45 -12.05 3.39
C LEU A 242 -3.08 -12.25 2.78
N GLU A 243 -2.64 -11.33 1.91
CA GLU A 243 -1.30 -11.46 1.36
C GLU A 243 -0.23 -11.26 2.42
N ARG A 244 -0.48 -10.38 3.40
CA ARG A 244 0.56 -10.10 4.39
C ARG A 244 0.86 -11.35 5.19
N ASN A 245 -0.19 -12.09 5.56
CA ASN A 245 0.02 -13.32 6.32
C ASN A 245 0.47 -14.47 5.44
N PHE A 246 0.10 -14.49 4.15
CA PHE A 246 0.71 -15.45 3.24
C PHE A 246 2.23 -15.27 3.22
N THR A 247 2.68 -14.03 2.96
CA THR A 247 4.11 -13.76 2.81
C THR A 247 4.89 -14.05 4.08
N SER A 248 4.26 -13.85 5.24
CA SER A 248 4.95 -14.20 6.48
C SER A 248 5.05 -15.71 6.67
N GLY A 249 4.33 -16.50 5.88
CA GLY A 249 4.26 -17.93 6.05
C GLY A 249 3.10 -18.40 6.89
N ALA A 250 2.34 -17.50 7.50
CA ALA A 250 1.20 -17.91 8.32
C ALA A 250 0.11 -18.58 7.47
N TYR A 251 -0.24 -17.97 6.33
CA TYR A 251 -1.31 -18.53 5.51
C TYR A 251 -0.73 -19.36 4.38
N SER A 252 -1.46 -20.43 4.00
CA SER A 252 -1.10 -21.34 2.91
C SER A 252 -1.59 -20.84 1.54
N TYR A 253 -2.38 -19.79 1.54
CA TYR A 253 -3.14 -19.35 0.38
C TYR A 253 -3.50 -17.89 0.65
N ALA A 254 -3.70 -17.12 -0.42
CA ALA A 254 -4.18 -15.73 -0.26
C ALA A 254 -4.97 -15.32 -1.50
N ARG A 255 -6.24 -14.95 -1.31
CA ARG A 255 -6.97 -14.27 -2.36
C ARG A 255 -6.54 -12.81 -2.40
N LEU A 256 -6.24 -12.30 -3.60
CA LEU A 256 -5.71 -10.96 -3.74
C LEU A 256 -6.81 -10.01 -4.20
N TYR A 257 -6.67 -8.74 -3.80
CA TYR A 257 -7.60 -7.67 -4.18
C TYR A 257 -6.82 -6.59 -4.93
N PRO A 258 -6.93 -6.55 -6.26
CA PRO A 258 -6.16 -5.57 -7.04
C PRO A 258 -6.49 -4.11 -6.73
N THR A 259 -7.52 -3.82 -5.95
CA THR A 259 -7.80 -2.44 -5.55
C THR A 259 -7.13 -2.07 -4.23
N SER A 260 -6.45 -3.01 -3.58
CA SER A 260 -5.69 -2.72 -2.37
C SER A 260 -4.61 -1.69 -2.67
N SER A 261 -4.40 -0.76 -1.74
CA SER A 261 -3.47 0.33 -2.00
C SER A 261 -2.03 -0.15 -2.19
N ASN A 262 -1.66 -1.33 -1.68
CA ASN A 262 -0.30 -1.83 -1.85
C ASN A 262 -0.18 -2.85 -2.98
N TYR A 263 -1.20 -2.96 -3.83
CA TYR A 263 -1.24 -4.09 -4.77
C TYR A 263 -0.13 -4.03 -5.80
N SER A 264 0.30 -2.85 -6.22
CA SER A 264 1.38 -2.79 -7.24
C SER A 264 2.64 -3.49 -6.73
N LYS A 265 2.93 -3.26 -5.46
CA LYS A 265 4.11 -3.88 -4.83
C LYS A 265 3.90 -5.40 -4.82
N VAL A 266 2.71 -5.85 -4.47
CA VAL A 266 2.45 -7.31 -4.42
C VAL A 266 2.54 -7.90 -5.82
N ALA A 267 1.96 -7.20 -6.79
CA ALA A 267 1.94 -7.74 -8.14
C ALA A 267 3.35 -7.88 -8.71
N GLU A 268 4.21 -6.89 -8.49
CA GLU A 268 5.59 -7.00 -8.94
C GLU A 268 6.34 -8.08 -8.19
N GLU A 269 6.19 -8.10 -6.85
CA GLU A 269 6.85 -9.09 -6.01
C GLU A 269 6.51 -10.51 -6.45
N TYR A 270 5.24 -10.76 -6.77
CA TYR A 270 4.75 -12.09 -7.11
C TYR A 270 4.33 -12.20 -8.57
N LYS A 271 5.01 -11.44 -9.44
CA LYS A 271 4.64 -11.43 -10.86
C LYS A 271 4.59 -12.83 -11.44
N ASP A 272 5.49 -13.70 -11.02
CA ASP A 272 5.57 -15.06 -11.53
C ASP A 272 4.64 -16.03 -10.79
N ASN A 273 3.88 -15.54 -9.80
CA ASN A 273 3.09 -16.42 -8.95
C ASN A 273 1.60 -16.15 -8.97
N ILE A 274 1.16 -14.93 -9.30
CA ILE A 274 -0.28 -14.65 -9.29
C ILE A 274 -0.95 -15.42 -10.42
N TYR A 275 -1.98 -16.19 -10.08
CA TYR A 275 -2.76 -16.87 -11.11
C TYR A 275 -4.24 -16.72 -10.79
N TYR A 276 -5.07 -16.92 -11.81
CA TYR A 276 -6.52 -16.76 -11.70
C TYR A 276 -7.19 -18.13 -11.64
N THR A 277 -8.14 -18.27 -10.72
CA THR A 277 -8.92 -19.48 -10.57
C THR A 277 -10.16 -19.40 -11.46
N GLN A 278 -10.73 -20.56 -11.76
CA GLN A 278 -11.96 -20.62 -12.52
C GLN A 278 -13.13 -20.09 -11.68
N SER A 279 -14.15 -19.56 -12.36
CA SER A 279 -15.33 -19.09 -11.65
C SER A 279 -16.03 -20.27 -10.96
N GLY A 280 -16.53 -20.03 -9.75
CA GLY A 280 -17.21 -21.07 -8.99
C GLY A 280 -18.66 -21.20 -9.43
N SER A 281 -19.36 -22.18 -8.84
CA SER A 281 -20.71 -22.51 -9.26
C SER A 281 -21.79 -21.71 -8.53
N GLY A 282 -21.47 -21.05 -7.40
CA GLY A 282 -22.45 -20.28 -6.69
C GLY A 282 -22.70 -18.91 -7.31
N ILE A 283 -23.88 -18.34 -7.03
CA ILE A 283 -24.34 -17.10 -7.64
C ILE A 283 -24.32 -16.00 -6.59
N ALA A 284 -23.63 -14.89 -6.92
CA ALA A 284 -23.69 -13.65 -6.17
C ALA A 284 -24.52 -12.62 -6.95
N GLY A 285 -25.36 -11.88 -6.26
CA GLY A 285 -26.15 -10.86 -6.93
C GLY A 285 -27.00 -10.14 -5.92
N LEU A 286 -28.05 -9.46 -6.39
CA LEU A 286 -28.83 -8.62 -5.51
C LEU A 286 -30.27 -9.13 -5.49
N GLY A 287 -30.74 -9.47 -4.29
CA GLY A 287 -32.12 -9.84 -4.13
C GLY A 287 -33.00 -8.62 -3.93
N VAL A 288 -34.25 -8.76 -4.37
CA VAL A 288 -35.25 -7.71 -4.30
C VAL A 288 -36.26 -8.13 -3.23
N ASN A 289 -36.46 -7.28 -2.23
CA ASN A 289 -37.43 -7.55 -1.18
C ASN A 289 -38.80 -7.15 -1.70
N ILE A 290 -39.65 -8.14 -2.02
CA ILE A 290 -40.95 -7.82 -2.57
C ILE A 290 -42.02 -7.63 -1.51
N ASP A 291 -41.68 -7.74 -0.23
CA ASP A 291 -42.70 -7.72 0.83
C ASP A 291 -42.12 -7.16 2.13
N ARG A 292 -41.41 -6.03 2.05
CA ARG A 292 -40.67 -5.55 3.21
C ARG A 292 -41.58 -5.23 4.39
N GLN A 293 -41.16 -5.62 5.59
CA GLN A 293 -41.95 -5.50 6.81
C GLN A 293 -41.38 -4.53 7.83
N SER A 294 -40.06 -4.50 7.99
CA SER A 294 -39.42 -3.73 9.04
CA SER A 294 -39.42 -3.73 9.04
C SER A 294 -38.53 -2.65 8.44
N TYR A 295 -38.45 -1.51 9.13
CA TYR A 295 -37.72 -0.34 8.67
C TYR A 295 -36.79 0.20 9.74
N ASN A 296 -36.07 -0.70 10.42
CA ASN A 296 -35.10 -0.24 11.39
C ASN A 296 -33.87 0.35 10.73
N TYR A 297 -33.62 0.00 9.47
CA TYR A 297 -32.48 0.52 8.71
C TYR A 297 -33.00 1.17 7.42
N THR A 298 -33.37 2.44 7.52
CA THR A 298 -33.88 3.12 6.33
C THR A 298 -33.52 4.60 6.37
N SER A 299 -33.35 5.17 5.18
CA SER A 299 -33.25 6.61 4.99
C SER A 299 -34.60 7.26 4.72
N LYS A 300 -35.64 6.45 4.49
CA LYS A 300 -36.97 6.99 4.27
C LYS A 300 -37.55 7.50 5.58
N THR A 301 -38.28 8.62 5.50
CA THR A 301 -38.79 9.31 6.67
C THR A 301 -40.31 9.42 6.69
N THR A 302 -41.01 9.08 5.60
CA THR A 302 -42.44 9.17 5.54
C THR A 302 -43.03 7.83 5.11
N ASP A 303 -44.31 7.64 5.40
CA ASP A 303 -44.98 6.44 4.92
C ASP A 303 -45.15 6.48 3.40
N SER A 304 -45.33 7.67 2.83
CA SER A 304 -45.48 7.78 1.38
C SER A 304 -44.25 7.23 0.65
N GLU A 305 -43.05 7.49 1.19
CA GLU A 305 -41.85 6.94 0.58
C GLU A 305 -41.83 5.42 0.67
N LYS A 306 -42.29 4.87 1.80
CA LYS A 306 -42.25 3.42 1.98
C LYS A 306 -43.26 2.73 1.07
N VAL A 307 -44.44 3.32 0.88
CA VAL A 307 -45.41 2.75 -0.05
C VAL A 307 -44.87 2.81 -1.47
N ALA A 308 -44.27 3.96 -1.84
CA ALA A 308 -43.71 4.12 -3.17
C ALA A 308 -42.68 3.05 -3.48
N THR A 309 -41.76 2.81 -2.55
CA THR A 309 -40.75 1.77 -2.77
C THR A 309 -41.39 0.40 -2.87
N LYS A 310 -42.39 0.13 -2.03
CA LYS A 310 -43.03 -1.18 -2.07
C LYS A 310 -43.75 -1.41 -3.39
N LYS A 311 -44.46 -0.40 -3.91
CA LYS A 311 -45.11 -0.56 -5.21
C LYS A 311 -44.08 -0.68 -6.33
N ALA A 312 -42.98 0.08 -6.24
CA ALA A 312 -41.97 0.03 -7.29
C ALA A 312 -41.35 -1.36 -7.42
N LEU A 313 -41.08 -2.00 -6.28
CA LEU A 313 -40.42 -3.32 -6.31
C LEU A 313 -41.35 -4.42 -6.80
N LEU A 314 -42.67 -4.23 -6.76
CA LEU A 314 -43.58 -5.19 -7.35
C LEU A 314 -43.76 -4.99 -8.85
N ASN A 315 -43.20 -3.92 -9.40
CA ASN A 315 -43.33 -3.61 -10.82
C ASN A 315 -42.15 -4.23 -11.55
N LYS A 316 -42.45 -5.12 -12.50
CA LYS A 316 -41.38 -5.86 -13.16
C LYS A 316 -40.50 -4.93 -13.98
N ASP A 317 -41.09 -3.96 -14.66
CA ASP A 317 -40.30 -3.03 -15.46
C ASP A 317 -39.33 -2.24 -14.60
N PHE A 318 -39.73 -1.89 -13.38
CA PHE A 318 -38.82 -1.23 -12.46
C PHE A 318 -37.66 -2.16 -12.11
N ARG A 319 -37.97 -3.42 -11.81
CA ARG A 319 -36.91 -4.37 -11.47
C ARG A 319 -35.99 -4.60 -12.65
N GLN A 320 -36.56 -4.71 -13.86
CA GLN A 320 -35.71 -4.87 -15.04
C GLN A 320 -34.83 -3.65 -15.26
N ALA A 321 -35.36 -2.45 -14.95
CA ALA A 321 -34.54 -1.26 -15.08
C ALA A 321 -33.31 -1.34 -14.18
N LEU A 322 -33.47 -1.80 -12.93
CA LEU A 322 -32.30 -2.00 -12.07
C LEU A 322 -31.36 -3.04 -12.65
N ASN A 323 -31.92 -4.15 -13.15
CA ASN A 323 -31.13 -5.25 -13.69
C ASN A 323 -30.29 -4.79 -14.87
N PHE A 324 -30.91 -4.04 -15.78
CA PHE A 324 -30.18 -3.57 -16.95
C PHE A 324 -29.25 -2.42 -16.64
N ALA A 325 -29.49 -1.69 -15.54
CA ALA A 325 -28.62 -0.57 -15.22
C ALA A 325 -27.32 -1.02 -14.56
N LEU A 326 -27.30 -2.20 -13.93
CA LEU A 326 -26.10 -2.62 -13.20
C LEU A 326 -24.96 -2.92 -14.16
N ASP A 327 -23.87 -2.18 -14.03
CA ASP A 327 -22.63 -2.44 -14.77
C ASP A 327 -21.88 -3.50 -13.97
N ARG A 328 -21.96 -4.76 -14.40
CA ARG A 328 -21.39 -5.86 -13.62
C ARG A 328 -19.87 -5.85 -13.66
N SER A 329 -19.28 -5.40 -14.76
CA SER A 329 -17.82 -5.27 -14.81
C SER A 329 -17.32 -4.28 -13.77
N ALA A 330 -17.99 -3.13 -13.63
CA ALA A 330 -17.61 -2.16 -12.62
C ALA A 330 -17.82 -2.70 -11.21
N TYR A 331 -18.91 -3.43 -11.01
CA TYR A 331 -19.18 -4.06 -9.73
C TYR A 331 -18.08 -5.05 -9.38
N SER A 332 -17.82 -6.01 -10.26
CA SER A 332 -16.74 -6.99 -10.08
C SER A 332 -15.39 -6.32 -9.87
N ALA A 333 -15.15 -5.20 -10.54
CA ALA A 333 -13.83 -4.56 -10.44
C ALA A 333 -13.56 -3.97 -9.07
N GLN A 334 -14.57 -3.83 -8.22
CA GLN A 334 -14.36 -3.31 -6.87
C GLN A 334 -13.63 -4.31 -5.98
N ILE A 335 -13.63 -5.58 -6.35
CA ILE A 335 -12.80 -6.57 -5.66
C ILE A 335 -11.73 -7.15 -6.58
N ASN A 336 -11.89 -7.05 -7.90
CA ASN A 336 -10.97 -7.71 -8.83
C ASN A 336 -10.14 -6.74 -9.65
N GLY A 337 -10.36 -5.44 -9.53
CA GLY A 337 -9.69 -4.50 -10.41
C GLY A 337 -10.27 -4.51 -11.80
N LYS A 338 -9.95 -3.47 -12.60
CA LYS A 338 -10.60 -3.34 -13.89
C LYS A 338 -10.18 -4.43 -14.86
N ASP A 339 -8.92 -4.88 -14.79
CA ASP A 339 -8.38 -5.78 -15.81
C ASP A 339 -9.04 -7.15 -15.78
N GLY A 340 -9.16 -7.73 -14.60
CA GLY A 340 -9.76 -9.04 -14.45
C GLY A 340 -11.22 -9.06 -14.10
N ALA A 341 -11.90 -7.91 -14.12
CA ALA A 341 -13.27 -7.83 -13.63
C ALA A 341 -14.22 -8.72 -14.43
N ALA A 342 -14.04 -8.79 -15.75
CA ALA A 342 -15.01 -9.49 -16.59
C ALA A 342 -15.07 -10.98 -16.26
N LEU A 343 -13.94 -11.57 -15.86
CA LEU A 343 -13.87 -13.01 -15.62
C LEU A 343 -14.98 -13.49 -14.71
N ALA A 344 -15.31 -12.72 -13.66
CA ALA A 344 -16.25 -13.13 -12.64
C ALA A 344 -17.70 -12.82 -12.97
N VAL A 345 -17.98 -12.08 -14.04
CA VAL A 345 -19.36 -11.68 -14.32
C VAL A 345 -20.23 -12.90 -14.63
N ARG A 346 -21.46 -12.89 -14.10
CA ARG A 346 -22.43 -13.96 -14.35
C ARG A 346 -23.79 -13.34 -14.61
N ASN A 347 -24.48 -13.88 -15.61
CA ASN A 347 -25.78 -13.32 -16.08
C ASN A 347 -27.00 -14.21 -15.78
N LEU A 348 -26.80 -15.31 -15.07
CA LEU A 348 -27.89 -16.25 -14.79
C LEU A 348 -27.75 -16.79 -13.35
N PHE A 349 -28.87 -17.05 -12.69
CA PHE A 349 -28.84 -17.64 -11.34
C PHE A 349 -28.09 -18.99 -11.43
N VAL A 350 -28.55 -19.87 -12.31
CA VAL A 350 -27.87 -21.13 -12.58
C VAL A 350 -26.64 -20.84 -13.44
N LYS A 351 -25.47 -21.37 -13.04
CA LYS A 351 -24.27 -21.25 -13.86
C LYS A 351 -24.55 -21.79 -15.26
N PRO A 352 -24.21 -21.04 -16.34
CA PRO A 352 -24.72 -21.42 -17.67
C PRO A 352 -24.32 -22.81 -18.14
N ASP A 353 -23.14 -23.33 -17.76
CA ASP A 353 -22.78 -24.67 -18.17
C ASP A 353 -22.94 -25.69 -17.06
N PHE A 354 -23.75 -25.37 -16.04
CA PHE A 354 -23.96 -26.28 -14.91
C PHE A 354 -24.38 -27.67 -15.38
N VAL A 355 -25.29 -27.72 -16.35
CA VAL A 355 -25.65 -28.92 -17.08
C VAL A 355 -25.71 -28.58 -18.56
N SER A 356 -25.75 -29.63 -19.39
CA SER A 356 -25.91 -29.50 -20.82
C SER A 356 -26.91 -30.54 -21.29
N ALA A 357 -27.62 -30.20 -22.35
CA ALA A 357 -28.48 -31.15 -23.05
C ALA A 357 -27.86 -31.33 -24.43
N GLY A 358 -27.21 -32.47 -24.63
CA GLY A 358 -26.42 -32.66 -25.84
C GLY A 358 -25.37 -31.57 -25.95
N GLU A 359 -25.40 -30.85 -27.07
CA GLU A 359 -24.43 -29.81 -27.35
C GLU A 359 -24.83 -28.45 -26.79
N LYS A 360 -26.04 -28.31 -26.27
CA LYS A 360 -26.51 -27.01 -25.78
C LYS A 360 -26.35 -26.94 -24.26
N THR A 361 -25.68 -25.89 -23.81
CA THR A 361 -25.57 -25.62 -22.38
C THR A 361 -26.94 -25.25 -21.81
N PHE A 362 -27.06 -25.31 -20.48
CA PHE A 362 -28.26 -24.77 -19.84
C PHE A 362 -28.50 -23.32 -20.27
N GLY A 363 -27.43 -22.52 -20.38
CA GLY A 363 -27.58 -21.15 -20.83
C GLY A 363 -28.12 -21.06 -22.24
N ASP A 364 -27.71 -21.98 -23.11
CA ASP A 364 -28.23 -22.04 -24.46
C ASP A 364 -29.73 -22.29 -24.46
N LEU A 365 -30.20 -23.19 -23.60
CA LEU A 365 -31.61 -23.52 -23.52
C LEU A 365 -32.43 -22.35 -22.99
N VAL A 366 -31.90 -21.65 -21.98
CA VAL A 366 -32.58 -20.45 -21.47
C VAL A 366 -32.68 -19.40 -22.57
N ALA A 367 -31.58 -19.18 -23.30
CA ALA A 367 -31.58 -18.13 -24.32
C ALA A 367 -32.55 -18.43 -25.46
N ALA A 368 -32.83 -19.71 -25.73
CA ALA A 368 -33.79 -20.02 -26.78
C ALA A 368 -35.22 -19.67 -26.37
N GLN A 369 -35.52 -19.71 -25.07
CA GLN A 369 -36.87 -19.51 -24.58
C GLN A 369 -37.14 -18.10 -24.11
N LEU A 370 -36.11 -17.39 -23.66
CA LEU A 370 -36.29 -16.04 -23.14
C LEU A 370 -36.97 -15.06 -24.09
N PRO A 371 -36.70 -15.07 -25.41
CA PRO A 371 -37.31 -14.04 -26.27
C PRO A 371 -38.84 -14.06 -26.32
N ALA A 372 -39.50 -15.13 -25.86
CA ALA A 372 -40.96 -15.05 -25.80
C ALA A 372 -41.40 -13.92 -24.87
N TYR A 373 -40.61 -13.66 -23.82
CA TYR A 373 -40.96 -12.62 -22.86
C TYR A 373 -40.78 -11.22 -23.43
N GLY A 374 -40.02 -11.07 -24.51
CA GLY A 374 -39.80 -9.74 -25.07
C GLY A 374 -38.62 -9.68 -26.01
N ASP A 375 -38.75 -8.85 -27.05
CA ASP A 375 -37.67 -8.68 -28.04
C ASP A 375 -36.38 -8.18 -27.40
N GLU A 376 -36.46 -7.53 -26.25
CA GLU A 376 -35.24 -7.06 -25.59
C GLU A 376 -34.32 -8.21 -25.21
N TRP A 377 -34.85 -9.43 -25.09
CA TRP A 377 -34.00 -10.57 -24.79
C TRP A 377 -33.38 -11.19 -26.04
N LYS A 378 -33.79 -10.76 -27.24
CA LYS A 378 -33.27 -11.35 -28.46
C LYS A 378 -31.77 -11.08 -28.60
N GLY A 379 -31.02 -12.14 -28.86
CA GLY A 379 -29.58 -12.02 -28.94
C GLY A 379 -28.85 -11.86 -27.61
N VAL A 380 -29.55 -12.06 -26.49
CA VAL A 380 -28.92 -11.98 -25.17
C VAL A 380 -27.80 -13.00 -25.07
N ASN A 381 -26.64 -12.54 -24.60
CA ASN A 381 -25.51 -13.44 -24.30
C ASN A 381 -25.51 -13.68 -22.80
N LEU A 382 -25.84 -14.91 -22.40
CA LEU A 382 -25.89 -15.28 -20.99
C LEU A 382 -24.61 -15.95 -20.50
N ALA A 383 -23.58 -16.02 -21.33
CA ALA A 383 -22.34 -16.70 -20.95
C ALA A 383 -21.61 -15.96 -19.84
N ASP A 384 -20.93 -16.73 -18.98
CA ASP A 384 -20.03 -16.15 -17.98
C ASP A 384 -18.91 -15.37 -18.65
N GLY A 385 -18.29 -14.47 -17.89
CA GLY A 385 -17.10 -13.79 -18.35
C GLY A 385 -17.35 -12.55 -19.17
N GLN A 386 -18.60 -12.11 -19.28
CA GLN A 386 -18.96 -10.93 -20.04
C GLN A 386 -20.30 -10.48 -19.50
N ASP A 387 -20.57 -9.18 -19.61
CA ASP A 387 -21.82 -8.64 -19.09
C ASP A 387 -22.82 -8.62 -20.22
N GLY A 388 -23.75 -9.57 -20.21
CA GLY A 388 -24.75 -9.66 -21.27
C GLY A 388 -26.00 -8.87 -20.95
N LEU A 389 -26.17 -8.49 -19.68
CA LEU A 389 -27.39 -7.81 -19.24
C LEU A 389 -27.29 -6.30 -19.17
N PHE A 390 -26.10 -5.74 -18.93
CA PHE A 390 -25.97 -4.29 -18.79
C PHE A 390 -26.31 -3.61 -20.11
N ASN A 391 -27.29 -2.69 -20.07
CA ASN A 391 -27.68 -1.95 -21.27
C ASN A 391 -28.40 -0.70 -20.79
N ALA A 392 -27.73 0.44 -20.91
CA ALA A 392 -28.31 1.69 -20.42
C ALA A 392 -29.60 2.05 -21.15
N ASP A 393 -29.62 1.88 -22.49
CA ASP A 393 -30.82 2.21 -23.27
C ASP A 393 -32.02 1.37 -22.83
N LYS A 394 -31.82 0.05 -22.68
CA LYS A 394 -32.92 -0.81 -22.27
C LYS A 394 -33.34 -0.50 -20.84
N ALA A 395 -32.38 -0.15 -19.99
CA ALA A 395 -32.71 0.20 -18.60
C ALA A 395 -33.61 1.42 -18.57
N LYS A 396 -33.26 2.46 -19.33
CA LYS A 396 -34.09 3.66 -19.39
C LYS A 396 -35.46 3.35 -19.98
N ALA A 397 -35.50 2.53 -21.03
CA ALA A 397 -36.79 2.17 -21.64
C ALA A 397 -37.69 1.46 -20.64
N GLU A 398 -37.12 0.52 -19.88
CA GLU A 398 -37.90 -0.20 -18.89
C GLU A 398 -38.34 0.72 -17.77
N PHE A 399 -37.47 1.65 -17.34
CA PHE A 399 -37.91 2.56 -16.29
C PHE A 399 -39.00 3.50 -16.79
N ALA A 400 -38.94 3.89 -18.07
CA ALA A 400 -40.00 4.75 -18.60
C ALA A 400 -41.36 4.06 -18.53
N LYS A 401 -41.40 2.77 -18.87
CA LYS A 401 -42.65 2.01 -18.73
C LYS A 401 -43.07 1.93 -17.27
N ALA A 402 -42.12 1.73 -16.37
CA ALA A 402 -42.47 1.64 -14.94
C ALA A 402 -42.92 2.99 -14.40
N LYS A 403 -42.22 4.07 -14.79
CA LYS A 403 -42.59 5.40 -14.33
C LYS A 403 -44.03 5.75 -14.66
N LYS A 404 -44.48 5.40 -15.87
CA LYS A 404 -45.84 5.76 -16.27
C LYS A 404 -46.87 4.96 -15.48
N ALA A 405 -46.61 3.67 -15.26
CA ALA A 405 -47.52 2.84 -14.48
C ALA A 405 -47.56 3.28 -13.03
N LEU A 406 -46.40 3.61 -12.46
CA LEU A 406 -46.33 3.98 -11.05
C LEU A 406 -46.88 5.38 -10.79
N GLU A 407 -46.59 6.33 -11.70
CA GLU A 407 -47.20 7.65 -11.58
C GLU A 407 -48.72 7.57 -11.68
N ALA A 408 -49.24 6.66 -12.52
CA ALA A 408 -50.68 6.50 -12.63
C ALA A 408 -51.30 5.91 -11.37
N ASP A 409 -50.49 5.38 -10.46
CA ASP A 409 -50.96 4.87 -9.18
C ASP A 409 -50.62 5.81 -8.02
N GLY A 410 -50.27 7.06 -8.32
CA GLY A 410 -50.00 8.04 -7.29
C GLY A 410 -48.66 7.94 -6.61
N VAL A 411 -47.71 7.22 -7.19
CA VAL A 411 -46.39 7.07 -6.58
C VAL A 411 -45.59 8.34 -6.84
N GLN A 412 -44.93 8.83 -5.80
CA GLN A 412 -44.07 9.99 -5.95
C GLN A 412 -42.61 9.55 -5.98
N PHE A 413 -41.87 10.12 -6.88
CA PHE A 413 -40.47 9.82 -7.10
C PHE A 413 -39.61 10.85 -6.39
N PRO A 414 -38.31 10.57 -6.17
CA PRO A 414 -37.57 9.36 -6.57
C PRO A 414 -37.94 8.14 -5.71
N ILE A 415 -37.74 6.94 -6.26
CA ILE A 415 -37.85 5.72 -5.47
C ILE A 415 -36.57 5.57 -4.64
N HIS A 416 -36.73 5.49 -3.32
CA HIS A 416 -35.61 5.30 -2.42
C HIS A 416 -35.44 3.81 -2.16
N LEU A 417 -34.21 3.31 -2.33
CA LEU A 417 -33.89 1.90 -2.14
C LEU A 417 -32.84 1.77 -1.03
N ASP A 418 -33.22 1.14 0.08
CA ASP A 418 -32.25 0.82 1.13
C ASP A 418 -31.44 -0.41 0.77
N VAL A 419 -30.11 -0.27 0.81
CA VAL A 419 -29.19 -1.38 0.61
C VAL A 419 -28.24 -1.42 1.81
N PRO A 420 -28.27 -2.45 2.65
CA PRO A 420 -27.41 -2.46 3.83
C PRO A 420 -26.00 -2.90 3.49
N VAL A 421 -25.03 -2.39 4.26
CA VAL A 421 -23.66 -2.86 4.13
C VAL A 421 -23.07 -3.10 5.52
N ASP A 422 -22.25 -4.13 5.61
CA ASP A 422 -21.38 -4.38 6.77
C ASP A 422 -20.26 -3.36 6.74
N GLN A 423 -20.25 -2.46 7.70
CA GLN A 423 -19.29 -1.36 7.53
C GLN A 423 -17.85 -1.80 7.78
N ALA A 424 -17.63 -3.04 8.20
CA ALA A 424 -16.27 -3.57 8.31
C ALA A 424 -15.71 -4.04 6.97
N SER A 425 -16.55 -4.40 6.01
CA SER A 425 -16.07 -4.96 4.74
CA SER A 425 -16.08 -4.97 4.74
C SER A 425 -15.94 -3.84 3.73
N LYS A 426 -14.73 -3.29 3.61
CA LYS A 426 -14.48 -2.16 2.72
C LYS A 426 -14.88 -2.47 1.28
N ASN A 427 -14.59 -3.68 0.80
CA ASN A 427 -14.89 -3.91 -0.61
C ASN A 427 -16.33 -4.36 -0.85
N TYR A 428 -17.07 -4.72 0.21
CA TYR A 428 -18.52 -4.83 0.03
C TYR A 428 -19.14 -3.45 -0.09
N ILE A 429 -18.71 -2.51 0.76
CA ILE A 429 -19.17 -1.12 0.61
C ILE A 429 -18.89 -0.63 -0.81
N SER A 430 -17.68 -0.88 -1.30
CA SER A 430 -17.30 -0.41 -2.64
CA SER A 430 -17.33 -0.38 -2.63
C SER A 430 -18.18 -1.05 -3.71
N ARG A 431 -18.51 -2.34 -3.55
CA ARG A 431 -19.40 -2.98 -4.54
C ARG A 431 -20.78 -2.32 -4.53
N ILE A 432 -21.33 -2.09 -3.33
CA ILE A 432 -22.66 -1.48 -3.27
C ILE A 432 -22.60 -0.02 -3.72
N GLN A 433 -21.49 0.67 -3.43
CA GLN A 433 -21.32 2.02 -3.96
C GLN A 433 -21.31 2.02 -5.47
N SER A 434 -20.81 0.95 -6.09
CA SER A 434 -20.79 0.88 -7.55
C SER A 434 -22.19 0.57 -8.09
N PHE A 435 -22.94 -0.27 -7.38
CA PHE A 435 -24.36 -0.45 -7.70
C PHE A 435 -25.09 0.88 -7.63
N LYS A 436 -24.86 1.63 -6.54
CA LYS A 436 -25.52 2.92 -6.37
CA LYS A 436 -25.52 2.92 -6.37
C LYS A 436 -25.21 3.85 -7.54
N GLN A 437 -23.93 3.95 -7.92
CA GLN A 437 -23.56 4.86 -8.99
C GLN A 437 -24.14 4.39 -10.33
N SER A 438 -24.19 3.07 -10.55
CA SER A 438 -24.80 2.52 -11.77
C SER A 438 -26.25 2.92 -11.91
N VAL A 439 -27.06 2.61 -10.90
CA VAL A 439 -28.49 2.87 -11.03
CA VAL A 439 -28.50 2.87 -10.96
C VAL A 439 -28.76 4.36 -11.09
N GLU A 440 -27.98 5.16 -10.38
CA GLU A 440 -28.24 6.63 -10.33
C GLU A 440 -27.79 7.27 -11.64
N THR A 441 -26.63 6.88 -12.15
CA THR A 441 -26.13 7.47 -13.42
C THR A 441 -27.00 7.09 -14.62
N VAL A 442 -27.51 5.87 -14.65
CA VAL A 442 -28.32 5.39 -15.80
C VAL A 442 -29.77 5.83 -15.68
N LEU A 443 -30.38 5.74 -14.50
CA LEU A 443 -31.79 6.08 -14.38
C LEU A 443 -32.04 7.48 -13.85
N GLY A 444 -31.07 8.10 -13.18
CA GLY A 444 -31.23 9.44 -12.66
C GLY A 444 -31.65 9.52 -11.20
N VAL A 445 -30.91 10.27 -10.37
CA VAL A 445 -31.29 10.43 -8.97
C VAL A 445 -32.64 11.11 -8.83
N GLU A 446 -33.08 11.82 -9.87
CA GLU A 446 -34.44 12.34 -9.87
C GLU A 446 -35.46 11.22 -9.90
N ASN A 447 -35.03 10.01 -10.26
CA ASN A 447 -35.89 8.85 -10.42
C ASN A 447 -35.65 7.76 -9.40
N VAL A 448 -34.39 7.44 -9.08
CA VAL A 448 -34.06 6.38 -8.14
C VAL A 448 -32.86 6.82 -7.30
N VAL A 449 -32.96 6.63 -5.98
CA VAL A 449 -31.88 6.93 -5.05
C VAL A 449 -31.55 5.68 -4.27
N VAL A 450 -30.28 5.29 -4.27
CA VAL A 450 -29.84 4.12 -3.52
C VAL A 450 -29.24 4.64 -2.22
N ASP A 451 -29.93 4.34 -1.11
CA ASP A 451 -29.53 4.79 0.22
C ASP A 451 -28.76 3.66 0.91
N ILE A 452 -27.45 3.81 0.99
CA ILE A 452 -26.60 2.80 1.62
C ILE A 452 -26.72 2.92 3.14
N GLN A 453 -27.13 1.84 3.79
CA GLN A 453 -27.33 1.79 5.24
C GLN A 453 -26.13 1.09 5.87
N GLN A 454 -25.24 1.87 6.48
CA GLN A 454 -24.06 1.30 7.14
C GLN A 454 -24.40 0.80 8.53
N MET A 455 -23.86 -0.37 8.90
CA MET A 455 -24.17 -0.94 10.20
C MET A 455 -23.02 -1.86 10.60
N THR A 456 -23.07 -2.35 11.85
CA THR A 456 -22.02 -3.26 12.29
C THR A 456 -22.16 -4.61 11.60
N SER A 457 -21.09 -5.41 11.73
CA SER A 457 -21.09 -6.78 11.22
C SER A 457 -22.24 -7.59 11.79
N ASP A 458 -22.45 -7.51 13.10
CA ASP A 458 -23.49 -8.32 13.73
C ASP A 458 -24.88 -7.83 13.32
N GLU A 459 -25.07 -6.51 13.21
CA GLU A 459 -26.34 -5.97 12.75
C GLU A 459 -26.64 -6.42 11.33
N PHE A 460 -25.63 -6.44 10.48
CA PHE A 460 -25.80 -6.87 9.09
C PHE A 460 -26.14 -8.35 9.00
N LEU A 461 -25.42 -9.20 9.75
CA LEU A 461 -25.73 -10.63 9.78
C LEU A 461 -27.17 -10.88 10.18
N ASN A 462 -27.69 -10.11 11.15
CA ASN A 462 -29.02 -10.39 11.67
C ASN A 462 -30.15 -9.91 10.76
N ILE A 463 -29.86 -9.16 9.71
CA ILE A 463 -30.88 -8.83 8.71
C ILE A 463 -30.60 -9.47 7.37
N THR A 464 -29.54 -10.26 7.25
CA THR A 464 -29.27 -10.95 5.98
C THR A 464 -29.00 -12.44 6.23
N TYR A 465 -27.73 -12.81 6.33
CA TYR A 465 -27.30 -14.21 6.43
C TYR A 465 -28.04 -14.97 7.52
N TYR A 466 -28.14 -14.37 8.71
CA TYR A 466 -28.75 -15.03 9.86
C TYR A 466 -30.12 -14.46 10.21
N ALA A 467 -30.77 -13.74 9.28
CA ALA A 467 -32.12 -13.24 9.53
C ALA A 467 -33.05 -14.39 9.89
N ALA A 468 -33.79 -14.23 10.98
CA ALA A 468 -34.60 -15.33 11.50
C ALA A 468 -35.86 -15.56 10.68
N ASN A 469 -36.35 -14.52 10.00
CA ASN A 469 -37.65 -14.58 9.34
C ASN A 469 -37.71 -13.43 8.34
N ALA A 470 -38.78 -13.43 7.53
CA ALA A 470 -38.94 -12.39 6.53
C ALA A 470 -39.04 -11.00 7.16
N SER A 471 -39.64 -10.90 8.34
CA SER A 471 -39.73 -9.61 9.03
CA SER A 471 -39.73 -9.61 9.00
C SER A 471 -38.36 -9.01 9.29
N SER A 472 -37.36 -9.86 9.55
CA SER A 472 -36.00 -9.40 9.81
C SER A 472 -35.25 -8.95 8.56
N GLU A 473 -35.80 -9.17 7.37
CA GLU A 473 -35.11 -8.78 6.14
C GLU A 473 -35.30 -7.28 5.92
N ASP A 474 -34.53 -6.51 6.69
CA ASP A 474 -34.70 -5.06 6.82
C ASP A 474 -33.89 -4.38 5.72
N TRP A 475 -34.43 -4.42 4.50
CA TRP A 475 -33.74 -3.92 3.30
C TRP A 475 -34.70 -3.98 2.12
N ASP A 476 -34.41 -3.18 1.09
CA ASP A 476 -35.14 -3.17 -0.18
C ASP A 476 -34.45 -4.04 -1.23
N VAL A 477 -33.13 -3.90 -1.33
CA VAL A 477 -32.28 -4.67 -2.23
C VAL A 477 -31.04 -5.04 -1.44
N SER A 478 -30.59 -6.28 -1.58
CA SER A 478 -29.42 -6.70 -0.81
C SER A 478 -28.59 -7.71 -1.59
N GLY A 479 -27.28 -7.54 -1.51
CA GLY A 479 -26.41 -8.54 -2.09
C GLY A 479 -25.58 -9.28 -1.06
N GLY A 480 -26.08 -9.38 0.18
CA GLY A 480 -25.24 -9.92 1.23
C GLY A 480 -25.13 -11.43 1.29
N VAL A 481 -25.97 -12.20 0.60
CA VAL A 481 -25.99 -13.65 0.71
C VAL A 481 -26.00 -14.27 -0.68
N SER A 482 -25.07 -15.18 -0.93
CA SER A 482 -25.03 -15.93 -2.18
C SER A 482 -25.68 -17.29 -2.01
N TRP A 483 -25.81 -18.02 -3.13
CA TRP A 483 -26.33 -19.38 -3.08
C TRP A 483 -25.40 -20.30 -3.87
N GLY A 484 -24.93 -21.38 -3.23
CA GLY A 484 -24.21 -22.44 -3.91
C GLY A 484 -25.02 -23.71 -4.07
N PRO A 485 -24.84 -24.42 -5.19
CA PRO A 485 -25.64 -25.63 -5.43
C PRO A 485 -25.28 -26.79 -4.50
N ASP A 486 -26.31 -27.52 -4.10
CA ASP A 486 -26.15 -28.61 -3.14
C ASP A 486 -26.00 -29.99 -3.79
N TYR A 487 -26.40 -30.14 -5.05
CA TYR A 487 -26.35 -31.41 -5.76
C TYR A 487 -26.51 -31.11 -7.24
N GLN A 488 -26.30 -32.14 -8.07
CA GLN A 488 -26.02 -31.95 -9.50
C GLN A 488 -27.31 -31.99 -10.33
N ASP A 489 -28.14 -30.96 -10.15
CA ASP A 489 -29.38 -30.85 -10.92
C ASP A 489 -29.86 -29.41 -10.82
N PRO A 490 -30.45 -28.83 -11.88
CA PRO A 490 -30.87 -27.42 -11.79
C PRO A 490 -31.86 -27.14 -10.67
N SER A 491 -32.60 -28.15 -10.17
CA SER A 491 -33.52 -27.93 -9.06
C SER A 491 -32.82 -27.34 -7.84
N THR A 492 -31.53 -27.62 -7.65
CA THR A 492 -30.88 -27.11 -6.45
C THR A 492 -30.79 -25.59 -6.47
N TYR A 493 -30.76 -24.97 -7.66
CA TYR A 493 -30.83 -23.53 -7.76
C TYR A 493 -32.27 -23.04 -7.76
N LEU A 494 -33.14 -23.69 -8.52
CA LEU A 494 -34.42 -23.09 -8.85
C LEU A 494 -35.51 -23.43 -7.84
N ASP A 495 -35.45 -24.60 -7.20
CA ASP A 495 -36.48 -24.97 -6.24
C ASP A 495 -36.52 -23.99 -5.07
N ILE A 496 -35.38 -23.41 -4.70
CA ILE A 496 -35.29 -22.57 -3.51
C ILE A 496 -36.02 -21.25 -3.64
N LEU A 497 -36.40 -20.85 -4.85
CA LEU A 497 -37.17 -19.64 -5.07
C LEU A 497 -38.66 -19.91 -5.30
N LYS A 498 -39.12 -21.17 -5.17
CA LYS A 498 -40.56 -21.43 -5.20
C LYS A 498 -41.25 -20.74 -4.03
N THR A 499 -42.53 -20.37 -4.24
CA THR A 499 -43.28 -19.66 -3.19
C THR A 499 -43.32 -20.42 -1.87
N THR A 500 -43.14 -21.75 -1.90
CA THR A 500 -43.23 -22.59 -0.71
C THR A 500 -41.89 -22.81 -0.02
N SER A 501 -40.77 -22.45 -0.63
CA SER A 501 -39.45 -22.69 -0.04
C SER A 501 -39.09 -21.52 0.89
N SER A 502 -39.85 -21.42 1.99
CA SER A 502 -39.78 -20.24 2.85
C SER A 502 -38.42 -20.07 3.52
N GLU A 503 -37.65 -21.14 3.71
CA GLU A 503 -36.33 -20.97 4.28
C GLU A 503 -35.46 -20.07 3.41
N THR A 504 -35.59 -20.19 2.09
CA THR A 504 -34.73 -19.43 1.21
C THR A 504 -35.42 -18.23 0.56
N THR A 505 -36.75 -18.23 0.45
CA THR A 505 -37.40 -17.05 -0.13
C THR A 505 -37.19 -15.82 0.74
N LYS A 506 -37.04 -15.98 2.06
CA LYS A 506 -36.84 -14.80 2.89
C LYS A 506 -35.50 -14.15 2.58
N THR A 507 -34.50 -14.98 2.31
CA THR A 507 -33.13 -14.51 2.13
C THR A 507 -32.95 -13.77 0.81
N TYR A 508 -33.53 -14.30 -0.27
CA TYR A 508 -33.28 -13.72 -1.58
C TYR A 508 -34.40 -12.82 -2.07
N LEU A 509 -35.62 -12.97 -1.52
CA LEU A 509 -36.78 -12.23 -1.99
C LEU A 509 -37.58 -11.56 -0.88
N GLY A 510 -37.18 -11.70 0.37
CA GLY A 510 -37.78 -10.93 1.43
C GLY A 510 -39.14 -11.40 1.93
N PHE A 511 -39.59 -12.61 1.57
CA PHE A 511 -40.89 -13.06 2.03
C PHE A 511 -40.80 -14.48 2.55
N ASP A 512 -41.74 -14.84 3.45
CA ASP A 512 -41.82 -16.22 3.91
C ASP A 512 -43.26 -16.71 3.97
N ASN A 513 -44.22 -15.92 3.48
CA ASN A 513 -45.61 -16.34 3.44
C ASN A 513 -45.91 -16.76 2.01
N PRO A 514 -46.10 -18.06 1.74
CA PRO A 514 -46.28 -18.49 0.34
C PRO A 514 -47.48 -17.88 -0.34
N ASN A 515 -48.48 -17.43 0.41
CA ASN A 515 -49.70 -16.86 -0.17
C ASN A 515 -49.77 -15.35 0.02
N SER A 516 -48.65 -14.71 0.30
CA SER A 516 -48.60 -13.27 0.42
C SER A 516 -49.17 -12.61 -0.83
N PRO A 517 -49.90 -11.50 -0.70
CA PRO A 517 -50.39 -10.82 -1.91
C PRO A 517 -49.27 -10.32 -2.81
N SER A 518 -48.12 -9.95 -2.24
CA SER A 518 -46.99 -9.54 -3.06
C SER A 518 -46.51 -10.69 -3.92
N VAL A 519 -46.56 -11.91 -3.37
CA VAL A 519 -46.07 -13.08 -4.08
C VAL A 519 -46.96 -13.38 -5.27
N VAL A 520 -48.27 -13.24 -5.09
CA VAL A 520 -49.20 -13.43 -6.22
C VAL A 520 -49.00 -12.34 -7.27
N GLN A 521 -48.81 -11.09 -6.82
CA GLN A 521 -48.71 -9.96 -7.74
C GLN A 521 -47.54 -10.10 -8.71
N VAL A 522 -46.40 -10.60 -8.23
CA VAL A 522 -45.23 -10.74 -9.12
C VAL A 522 -45.28 -12.02 -9.93
N GLY A 523 -46.33 -12.84 -9.80
CA GLY A 523 -46.52 -13.99 -10.66
C GLY A 523 -45.75 -15.24 -10.30
N LEU A 524 -45.22 -15.32 -9.07
CA LEU A 524 -44.37 -16.45 -8.69
C LEU A 524 -45.13 -17.77 -8.64
N LYS A 525 -46.46 -17.74 -8.60
CA LYS A 525 -47.18 -19.01 -8.68
C LYS A 525 -47.00 -19.65 -10.06
N GLU A 526 -46.79 -18.83 -11.09
CA GLU A 526 -46.45 -19.33 -12.42
C GLU A 526 -45.07 -19.98 -12.43
N TYR A 527 -44.11 -19.33 -11.77
CA TYR A 527 -42.78 -19.92 -11.60
C TYR A 527 -42.85 -21.29 -10.91
N ASP A 528 -43.66 -21.42 -9.84
CA ASP A 528 -43.83 -22.71 -9.18
C ASP A 528 -44.25 -23.79 -10.15
N LYS A 529 -45.19 -23.49 -11.05
CA LYS A 529 -45.68 -24.50 -11.99
C LYS A 529 -44.61 -24.91 -12.98
N LEU A 530 -43.79 -23.95 -13.44
CA LEU A 530 -42.70 -24.29 -14.33
C LEU A 530 -41.67 -25.19 -13.64
N VAL A 531 -41.34 -24.87 -12.40
CA VAL A 531 -40.39 -25.68 -11.63
C VAL A 531 -40.94 -27.08 -11.41
N ASP A 532 -42.21 -27.17 -11.00
CA ASP A 532 -42.81 -28.46 -10.70
C ASP A 532 -42.94 -29.33 -11.94
N GLU A 533 -43.21 -28.72 -13.09
CA GLU A 533 -43.33 -29.47 -14.33
C GLU A 533 -41.96 -30.02 -14.75
N ALA A 534 -40.90 -29.25 -14.54
CA ALA A 534 -39.56 -29.75 -14.80
C ALA A 534 -39.19 -30.88 -13.85
N ALA A 535 -39.60 -30.77 -12.58
CA ALA A 535 -39.21 -31.77 -11.59
C ALA A 535 -39.82 -33.13 -11.89
N ARG A 536 -40.99 -33.15 -12.54
CA ARG A 536 -41.67 -34.39 -12.85
C ARG A 536 -41.02 -35.17 -13.99
N GLU A 537 -40.08 -34.56 -14.69
CA GLU A 537 -39.37 -35.24 -15.78
C GLU A 537 -38.20 -36.01 -15.20
N THR A 538 -38.39 -37.32 -15.00
CA THR A 538 -37.29 -38.18 -14.58
C THR A 538 -36.84 -39.13 -15.69
N SER A 539 -37.56 -39.17 -16.81
CA SER A 539 -37.30 -40.16 -17.85
C SER A 539 -36.22 -39.70 -18.81
N ASP A 540 -36.20 -38.41 -19.12
CA ASP A 540 -35.41 -37.85 -20.21
C ASP A 540 -34.69 -36.62 -19.67
N LEU A 541 -33.38 -36.74 -19.44
CA LEU A 541 -32.64 -35.64 -18.83
C LEU A 541 -32.62 -34.41 -19.73
N ASN A 542 -32.55 -34.61 -21.04
CA ASN A 542 -32.58 -33.47 -21.96
C ASN A 542 -33.87 -32.67 -21.82
N VAL A 543 -35.00 -33.37 -21.72
CA VAL A 543 -36.28 -32.69 -21.56
C VAL A 543 -36.38 -32.04 -20.19
N ARG A 544 -35.88 -32.73 -19.16
CA ARG A 544 -35.87 -32.14 -17.82
C ARG A 544 -35.11 -30.82 -17.79
N TYR A 545 -33.95 -30.77 -18.47
CA TYR A 545 -33.16 -29.55 -18.47
C TYR A 545 -33.81 -28.45 -19.29
N GLU A 546 -34.43 -28.81 -20.43
CA GLU A 546 -35.18 -27.84 -21.21
C GLU A 546 -36.29 -27.22 -20.37
N LYS A 547 -36.97 -28.05 -19.57
CA LYS A 547 -38.05 -27.56 -18.74
C LYS A 547 -37.53 -26.70 -17.58
N TYR A 548 -36.40 -27.08 -16.98
CA TYR A 548 -35.85 -26.19 -15.96
C TYR A 548 -35.40 -24.87 -16.57
N ALA A 549 -34.98 -24.88 -17.84
CA ALA A 549 -34.56 -23.65 -18.48
C ALA A 549 -35.75 -22.73 -18.73
N ALA A 550 -36.96 -23.28 -18.87
CA ALA A 550 -38.16 -22.46 -18.96
C ALA A 550 -38.40 -21.72 -17.65
N ALA A 551 -38.12 -22.39 -16.52
CA ALA A 551 -38.25 -21.74 -15.22
C ALA A 551 -37.17 -20.67 -15.03
N GLN A 552 -35.93 -20.97 -15.41
CA GLN A 552 -34.88 -19.95 -15.37
C GLN A 552 -35.21 -18.78 -16.29
N ALA A 553 -35.78 -19.06 -17.46
CA ALA A 553 -36.18 -17.97 -18.36
C ALA A 553 -37.16 -17.03 -17.67
N TRP A 554 -38.19 -17.58 -17.02
CA TRP A 554 -39.12 -16.75 -16.27
C TRP A 554 -38.39 -15.94 -15.21
N LEU A 555 -37.49 -16.59 -14.46
CA LEU A 555 -36.77 -15.90 -13.40
C LEU A 555 -35.89 -14.77 -13.94
N THR A 556 -35.19 -15.00 -15.04
CA THR A 556 -34.38 -13.96 -15.64
C THR A 556 -35.25 -12.76 -16.03
N ASP A 557 -36.38 -13.03 -16.67
CA ASP A 557 -37.26 -11.94 -17.09
C ASP A 557 -37.87 -11.24 -15.88
N SER A 558 -38.23 -11.99 -14.83
CA SER A 558 -38.83 -11.39 -13.65
C SER A 558 -37.92 -10.38 -12.97
N SER A 559 -36.61 -10.53 -13.11
CA SER A 559 -35.62 -9.68 -12.42
C SER A 559 -35.88 -9.58 -10.92
N LEU A 560 -36.45 -10.64 -10.33
CA LEU A 560 -36.64 -10.68 -8.89
C LEU A 560 -35.32 -10.89 -8.16
N PHE A 561 -34.35 -11.48 -8.82
CA PHE A 561 -32.97 -11.52 -8.33
C PHE A 561 -32.12 -10.96 -9.46
N ILE A 562 -31.17 -10.10 -9.11
CA ILE A 562 -30.32 -9.47 -10.11
C ILE A 562 -28.98 -10.19 -10.05
N PRO A 563 -28.66 -11.07 -11.01
CA PRO A 563 -27.37 -11.78 -10.96
C PRO A 563 -26.24 -10.84 -11.31
N ALA A 564 -25.10 -11.01 -10.62
CA ALA A 564 -23.95 -10.13 -10.83
C ALA A 564 -22.67 -10.90 -11.16
N MET A 565 -22.30 -11.88 -10.33
CA MET A 565 -20.99 -12.51 -10.46
CA MET A 565 -21.01 -12.53 -10.50
C MET A 565 -21.02 -13.90 -9.83
N ALA A 566 -20.02 -14.71 -10.21
CA ALA A 566 -19.79 -15.96 -9.50
C ALA A 566 -19.42 -15.64 -8.06
N SER A 567 -19.94 -16.43 -7.14
CA SER A 567 -19.75 -16.13 -5.72
C SER A 567 -18.35 -16.50 -5.24
N SER A 568 -17.58 -17.21 -6.05
CA SER A 568 -16.23 -17.60 -5.70
C SER A 568 -15.46 -17.81 -7.00
N GLY A 569 -14.14 -17.89 -6.87
CA GLY A 569 -13.33 -18.12 -8.03
C GLY A 569 -13.21 -16.86 -8.87
N ALA A 570 -12.64 -17.03 -10.06
CA ALA A 570 -12.42 -15.92 -11.00
C ALA A 570 -11.68 -14.78 -10.30
N ALA A 571 -10.64 -15.15 -9.57
CA ALA A 571 -9.93 -14.23 -8.69
C ALA A 571 -8.42 -14.46 -8.79
N PRO A 572 -7.62 -13.41 -8.60
CA PRO A 572 -6.17 -13.60 -8.48
C PRO A 572 -5.81 -14.11 -7.10
N VAL A 573 -4.89 -15.10 -7.06
CA VAL A 573 -4.52 -15.75 -5.81
C VAL A 573 -3.03 -16.08 -5.80
N LEU A 574 -2.51 -16.23 -4.57
CA LEU A 574 -1.21 -16.84 -4.28
C LEU A 574 -1.44 -18.15 -3.56
N SER A 575 -0.57 -19.13 -3.80
CA SER A 575 -0.81 -20.45 -3.21
C SER A 575 0.47 -21.17 -2.86
N ARG A 576 0.45 -21.90 -1.75
CA ARG A 576 1.44 -22.94 -1.45
C ARG A 576 0.83 -24.33 -1.54
N ILE A 577 -0.35 -24.46 -2.15
CA ILE A 577 -1.02 -25.75 -2.29
C ILE A 577 -0.65 -26.34 -3.65
N VAL A 578 -0.23 -27.60 -3.63
CA VAL A 578 0.19 -28.27 -4.87
C VAL A 578 -1.03 -28.27 -5.79
N PRO A 579 -0.92 -27.67 -6.99
CA PRO A 579 -2.12 -27.48 -7.83
C PRO A 579 -2.82 -28.79 -8.15
N PHE A 580 -4.16 -28.75 -8.00
CA PHE A 580 -5.06 -29.84 -8.38
C PHE A 580 -4.82 -31.12 -7.58
N THR A 581 -4.34 -30.98 -6.34
CA THR A 581 -4.36 -32.09 -5.40
C THR A 581 -5.60 -32.08 -4.53
N GLY A 582 -6.31 -30.96 -4.45
CA GLY A 582 -7.50 -30.89 -3.62
C GLY A 582 -8.72 -31.50 -4.27
N ALA A 583 -9.72 -31.77 -3.42
CA ALA A 583 -11.01 -32.23 -3.90
C ALA A 583 -11.58 -31.22 -4.89
N SER A 584 -12.21 -31.72 -5.95
CA SER A 584 -12.90 -30.85 -6.90
C SER A 584 -14.39 -31.17 -6.80
N ALA A 585 -15.20 -30.15 -6.51
CA ALA A 585 -16.64 -30.38 -6.37
C ALA A 585 -17.39 -29.16 -6.87
N GLN A 586 -18.27 -29.37 -7.85
CA GLN A 586 -19.17 -28.33 -8.32
C GLN A 586 -20.32 -28.07 -7.34
N THR A 587 -20.66 -29.07 -6.52
CA THR A 587 -21.80 -28.98 -5.62
C THR A 587 -21.44 -29.64 -4.30
N GLY A 588 -22.23 -29.34 -3.27
CA GLY A 588 -22.14 -30.06 -2.02
C GLY A 588 -21.06 -29.52 -1.10
N SER A 589 -20.73 -30.34 -0.09
CA SER A 589 -19.95 -29.92 1.08
C SER A 589 -18.61 -30.64 1.20
N LYS A 590 -18.11 -31.23 0.11
CA LYS A 590 -16.84 -31.94 0.16
C LYS A 590 -15.82 -31.37 -0.83
N GLY A 591 -16.05 -30.16 -1.36
CA GLY A 591 -15.04 -29.50 -2.16
C GLY A 591 -13.92 -28.90 -1.31
N SER A 592 -12.81 -28.58 -1.96
CA SER A 592 -11.62 -28.12 -1.24
C SER A 592 -11.78 -26.73 -0.65
N ASP A 593 -12.87 -26.02 -0.94
CA ASP A 593 -13.10 -24.76 -0.23
C ASP A 593 -13.35 -25.00 1.27
N VAL A 594 -13.89 -26.15 1.65
CA VAL A 594 -14.16 -26.44 3.07
C VAL A 594 -13.54 -27.74 3.55
N TYR A 595 -13.17 -28.68 2.67
CA TYR A 595 -12.80 -30.03 3.01
C TYR A 595 -11.40 -30.31 2.45
N PHE A 596 -10.45 -30.62 3.33
CA PHE A 596 -9.04 -30.55 2.95
C PHE A 596 -8.37 -31.92 2.87
N LYS A 597 -9.13 -33.01 2.73
CA LYS A 597 -8.52 -34.28 2.35
C LYS A 597 -7.90 -34.17 0.97
N TYR A 598 -6.88 -35.00 0.72
CA TYR A 598 -6.16 -35.13 -0.56
C TYR A 598 -5.18 -33.98 -0.79
N LEU A 599 -5.59 -32.78 -0.39
CA LEU A 599 -4.79 -31.57 -0.55
CA LEU A 599 -4.79 -31.58 -0.58
C LEU A 599 -3.34 -31.78 -0.12
N LYS A 600 -2.40 -31.28 -0.91
CA LYS A 600 -0.98 -31.32 -0.57
C LYS A 600 -0.39 -29.92 -0.56
N SER A 601 0.50 -29.67 0.39
CA SER A 601 1.16 -28.39 0.55
C SER A 601 2.62 -28.51 0.17
N GLN A 602 3.22 -27.39 -0.24
CA GLN A 602 4.62 -27.38 -0.64
C GLN A 602 5.32 -26.18 -0.04
N ASP A 603 6.65 -26.25 -0.11
CA ASP A 603 7.53 -25.25 0.50
C ASP A 603 7.37 -23.89 -0.19
N LYS A 604 7.60 -23.87 -1.49
CA LYS A 604 7.72 -22.63 -2.25
C LYS A 604 6.36 -22.20 -2.77
N VAL A 605 6.29 -20.93 -3.17
CA VAL A 605 5.05 -20.40 -3.75
C VAL A 605 4.87 -20.96 -5.16
N VAL A 606 3.67 -21.45 -5.45
CA VAL A 606 3.35 -21.94 -6.78
C VAL A 606 3.58 -20.84 -7.81
N THR A 607 4.17 -21.20 -8.95
CA THR A 607 4.32 -20.25 -10.04
C THR A 607 3.12 -20.33 -10.96
N LYS A 608 2.84 -19.22 -11.66
CA LYS A 608 1.72 -19.21 -12.61
C LYS A 608 1.94 -20.24 -13.71
N GLU A 609 3.18 -20.42 -14.15
CA GLU A 609 3.48 -21.44 -15.13
C GLU A 609 3.24 -22.84 -14.57
N GLU A 610 3.59 -23.07 -13.31
CA GLU A 610 3.33 -24.38 -12.70
C GLU A 610 1.85 -24.67 -12.64
N TYR A 611 1.08 -23.66 -12.28
CA TYR A 611 -0.40 -23.83 -12.17
C TYR A 611 -1.00 -24.10 -13.55
N GLU A 612 -0.64 -23.29 -14.56
CA GLU A 612 -1.23 -23.42 -15.91
C GLU A 612 -0.87 -24.80 -16.50
N LYS A 613 0.35 -25.27 -16.27
CA LYS A 613 0.73 -26.58 -16.82
C LYS A 613 -0.07 -27.68 -16.11
N ALA A 614 -0.16 -27.58 -14.79
CA ALA A 614 -0.94 -28.58 -14.07
C ALA A 614 -2.40 -28.55 -14.47
N ARG A 615 -2.93 -27.36 -14.80
CA ARG A 615 -4.34 -27.28 -15.17
C ARG A 615 -4.61 -27.97 -16.50
N GLU A 616 -3.73 -27.77 -17.48
CA GLU A 616 -3.93 -28.39 -18.78
C GLU A 616 -3.84 -29.91 -18.69
N LYS A 617 -2.90 -30.41 -17.87
CA LYS A 617 -2.77 -31.84 -17.63
C LYS A 617 -3.96 -32.36 -16.83
N TRP A 618 -4.45 -31.56 -15.87
CA TRP A 618 -5.60 -31.97 -15.07
C TRP A 618 -6.87 -32.06 -15.93
N LEU A 619 -7.05 -31.08 -16.82
CA LEU A 619 -8.24 -31.11 -17.68
C LEU A 619 -8.27 -32.37 -18.54
N LYS A 620 -7.10 -32.81 -19.01
CA LYS A 620 -7.04 -34.00 -19.85
C LYS A 620 -7.30 -35.27 -19.04
N GLU A 621 -6.72 -35.36 -17.84
CA GLU A 621 -7.00 -36.51 -16.97
C GLU A 621 -8.43 -36.50 -16.45
N LYS A 622 -8.99 -35.32 -16.20
CA LYS A 622 -10.34 -35.22 -15.65
C LYS A 622 -11.38 -35.78 -16.62
N ALA A 623 -11.28 -35.43 -17.90
CA ALA A 623 -12.22 -35.95 -18.87
C ALA A 623 -12.14 -37.47 -18.94
N GLU A 624 -10.93 -38.02 -18.91
CA GLU A 624 -10.73 -39.47 -18.83
C GLU A 624 -11.41 -40.06 -17.61
N SER A 625 -11.01 -39.57 -16.43
CA SER A 625 -11.48 -40.14 -15.18
C SER A 625 -13.00 -40.04 -15.08
N ASN A 626 -13.55 -38.89 -15.50
CA ASN A 626 -15.00 -38.71 -15.43
C ASN A 626 -15.73 -39.70 -16.33
N GLU A 627 -15.21 -39.93 -17.54
CA GLU A 627 -15.88 -40.86 -18.43
C GLU A 627 -15.77 -42.29 -17.91
N LYS A 628 -14.58 -42.67 -17.42
CA LYS A 628 -14.42 -43.95 -16.75
C LYS A 628 -15.43 -44.13 -15.62
N ALA A 629 -15.62 -43.10 -14.79
CA ALA A 629 -16.55 -43.17 -13.69
C ALA A 629 -17.98 -43.38 -14.17
N GLN A 630 -18.35 -42.71 -15.26
CA GLN A 630 -19.70 -42.85 -15.79
C GLN A 630 -19.93 -44.24 -16.39
N LYS A 631 -18.95 -44.75 -17.14
CA LYS A 631 -19.08 -46.09 -17.69
C LYS A 631 -19.22 -47.13 -16.59
N GLU A 632 -18.65 -46.87 -15.42
CA GLU A 632 -18.68 -47.82 -14.31
C GLU A 632 -20.01 -47.82 -13.55
N LEU A 633 -20.90 -46.86 -13.80
CA LEU A 633 -22.16 -46.80 -13.06
C LEU A 633 -23.01 -48.03 -13.32
N ALA A 634 -23.05 -48.50 -14.57
CA ALA A 634 -23.85 -49.69 -14.90
C ALA A 634 -23.46 -50.87 -14.03
N SER A 635 -22.19 -50.96 -13.64
CA SER A 635 -21.74 -52.05 -12.79
C SER A 635 -22.39 -52.04 -11.41
N HIS A 636 -23.04 -50.94 -11.02
CA HIS A 636 -23.70 -50.85 -9.73
C HIS A 636 -25.20 -51.12 -9.79
N VAL A 637 -25.77 -51.31 -10.98
CA VAL A 637 -27.19 -51.63 -11.12
C VAL A 637 -27.36 -53.11 -10.81
N LYS A 638 -28.07 -53.41 -9.73
CA LYS A 638 -28.20 -54.78 -9.25
C LYS A 638 -29.66 -55.20 -9.15
N ALA B 12 39.40 -29.10 -25.44
CA ALA B 12 39.34 -30.44 -25.99
C ALA B 12 38.16 -30.59 -26.95
N PRO B 13 38.42 -31.17 -28.13
CA PRO B 13 37.39 -31.25 -29.16
C PRO B 13 36.22 -32.16 -28.79
N LYS B 14 36.44 -33.16 -27.94
CA LYS B 14 35.36 -34.07 -27.59
C LYS B 14 34.36 -33.45 -26.62
N ALA B 15 34.54 -32.19 -26.24
CA ALA B 15 33.61 -31.49 -25.36
C ALA B 15 32.77 -30.56 -26.24
N TYR B 16 31.58 -31.02 -26.62
CA TYR B 16 30.72 -30.22 -27.49
C TYR B 16 30.10 -29.09 -26.68
N GLY B 17 30.23 -27.87 -27.19
CA GLY B 17 29.62 -26.71 -26.57
C GLY B 17 28.79 -25.86 -27.54
N TYR B 18 27.57 -25.56 -27.16
CA TYR B 18 26.80 -24.56 -27.91
C TYR B 18 25.72 -23.98 -27.00
N VAL B 19 24.54 -23.68 -27.54
CA VAL B 19 23.55 -22.91 -26.80
C VAL B 19 22.17 -23.54 -26.97
N TYR B 20 21.27 -23.15 -26.07
CA TYR B 20 19.85 -23.47 -26.20
C TYR B 20 19.09 -22.19 -25.88
N THR B 21 17.87 -22.08 -26.41
CA THR B 21 17.21 -20.80 -26.39
C THR B 21 15.94 -20.72 -25.54
N ALA B 22 15.43 -21.84 -25.05
CA ALA B 22 14.26 -21.78 -24.18
C ALA B 22 14.31 -22.95 -23.21
N ASP B 23 14.06 -22.68 -21.92
CA ASP B 23 13.98 -23.78 -20.97
C ASP B 23 12.75 -24.63 -21.27
N PRO B 24 12.85 -25.95 -21.14
CA PRO B 24 11.69 -26.80 -21.41
C PRO B 24 10.62 -26.62 -20.34
N GLU B 25 9.35 -26.73 -20.75
CA GLU B 25 8.29 -26.73 -19.74
C GLU B 25 8.03 -28.12 -19.16
N THR B 26 8.57 -29.15 -19.79
CA THR B 26 8.42 -30.53 -19.35
C THR B 26 9.57 -31.32 -19.96
N LEU B 27 9.95 -32.41 -19.29
CA LEU B 27 10.80 -33.40 -19.92
C LEU B 27 9.98 -34.53 -20.56
N ASP B 28 8.66 -34.42 -20.55
CA ASP B 28 7.82 -35.52 -21.04
C ASP B 28 7.79 -35.47 -22.56
N TYR B 29 8.71 -36.25 -23.16
CA TYR B 29 8.86 -36.27 -24.62
C TYR B 29 7.66 -36.88 -25.32
N LEU B 30 6.83 -37.64 -24.60
CA LEU B 30 5.65 -38.25 -25.21
C LEU B 30 4.52 -37.26 -25.38
N ILE B 31 4.48 -36.22 -24.53
CA ILE B 31 3.34 -35.33 -24.51
C ILE B 31 3.64 -34.00 -25.20
N SER B 32 4.90 -33.55 -25.19
CA SER B 32 5.25 -32.24 -25.68
C SER B 32 5.41 -32.24 -27.19
N SER B 33 4.90 -31.17 -27.83
CA SER B 33 5.14 -30.91 -29.24
C SER B 33 6.13 -29.77 -29.43
N LYS B 34 6.85 -29.40 -28.37
CA LYS B 34 7.76 -28.26 -28.41
C LYS B 34 9.21 -28.73 -28.55
N ASN B 35 9.94 -28.10 -29.47
CA ASN B 35 11.34 -28.45 -29.68
C ASN B 35 12.18 -28.24 -28.42
N SER B 36 11.76 -27.38 -27.50
CA SER B 36 12.53 -27.20 -26.27
C SER B 36 12.62 -28.50 -25.45
N THR B 37 11.61 -29.37 -25.53
CA THR B 37 11.70 -30.70 -24.90
C THR B 37 12.63 -31.61 -25.68
N THR B 38 12.54 -31.55 -27.01
CA THR B 38 13.41 -32.36 -27.88
C THR B 38 14.87 -32.05 -27.61
N VAL B 39 15.19 -30.77 -27.44
CA VAL B 39 16.59 -30.36 -27.25
C VAL B 39 17.19 -31.06 -26.06
N VAL B 40 16.40 -31.23 -24.99
CA VAL B 40 16.97 -31.77 -23.76
C VAL B 40 16.80 -33.28 -23.66
N THR B 41 16.01 -33.93 -24.54
CA THR B 41 15.78 -35.36 -24.36
C THR B 41 16.30 -36.25 -25.48
N SER B 42 16.41 -35.75 -26.71
N SER B 42 16.41 -35.73 -26.71
CA SER B 42 16.74 -36.64 -27.82
CA SER B 42 16.75 -36.57 -27.86
C SER B 42 18.07 -37.33 -27.62
C SER B 42 18.06 -37.31 -27.65
N ASN B 43 19.07 -36.63 -27.09
CA ASN B 43 20.37 -37.24 -26.87
C ASN B 43 20.31 -38.36 -25.85
N GLY B 44 19.25 -38.41 -25.04
CA GLY B 44 19.14 -39.39 -23.97
C GLY B 44 18.16 -40.52 -24.22
N ILE B 45 17.25 -40.35 -25.18
CA ILE B 45 16.17 -41.28 -25.44
C ILE B 45 16.17 -41.65 -26.91
N ASP B 46 16.41 -42.92 -27.22
CA ASP B 46 16.28 -43.48 -28.57
C ASP B 46 14.95 -44.20 -28.71
N GLY B 47 14.32 -44.05 -29.87
CA GLY B 47 13.23 -44.89 -30.31
C GLY B 47 13.71 -46.00 -31.22
N LEU B 48 12.81 -46.45 -32.11
CA LEU B 48 13.10 -47.65 -32.89
C LEU B 48 14.14 -47.40 -33.98
N PHE B 49 14.20 -46.19 -34.53
CA PHE B 49 15.17 -45.81 -35.55
C PHE B 49 15.81 -44.46 -35.20
N THR B 50 17.01 -44.23 -35.73
CA THR B 50 17.56 -42.88 -35.88
C THR B 50 17.78 -42.59 -37.38
N ASN B 51 18.52 -41.52 -37.67
CA ASN B 51 18.87 -41.14 -39.04
C ASN B 51 20.38 -41.17 -39.22
N ASP B 52 20.84 -41.75 -40.33
CA ASP B 52 22.28 -41.74 -40.56
C ASP B 52 22.67 -40.44 -41.26
N ASN B 53 23.96 -40.30 -41.58
CA ASN B 53 24.43 -39.01 -42.06
C ASN B 53 24.00 -38.75 -43.51
N TYR B 54 23.34 -39.71 -44.15
CA TYR B 54 22.74 -39.53 -45.46
C TYR B 54 21.23 -39.34 -45.40
N GLY B 55 20.63 -39.41 -44.21
CA GLY B 55 19.20 -39.25 -44.08
C GLY B 55 18.38 -40.52 -44.04
N ASN B 56 19.02 -41.69 -44.21
CA ASN B 56 18.29 -42.94 -44.14
C ASN B 56 17.92 -43.26 -42.70
N LEU B 57 16.80 -43.98 -42.53
CA LEU B 57 16.52 -44.56 -41.23
C LEU B 57 17.59 -45.57 -40.86
N ALA B 58 18.13 -45.45 -39.64
CA ALA B 58 19.10 -46.42 -39.15
C ALA B 58 18.51 -47.22 -38.00
N PRO B 59 18.76 -48.53 -37.94
CA PRO B 59 18.32 -49.32 -36.79
C PRO B 59 18.81 -48.73 -35.46
N ALA B 60 17.88 -48.57 -34.53
CA ALA B 60 18.21 -48.11 -33.20
C ALA B 60 17.74 -49.15 -32.20
N VAL B 61 16.67 -48.86 -31.44
CA VAL B 61 16.17 -49.88 -30.54
C VAL B 61 15.55 -51.04 -31.33
N ALA B 62 15.09 -50.78 -32.56
CA ALA B 62 14.70 -51.85 -33.48
C ALA B 62 15.94 -52.30 -34.25
N GLU B 63 16.37 -53.54 -34.02
CA GLU B 63 17.50 -54.09 -34.76
C GLU B 63 17.10 -54.50 -36.19
N ASP B 64 15.82 -54.74 -36.42
CA ASP B 64 15.33 -55.23 -37.70
C ASP B 64 13.83 -55.04 -37.68
N TRP B 65 13.21 -55.14 -38.86
CA TRP B 65 11.78 -54.87 -38.95
C TRP B 65 11.21 -55.57 -40.17
N GLU B 66 9.89 -55.74 -40.14
CA GLU B 66 9.17 -56.31 -41.27
C GLU B 66 7.79 -55.67 -41.33
N VAL B 67 7.18 -55.73 -42.51
CA VAL B 67 5.81 -55.26 -42.71
C VAL B 67 5.06 -56.30 -43.54
N SER B 68 3.77 -56.48 -43.23
CA SER B 68 2.94 -57.41 -43.97
C SER B 68 2.77 -56.97 -45.43
N LYS B 69 2.34 -57.92 -46.27
CA LYS B 69 2.13 -57.59 -47.68
C LYS B 69 0.99 -56.61 -47.88
N ASP B 70 0.02 -56.56 -46.95
CA ASP B 70 -1.05 -55.58 -47.04
C ASP B 70 -0.70 -54.22 -46.44
N GLY B 71 0.47 -54.09 -45.82
CA GLY B 71 0.94 -52.80 -45.34
C GLY B 71 0.38 -52.33 -44.01
N LEU B 72 -0.41 -53.16 -43.32
CA LEU B 72 -1.08 -52.71 -42.10
C LEU B 72 -0.39 -53.14 -40.82
N THR B 73 0.50 -54.13 -40.84
CA THR B 73 1.12 -54.65 -39.62
CA THR B 73 1.12 -54.63 -39.61
C THR B 73 2.63 -54.51 -39.75
N TYR B 74 3.23 -53.71 -38.86
CA TYR B 74 4.68 -53.54 -38.76
C TYR B 74 5.17 -54.27 -37.52
N THR B 75 6.22 -55.07 -37.69
CA THR B 75 6.79 -55.86 -36.60
C THR B 75 8.26 -55.52 -36.45
N TYR B 76 8.67 -55.18 -35.24
CA TYR B 76 10.03 -54.73 -34.94
C TYR B 76 10.68 -55.74 -34.03
N LYS B 77 11.90 -56.14 -34.40
CA LYS B 77 12.71 -56.97 -33.53
C LYS B 77 13.50 -56.03 -32.62
N ILE B 78 13.22 -56.07 -31.31
CA ILE B 78 13.88 -55.19 -30.36
C ILE B 78 15.28 -55.73 -30.08
N ARG B 79 16.28 -54.86 -30.24
CA ARG B 79 17.66 -55.19 -29.90
C ARG B 79 17.77 -55.63 -28.45
N LYS B 80 18.38 -56.80 -28.22
CA LYS B 80 18.52 -57.32 -26.88
C LYS B 80 19.67 -56.63 -26.17
N GLY B 81 19.50 -56.39 -24.87
CA GLY B 81 20.57 -55.88 -24.05
C GLY B 81 20.76 -54.37 -24.05
N VAL B 82 19.79 -53.62 -24.56
CA VAL B 82 19.78 -52.17 -24.42
C VAL B 82 19.19 -51.86 -23.05
N LYS B 83 19.93 -51.14 -22.22
CA LYS B 83 19.49 -50.87 -20.86
CA LYS B 83 19.51 -50.87 -20.85
C LYS B 83 19.04 -49.43 -20.70
N TRP B 84 18.10 -49.23 -19.76
CA TRP B 84 17.75 -47.91 -19.25
C TRP B 84 18.73 -47.54 -18.15
N PHE B 85 19.18 -46.28 -18.14
CA PHE B 85 20.14 -45.79 -17.16
C PHE B 85 19.62 -44.52 -16.47
N THR B 86 19.94 -44.39 -15.19
CA THR B 86 19.67 -43.13 -14.50
C THR B 86 20.64 -42.04 -14.99
N SER B 87 20.36 -40.81 -14.58
CA SER B 87 21.24 -39.70 -14.94
CA SER B 87 21.23 -39.68 -14.93
C SER B 87 22.64 -39.87 -14.39
N ASP B 88 22.80 -40.68 -13.34
CA ASP B 88 24.10 -40.96 -12.75
C ASP B 88 24.69 -42.28 -13.21
N GLY B 89 24.13 -42.85 -14.27
CA GLY B 89 24.68 -44.04 -14.90
C GLY B 89 24.40 -45.34 -14.19
N GLU B 90 23.38 -45.39 -13.34
CA GLU B 90 22.97 -46.65 -12.72
C GLU B 90 22.01 -47.40 -13.63
N GLU B 91 22.30 -48.68 -13.87
CA GLU B 91 21.43 -49.48 -14.72
C GLU B 91 20.12 -49.74 -14.00
N TYR B 92 19.01 -49.53 -14.70
CA TYR B 92 17.69 -49.62 -14.09
C TYR B 92 16.88 -50.81 -14.57
N ALA B 93 16.89 -51.09 -15.87
CA ALA B 93 16.03 -52.12 -16.44
C ALA B 93 16.41 -52.33 -17.90
N GLU B 94 15.93 -53.43 -18.47
CA GLU B 94 16.11 -53.70 -19.89
C GLU B 94 15.04 -52.95 -20.68
N VAL B 95 15.44 -52.39 -21.83
CA VAL B 95 14.47 -51.82 -22.77
C VAL B 95 13.80 -52.99 -23.49
N THR B 96 12.46 -53.06 -23.42
CA THR B 96 11.74 -54.16 -24.06
C THR B 96 10.53 -53.58 -24.79
N ALA B 97 9.88 -54.45 -25.57
CA ALA B 97 8.74 -54.04 -26.38
C ALA B 97 7.64 -53.41 -25.54
N LYS B 98 7.43 -53.89 -24.32
CA LYS B 98 6.36 -53.30 -23.51
C LYS B 98 6.62 -51.84 -23.17
N ASP B 99 7.88 -51.37 -23.22
CA ASP B 99 8.15 -49.95 -23.02
C ASP B 99 7.50 -49.09 -24.10
N PHE B 100 7.37 -49.63 -25.31
CA PHE B 100 6.70 -48.88 -26.39
C PHE B 100 5.19 -48.95 -26.28
N VAL B 101 4.66 -50.06 -25.78
CA VAL B 101 3.23 -50.12 -25.46
C VAL B 101 2.92 -49.09 -24.40
N ASN B 102 3.74 -49.03 -23.34
CA ASN B 102 3.53 -48.05 -22.29
C ASN B 102 3.72 -46.63 -22.81
N GLY B 103 4.69 -46.43 -23.70
CA GLY B 103 4.91 -45.09 -24.25
C GLY B 103 3.66 -44.56 -24.93
N LEU B 104 3.08 -45.36 -25.83
CA LEU B 104 1.89 -44.90 -26.52
C LEU B 104 0.67 -44.85 -25.60
N LYS B 105 0.58 -45.74 -24.61
CA LYS B 105 -0.50 -45.61 -23.63
C LYS B 105 -0.38 -44.30 -22.85
N HIS B 106 0.84 -43.94 -22.44
CA HIS B 106 1.05 -42.68 -21.74
C HIS B 106 0.68 -41.49 -22.64
N ALA B 107 1.13 -41.52 -23.89
CA ALA B 107 0.80 -40.46 -24.84
C ALA B 107 -0.72 -40.31 -25.00
N ALA B 108 -1.44 -41.44 -24.98
CA ALA B 108 -2.89 -41.38 -25.10
C ALA B 108 -3.53 -40.88 -23.80
N ASP B 109 -3.09 -41.42 -22.66
CA ASP B 109 -3.72 -41.08 -21.38
C ASP B 109 -3.53 -39.61 -21.05
N LYS B 110 -2.38 -39.05 -21.37
CA LYS B 110 -2.12 -37.64 -21.10
C LYS B 110 -2.36 -36.75 -22.31
N LYS B 111 -3.00 -37.30 -23.36
CA LYS B 111 -3.44 -36.55 -24.54
C LYS B 111 -2.31 -35.71 -25.13
N SER B 112 -1.35 -36.44 -25.72
CA SER B 112 -0.15 -35.82 -26.26
C SER B 112 -0.48 -34.67 -27.21
N GLU B 113 0.31 -33.59 -27.12
CA GLU B 113 0.21 -32.47 -28.06
C GLU B 113 0.53 -32.87 -29.49
N ALA B 114 1.19 -34.01 -29.70
CA ALA B 114 1.51 -34.49 -31.04
C ALA B 114 0.64 -35.66 -31.47
N MET B 115 -0.53 -35.84 -30.85
CA MET B 115 -1.35 -37.01 -31.12
C MET B 115 -1.84 -37.08 -32.56
N TYR B 116 -1.86 -35.95 -33.31
CA TYR B 116 -2.28 -36.00 -34.71
C TYR B 116 -1.48 -37.04 -35.51
N LEU B 117 -0.22 -37.28 -35.14
CA LEU B 117 0.61 -38.28 -35.81
C LEU B 117 0.11 -39.71 -35.65
N ALA B 118 -0.67 -39.99 -34.63
CA ALA B 118 -0.96 -41.37 -34.26
C ALA B 118 -2.44 -41.71 -34.24
N GLU B 119 -3.31 -40.73 -33.95
CA GLU B 119 -4.69 -41.03 -33.61
C GLU B 119 -5.47 -41.67 -34.75
N ASN B 120 -5.15 -41.33 -36.00
CA ASN B 120 -5.83 -41.90 -37.15
C ASN B 120 -5.03 -42.99 -37.82
N SER B 121 -3.82 -43.28 -37.34
CA SER B 121 -2.97 -44.32 -37.91
C SER B 121 -3.03 -45.64 -37.15
N VAL B 122 -2.82 -45.61 -35.83
CA VAL B 122 -2.80 -46.85 -35.06
C VAL B 122 -4.23 -47.32 -34.86
N LYS B 123 -4.49 -48.57 -35.24
CA LYS B 123 -5.84 -49.13 -35.13
CA LYS B 123 -5.84 -49.12 -35.13
C LYS B 123 -6.32 -49.03 -33.69
N GLY B 124 -7.58 -48.59 -33.52
CA GLY B 124 -8.19 -48.54 -32.22
C GLY B 124 -7.78 -47.37 -31.34
N LEU B 125 -6.78 -46.58 -31.74
CA LEU B 125 -6.30 -45.51 -30.87
C LEU B 125 -7.34 -44.40 -30.74
N ALA B 126 -8.00 -44.02 -31.84
CA ALA B 126 -9.03 -42.97 -31.77
C ALA B 126 -10.17 -43.37 -30.84
N ASP B 127 -10.54 -44.65 -30.84
CA ASP B 127 -11.60 -45.13 -29.95
C ASP B 127 -11.16 -45.07 -28.49
N TYR B 128 -9.88 -45.37 -28.22
CA TYR B 128 -9.36 -45.26 -26.86
C TYR B 128 -9.34 -43.81 -26.41
N LEU B 129 -8.85 -42.91 -27.28
CA LEU B 129 -8.80 -41.49 -26.94
C LEU B 129 -10.19 -40.94 -26.62
N SER B 130 -11.21 -41.34 -27.38
CA SER B 130 -12.54 -40.77 -27.19
C SER B 130 -13.24 -41.34 -25.97
N GLY B 131 -12.76 -42.48 -25.45
CA GLY B 131 -13.42 -43.15 -24.36
C GLY B 131 -14.40 -44.23 -24.80
N THR B 132 -14.65 -44.34 -26.11
CA THR B 132 -15.40 -45.48 -26.64
C THR B 132 -14.83 -46.79 -26.10
N SER B 133 -13.50 -46.90 -26.07
CA SER B 133 -12.80 -47.95 -25.36
C SER B 133 -12.01 -47.33 -24.22
N THR B 134 -11.90 -48.06 -23.12
CA THR B 134 -11.03 -47.65 -22.02
C THR B 134 -10.03 -48.72 -21.66
N ASP B 135 -9.87 -49.75 -22.50
CA ASP B 135 -8.91 -50.82 -22.29
C ASP B 135 -7.87 -50.72 -23.40
N PHE B 136 -6.62 -50.41 -23.03
CA PHE B 136 -5.60 -50.16 -24.04
C PHE B 136 -5.23 -51.40 -24.83
N SER B 137 -5.59 -52.60 -24.36
CA SER B 137 -5.27 -53.79 -25.14
CA SER B 137 -5.28 -53.80 -25.14
C SER B 137 -6.04 -53.86 -26.45
N THR B 138 -7.00 -52.97 -26.67
CA THR B 138 -7.70 -52.88 -27.95
C THR B 138 -6.97 -52.00 -28.96
N VAL B 139 -5.91 -51.30 -28.54
CA VAL B 139 -5.15 -50.40 -29.41
C VAL B 139 -4.04 -51.21 -30.08
N GLY B 140 -3.77 -50.88 -31.35
CA GLY B 140 -2.88 -51.66 -32.19
C GLY B 140 -1.39 -51.47 -31.96
N VAL B 141 -0.96 -51.59 -30.71
CA VAL B 141 0.45 -51.76 -30.38
C VAL B 141 0.56 -52.89 -29.36
N LYS B 142 1.43 -53.85 -29.63
CA LYS B 142 1.42 -55.08 -28.85
C LYS B 142 2.86 -55.53 -28.60
N ALA B 143 3.16 -55.84 -27.35
CA ALA B 143 4.40 -56.54 -27.00
C ALA B 143 4.10 -58.02 -27.16
N VAL B 144 4.31 -58.53 -28.37
CA VAL B 144 4.08 -59.94 -28.65
C VAL B 144 4.92 -60.80 -27.72
N ASP B 145 6.17 -60.41 -27.53
CA ASP B 145 7.04 -60.93 -26.49
C ASP B 145 7.98 -59.79 -26.11
N ASP B 146 8.95 -60.08 -25.25
CA ASP B 146 9.81 -59.01 -24.76
C ASP B 146 10.58 -58.31 -25.88
N TYR B 147 10.89 -59.03 -26.97
CA TYR B 147 11.71 -58.41 -28.01
C TYR B 147 11.01 -58.38 -29.36
N THR B 148 9.68 -58.44 -29.37
CA THR B 148 8.90 -58.41 -30.61
C THR B 148 7.76 -57.41 -30.41
N LEU B 149 7.79 -56.32 -31.19
CA LEU B 149 6.85 -55.22 -31.03
C LEU B 149 6.06 -55.08 -32.32
N GLN B 150 4.73 -55.05 -32.21
CA GLN B 150 3.88 -55.07 -33.39
C GLN B 150 2.90 -53.90 -33.37
N TYR B 151 2.87 -53.12 -34.46
CA TYR B 151 1.89 -52.05 -34.65
C TYR B 151 0.97 -52.44 -35.79
N THR B 152 -0.32 -52.15 -35.63
CA THR B 152 -1.34 -52.43 -36.63
C THR B 152 -1.98 -51.11 -37.01
N LEU B 153 -2.06 -50.83 -38.31
CA LEU B 153 -2.51 -49.52 -38.80
C LEU B 153 -3.88 -49.62 -39.44
N ASN B 154 -4.56 -48.47 -39.47
CA ASN B 154 -5.89 -48.37 -40.08
C ASN B 154 -5.82 -48.43 -41.60
N GLN B 155 -4.71 -47.97 -42.18
CA GLN B 155 -4.53 -47.96 -43.63
C GLN B 155 -3.03 -48.01 -43.89
N PRO B 156 -2.60 -48.38 -45.09
CA PRO B 156 -1.15 -48.34 -45.38
C PRO B 156 -0.60 -46.94 -45.24
N GLU B 157 0.66 -46.85 -44.80
CA GLU B 157 1.34 -45.55 -44.64
C GLU B 157 2.79 -45.76 -45.05
N PRO B 158 3.15 -45.45 -46.30
CA PRO B 158 4.57 -45.57 -46.69
C PRO B 158 5.49 -44.74 -45.83
N PHE B 159 4.99 -43.68 -45.18
CA PHE B 159 5.78 -42.82 -44.31
C PHE B 159 5.71 -43.23 -42.83
N TRP B 160 5.10 -44.38 -42.52
CA TRP B 160 4.95 -44.81 -41.14
C TRP B 160 6.30 -44.90 -40.43
N ASN B 161 7.29 -45.57 -41.05
CA ASN B 161 8.56 -45.70 -40.34
C ASN B 161 9.19 -44.35 -40.04
N SER B 162 9.04 -43.36 -40.92
CA SER B 162 9.63 -42.05 -40.65
C SER B 162 9.03 -41.40 -39.42
N LYS B 163 7.81 -41.78 -39.03
CA LYS B 163 7.25 -41.28 -37.78
C LYS B 163 8.03 -41.77 -36.56
N LEU B 164 8.74 -42.89 -36.67
CA LEU B 164 9.32 -43.50 -35.49
C LEU B 164 10.59 -42.80 -35.04
N THR B 165 11.08 -41.82 -35.79
CA THR B 165 12.14 -40.96 -35.24
C THR B 165 11.59 -39.74 -34.54
N TYR B 166 10.27 -39.63 -34.41
CA TYR B 166 9.64 -38.55 -33.67
C TYR B 166 9.25 -39.06 -32.28
N SER B 167 9.27 -38.15 -31.30
CA SER B 167 9.30 -38.52 -29.88
C SER B 167 8.02 -39.14 -29.34
N ILE B 168 6.87 -38.96 -30.00
CA ILE B 168 5.66 -39.61 -29.48
C ILE B 168 5.78 -41.12 -29.54
N PHE B 169 6.71 -41.63 -30.35
CA PHE B 169 6.91 -43.07 -30.52
C PHE B 169 8.15 -43.58 -29.80
N TRP B 170 8.68 -42.80 -28.86
CA TRP B 170 9.79 -43.27 -28.02
C TRP B 170 9.26 -44.13 -26.87
N PRO B 171 10.11 -44.98 -26.29
CA PRO B 171 9.66 -45.84 -25.21
C PRO B 171 9.73 -45.15 -23.85
N LEU B 172 9.02 -45.74 -22.89
CA LEU B 172 8.99 -45.26 -21.52
C LEU B 172 8.82 -46.45 -20.59
N ASN B 173 9.77 -46.64 -19.68
CA ASN B 173 9.70 -47.76 -18.75
C ASN B 173 8.56 -47.54 -17.74
N GLU B 174 7.62 -48.49 -17.66
CA GLU B 174 6.44 -48.33 -16.81
C GLU B 174 6.82 -48.34 -15.33
N GLU B 175 7.72 -49.22 -14.95
CA GLU B 175 8.14 -49.31 -13.53
C GLU B 175 8.64 -47.94 -13.06
N PHE B 176 9.44 -47.30 -13.90
CA PHE B 176 10.00 -46.00 -13.50
C PHE B 176 8.91 -44.94 -13.43
N GLU B 177 8.07 -44.88 -14.47
CA GLU B 177 6.97 -43.88 -14.54
C GLU B 177 6.05 -44.03 -13.32
N THR B 178 5.78 -45.26 -12.89
CA THR B 178 4.88 -45.52 -11.73
C THR B 178 5.56 -45.01 -10.47
N SER B 179 6.83 -45.35 -10.33
CA SER B 179 7.64 -45.00 -9.16
C SER B 179 7.76 -43.48 -8.97
N LYS B 180 7.92 -42.73 -10.04
CA LYS B 180 8.10 -41.27 -9.91
C LYS B 180 6.79 -40.56 -9.64
N GLY B 181 5.71 -41.12 -10.13
CA GLY B 181 4.41 -40.52 -9.88
C GLY B 181 4.38 -39.10 -10.42
N SER B 182 3.93 -38.15 -9.60
CA SER B 182 3.83 -36.76 -10.04
C SER B 182 5.20 -36.10 -10.18
N ASP B 183 6.27 -36.75 -9.73
CA ASP B 183 7.61 -36.20 -9.91
C ASP B 183 8.22 -36.53 -11.27
N PHE B 184 7.48 -37.22 -12.14
CA PHE B 184 8.01 -37.68 -13.42
C PHE B 184 8.21 -36.52 -14.38
N ALA B 185 9.38 -36.50 -15.04
CA ALA B 185 9.65 -35.61 -16.19
C ALA B 185 9.56 -34.14 -15.81
N LYS B 186 10.05 -33.80 -14.61
CA LYS B 186 10.05 -32.41 -14.13
C LYS B 186 11.19 -31.65 -14.79
N PRO B 187 10.95 -30.42 -15.27
CA PRO B 187 11.87 -29.82 -16.25
C PRO B 187 13.19 -29.32 -15.69
N THR B 188 13.41 -29.29 -14.38
CA THR B 188 14.75 -28.98 -13.87
C THR B 188 15.41 -30.18 -13.20
N ASP B 189 14.85 -31.38 -13.37
CA ASP B 189 15.33 -32.55 -12.64
C ASP B 189 15.71 -33.69 -13.58
N PRO B 190 16.99 -33.83 -13.91
CA PRO B 190 17.40 -34.96 -14.76
C PRO B 190 17.19 -36.34 -14.13
N THR B 191 16.97 -36.45 -12.82
CA THR B 191 16.70 -37.74 -12.21
C THR B 191 15.26 -38.20 -12.46
N SER B 192 14.43 -37.38 -13.09
CA SER B 192 13.03 -37.70 -13.30
C SER B 192 12.75 -38.35 -14.66
N LEU B 193 13.80 -38.64 -15.44
CA LEU B 193 13.75 -39.49 -16.63
C LEU B 193 14.79 -40.58 -16.50
N LEU B 194 14.64 -41.63 -17.31
CA LEU B 194 15.67 -42.63 -17.59
C LEU B 194 16.12 -42.50 -19.04
N TYR B 195 17.34 -42.97 -19.31
CA TYR B 195 18.01 -42.75 -20.58
C TYR B 195 18.46 -44.08 -21.17
N ASN B 196 18.15 -44.29 -22.45
CA ASN B 196 18.65 -45.46 -23.16
C ASN B 196 19.54 -45.08 -24.33
N GLY B 197 19.81 -43.79 -24.53
CA GLY B 197 20.44 -43.30 -25.74
C GLY B 197 21.94 -43.06 -25.63
N PRO B 198 22.50 -42.35 -26.61
CA PRO B 198 23.98 -42.17 -26.63
C PRO B 198 24.51 -41.35 -25.49
N PHE B 199 23.68 -40.53 -24.84
CA PHE B 199 24.14 -39.71 -23.73
C PHE B 199 23.16 -39.84 -22.58
N LEU B 200 23.60 -39.40 -21.40
CA LEU B 200 22.74 -39.24 -20.24
C LEU B 200 22.57 -37.76 -19.98
N LEU B 201 21.33 -37.31 -19.80
CA LEU B 201 21.08 -35.96 -19.33
C LEU B 201 21.54 -35.84 -17.88
N LYS B 202 22.52 -34.97 -17.64
CA LYS B 202 23.25 -34.88 -16.38
C LYS B 202 22.86 -33.67 -15.54
N GLY B 203 22.53 -32.55 -16.19
CA GLY B 203 22.22 -31.29 -15.52
C GLY B 203 21.21 -30.47 -16.28
N LEU B 204 20.30 -29.84 -15.55
CA LEU B 204 19.35 -28.87 -16.09
C LEU B 204 19.27 -27.73 -15.10
N THR B 205 19.66 -26.54 -15.51
CA THR B 205 19.56 -25.37 -14.66
C THR B 205 18.84 -24.27 -15.43
N ALA B 206 17.73 -23.78 -14.88
CA ALA B 206 16.91 -22.80 -15.60
C ALA B 206 17.73 -21.59 -15.98
N LYS B 207 17.50 -21.12 -17.22
CA LYS B 207 18.18 -19.96 -17.80
C LYS B 207 19.69 -20.02 -17.62
N SER B 208 20.25 -21.23 -17.72
CA SER B 208 21.69 -21.38 -17.52
C SER B 208 22.28 -22.45 -18.43
N SER B 209 21.89 -23.71 -18.24
CA SER B 209 22.56 -24.76 -18.99
C SER B 209 21.75 -26.05 -19.06
N VAL B 210 22.07 -26.82 -20.09
CA VAL B 210 21.65 -28.20 -20.30
C VAL B 210 22.93 -29.01 -20.47
N GLU B 211 23.06 -30.12 -19.76
CA GLU B 211 24.33 -30.85 -19.67
C GLU B 211 24.13 -32.34 -19.91
N PHE B 212 24.99 -32.95 -20.74
CA PHE B 212 24.96 -34.39 -21.00
C PHE B 212 26.36 -34.98 -20.87
N VAL B 213 26.41 -36.26 -20.50
CA VAL B 213 27.65 -37.03 -20.56
C VAL B 213 27.45 -38.24 -21.45
N LYS B 214 28.53 -38.67 -22.09
CA LYS B 214 28.45 -39.88 -22.91
C LYS B 214 28.00 -41.08 -22.09
N ASN B 215 27.08 -41.87 -22.66
CA ASN B 215 26.65 -43.11 -22.03
C ASN B 215 27.70 -44.17 -22.34
N GLU B 216 28.57 -44.48 -21.35
CA GLU B 216 29.68 -45.38 -21.63
C GLU B 216 29.26 -46.83 -21.78
N GLN B 217 28.01 -47.19 -21.47
CA GLN B 217 27.50 -48.54 -21.69
C GLN B 217 26.56 -48.65 -22.89
N TYR B 218 26.55 -47.64 -23.77
CA TYR B 218 25.62 -47.60 -24.90
C TYR B 218 25.99 -48.64 -25.94
N TRP B 219 24.96 -49.36 -26.43
CA TRP B 219 25.19 -50.42 -27.40
C TRP B 219 25.87 -49.89 -28.66
N ASP B 220 25.67 -48.62 -28.99
CA ASP B 220 26.23 -48.04 -30.21
C ASP B 220 27.29 -46.98 -29.89
N LYS B 221 28.01 -47.16 -28.78
CA LYS B 221 28.97 -46.12 -28.42
C LYS B 221 30.08 -46.01 -29.46
N GLU B 222 30.26 -47.02 -30.32
CA GLU B 222 31.25 -46.89 -31.38
C GLU B 222 30.93 -45.77 -32.35
N ASN B 223 29.68 -45.32 -32.38
CA ASN B 223 29.25 -44.22 -33.23
C ASN B 223 29.06 -42.91 -32.45
N VAL B 224 29.60 -42.82 -31.24
CA VAL B 224 29.46 -41.65 -30.39
C VAL B 224 30.85 -41.08 -30.16
N HIS B 225 31.08 -39.85 -30.60
CA HIS B 225 32.44 -39.31 -30.61
C HIS B 225 32.58 -38.05 -29.76
N LEU B 226 31.64 -37.81 -28.86
CA LEU B 226 31.67 -36.68 -27.94
C LEU B 226 31.63 -37.23 -26.53
N ASP B 227 32.52 -36.71 -25.69
CA ASP B 227 32.53 -37.12 -24.29
C ASP B 227 31.47 -36.39 -23.48
N THR B 228 31.22 -35.13 -23.81
CA THR B 228 30.30 -34.29 -23.07
C THR B 228 29.59 -33.35 -24.03
N ILE B 229 28.41 -32.89 -23.60
CA ILE B 229 27.62 -31.88 -24.30
C ILE B 229 27.21 -30.84 -23.27
N ASN B 230 27.48 -29.57 -23.58
CA ASN B 230 27.04 -28.47 -22.74
C ASN B 230 26.34 -27.43 -23.61
N LEU B 231 25.10 -27.11 -23.26
CA LEU B 231 24.34 -26.08 -23.96
C LEU B 231 24.09 -24.94 -22.98
N ALA B 232 24.63 -23.77 -23.28
CA ALA B 232 24.46 -22.58 -22.45
C ALA B 232 23.22 -21.78 -22.88
N TYR B 233 22.55 -21.19 -21.91
CA TYR B 233 21.33 -20.44 -22.21
C TYR B 233 21.67 -19.18 -23.00
N TYR B 234 20.92 -18.96 -24.09
CA TYR B 234 21.13 -17.84 -24.99
C TYR B 234 19.78 -17.20 -25.27
N ASP B 235 19.64 -15.92 -24.92
CA ASP B 235 18.36 -15.23 -25.06
C ASP B 235 18.34 -14.20 -26.18
N GLY B 236 19.44 -14.07 -26.93
CA GLY B 236 19.49 -13.14 -28.03
C GLY B 236 19.89 -11.73 -27.67
N SER B 237 20.18 -11.44 -26.41
CA SER B 237 20.54 -10.07 -26.05
C SER B 237 21.98 -9.73 -26.38
N ASP B 238 22.83 -10.74 -26.59
CA ASP B 238 24.25 -10.53 -26.91
C ASP B 238 24.57 -11.46 -28.06
N GLN B 239 24.11 -11.10 -29.27
CA GLN B 239 24.25 -12.01 -30.40
C GLN B 239 25.72 -12.26 -30.74
N GLU B 240 26.59 -11.28 -30.47
CA GLU B 240 28.02 -11.46 -30.68
C GLU B 240 28.64 -12.51 -29.76
N SER B 241 27.93 -12.98 -28.74
CA SER B 241 28.50 -13.98 -27.85
C SER B 241 28.75 -15.32 -28.53
N LEU B 242 27.98 -15.64 -29.58
CA LEU B 242 28.18 -16.91 -30.25
C LEU B 242 29.58 -16.99 -30.88
N GLU B 243 29.96 -15.98 -31.65
CA GLU B 243 31.30 -15.98 -32.23
C GLU B 243 32.38 -15.81 -31.16
N ARG B 244 32.12 -14.95 -30.18
CA ARG B 244 33.10 -14.72 -29.12
C ARG B 244 33.45 -16.02 -28.40
N ASN B 245 32.43 -16.81 -28.07
CA ASN B 245 32.66 -18.08 -27.37
C ASN B 245 33.17 -19.17 -28.29
N PHE B 246 32.86 -19.09 -29.59
CA PHE B 246 33.52 -19.97 -30.54
C PHE B 246 35.01 -19.68 -30.62
N THR B 247 35.38 -18.40 -30.75
CA THR B 247 36.78 -18.02 -30.91
C THR B 247 37.59 -18.33 -29.66
N SER B 248 36.97 -18.26 -28.49
CA SER B 248 37.67 -18.64 -27.27
C SER B 248 37.81 -20.15 -27.10
N GLY B 249 37.13 -20.93 -27.95
CA GLY B 249 37.15 -22.37 -27.86
C GLY B 249 36.01 -22.99 -27.07
N ALA B 250 35.22 -22.18 -26.38
CA ALA B 250 34.11 -22.71 -25.58
C ALA B 250 33.06 -23.41 -26.45
N TYR B 251 32.69 -22.79 -27.57
CA TYR B 251 31.65 -23.35 -28.43
C TYR B 251 32.28 -24.08 -29.62
N SER B 252 31.59 -25.14 -30.06
CA SER B 252 32.03 -25.96 -31.19
C SER B 252 31.54 -25.43 -32.53
N TYR B 253 30.74 -24.38 -32.53
CA TYR B 253 29.91 -23.94 -33.64
C TYR B 253 29.51 -22.51 -33.32
N ALA B 254 29.23 -21.70 -34.35
CA ALA B 254 28.65 -20.37 -34.14
C ALA B 254 27.85 -19.96 -35.35
N ARG B 255 26.57 -19.69 -35.15
CA ARG B 255 25.80 -18.97 -36.17
C ARG B 255 26.15 -17.49 -36.13
N LEU B 256 26.45 -16.91 -37.27
CA LEU B 256 26.89 -15.52 -37.32
C LEU B 256 25.74 -14.60 -37.73
N TYR B 257 25.81 -13.36 -37.26
CA TYR B 257 24.80 -12.36 -37.58
C TYR B 257 25.46 -11.17 -38.26
N PRO B 258 25.44 -11.11 -39.59
CA PRO B 258 26.17 -10.05 -40.31
C PRO B 258 25.74 -8.64 -39.95
N THR B 259 24.65 -8.45 -39.20
CA THR B 259 24.28 -7.10 -38.78
C THR B 259 24.91 -6.70 -37.44
N SER B 260 25.64 -7.61 -36.79
CA SER B 260 26.30 -7.29 -35.53
C SER B 260 27.31 -6.16 -35.71
N SER B 261 27.48 -5.36 -34.65
CA SER B 261 28.35 -4.18 -34.72
C SER B 261 29.78 -4.53 -35.12
N ASN B 262 30.27 -5.70 -34.72
CA ASN B 262 31.65 -6.10 -34.97
C ASN B 262 31.81 -7.01 -36.17
N TYR B 263 30.80 -7.12 -37.04
CA TYR B 263 30.86 -8.19 -38.03
C TYR B 263 31.95 -7.97 -39.06
N SER B 264 32.31 -6.71 -39.35
CA SER B 264 33.41 -6.47 -40.28
C SER B 264 34.66 -7.20 -39.83
N LYS B 265 35.02 -7.05 -38.56
CA LYS B 265 36.24 -7.70 -38.05
C LYS B 265 36.13 -9.22 -38.15
N VAL B 266 34.98 -9.77 -37.76
CA VAL B 266 34.77 -11.21 -37.80
C VAL B 266 34.89 -11.73 -39.24
N ALA B 267 34.26 -11.04 -40.18
CA ALA B 267 34.21 -11.52 -41.56
C ALA B 267 35.59 -11.58 -42.18
N GLU B 268 36.44 -10.59 -41.91
CA GLU B 268 37.76 -10.60 -42.51
C GLU B 268 38.72 -11.49 -41.73
N GLU B 269 38.54 -11.60 -40.41
CA GLU B 269 39.31 -12.57 -39.62
C GLU B 269 38.99 -14.01 -40.06
N TYR B 270 37.72 -14.29 -40.37
CA TYR B 270 37.27 -15.64 -40.71
C TYR B 270 36.88 -15.76 -42.18
N LYS B 271 37.50 -14.96 -43.04
CA LYS B 271 37.17 -14.96 -44.46
C LYS B 271 37.28 -16.35 -45.06
N ASP B 272 38.26 -17.14 -44.61
CA ASP B 272 38.48 -18.48 -45.14
C ASP B 272 37.50 -19.52 -44.59
N ASN B 273 36.69 -19.18 -43.60
CA ASN B 273 35.97 -20.17 -42.81
C ASN B 273 34.46 -20.04 -42.83
N ILE B 274 33.93 -18.84 -43.10
CA ILE B 274 32.49 -18.66 -43.10
C ILE B 274 31.88 -19.40 -44.30
N TYR B 275 30.89 -20.26 -44.03
CA TYR B 275 30.16 -20.93 -45.08
C TYR B 275 28.68 -20.88 -44.73
N TYR B 276 27.84 -21.08 -45.76
CA TYR B 276 26.40 -20.99 -45.61
C TYR B 276 25.80 -22.39 -45.62
N THR B 277 24.90 -22.65 -44.67
CA THR B 277 24.21 -23.93 -44.63
C THR B 277 22.99 -23.87 -45.54
N GLN B 278 22.49 -25.06 -45.91
CA GLN B 278 21.29 -25.09 -46.73
C GLN B 278 20.07 -24.76 -45.86
N SER B 279 18.99 -24.32 -46.53
CA SER B 279 17.76 -24.01 -45.82
C SER B 279 17.20 -25.26 -45.15
N GLY B 280 16.70 -25.08 -43.94
CA GLY B 280 15.99 -26.15 -43.26
C GLY B 280 14.57 -26.36 -43.78
N SER B 281 13.93 -27.41 -43.28
CA SER B 281 12.60 -27.80 -43.72
CA SER B 281 12.60 -27.79 -43.72
C SER B 281 11.48 -27.12 -42.93
N GLY B 282 11.79 -26.50 -41.80
CA GLY B 282 10.76 -25.83 -41.02
C GLY B 282 10.43 -24.46 -41.59
N ILE B 283 9.21 -23.99 -41.32
CA ILE B 283 8.71 -22.74 -41.87
C ILE B 283 8.67 -21.68 -40.77
N ALA B 284 9.25 -20.52 -41.06
CA ALA B 284 9.11 -19.33 -40.22
C ALA B 284 8.26 -18.29 -40.93
N GLY B 285 7.36 -17.65 -40.20
CA GLY B 285 6.49 -16.66 -40.81
C GLY B 285 5.61 -16.02 -39.77
N LEU B 286 4.53 -15.39 -40.22
CA LEU B 286 3.66 -14.61 -39.33
C LEU B 286 2.27 -15.22 -39.35
N GLY B 287 1.81 -15.65 -38.17
CA GLY B 287 0.45 -16.14 -38.06
C GLY B 287 -0.51 -14.98 -37.84
N VAL B 288 -1.75 -15.19 -38.25
CA VAL B 288 -2.83 -14.21 -38.10
C VAL B 288 -3.80 -14.76 -37.09
N ASN B 289 -4.08 -13.99 -36.04
CA ASN B 289 -5.04 -14.41 -35.02
C ASN B 289 -6.44 -14.05 -35.52
N ILE B 290 -7.21 -15.05 -35.95
CA ILE B 290 -8.52 -14.75 -36.50
C ILE B 290 -9.61 -14.72 -35.44
N ASP B 291 -9.29 -14.88 -34.17
CA ASP B 291 -10.32 -14.94 -33.13
C ASP B 291 -9.77 -14.46 -31.79
N ARG B 292 -9.18 -13.26 -31.77
CA ARG B 292 -8.46 -12.81 -30.58
C ARG B 292 -9.41 -12.68 -29.38
N GLN B 293 -8.98 -13.20 -28.23
CA GLN B 293 -9.79 -13.19 -27.02
C GLN B 293 -9.28 -12.23 -25.95
N SER B 294 -7.97 -12.09 -25.81
CA SER B 294 -7.38 -11.32 -24.72
CA SER B 294 -7.38 -11.32 -24.72
C SER B 294 -6.58 -10.15 -25.27
N TYR B 295 -6.59 -9.03 -24.51
CA TYR B 295 -5.96 -7.77 -24.91
C TYR B 295 -5.10 -7.22 -23.78
N ASN B 296 -4.31 -8.08 -23.13
CA ASN B 296 -3.37 -7.59 -22.12
C ASN B 296 -2.16 -6.91 -22.73
N TYR B 297 -1.87 -7.15 -24.01
CA TYR B 297 -0.69 -6.61 -24.68
C TYR B 297 -1.18 -5.92 -25.95
N THR B 298 -1.62 -4.67 -25.81
CA THR B 298 -2.24 -3.98 -26.95
C THR B 298 -1.97 -2.49 -26.86
N SER B 299 -1.87 -1.86 -28.04
CA SER B 299 -1.90 -0.40 -28.10
C SER B 299 -3.28 0.15 -28.37
N LYS B 300 -4.26 -0.70 -28.67
CA LYS B 300 -5.61 -0.23 -28.91
C LYS B 300 -6.26 0.22 -27.62
N THR B 301 -7.00 1.32 -27.69
CA THR B 301 -7.62 1.89 -26.50
C THR B 301 -9.14 1.85 -26.52
N THR B 302 -9.75 1.50 -27.65
CA THR B 302 -11.20 1.57 -27.78
C THR B 302 -11.72 0.23 -28.29
N ASP B 303 -12.95 -0.07 -27.95
CA ASP B 303 -13.63 -1.29 -28.45
C ASP B 303 -13.75 -1.17 -29.97
N SER B 304 -13.91 0.05 -30.47
CA SER B 304 -14.06 0.29 -31.93
C SER B 304 -12.79 -0.18 -32.64
N GLU B 305 -11.64 0.09 -32.07
CA GLU B 305 -10.39 -0.38 -32.72
C GLU B 305 -10.30 -1.91 -32.67
N LYS B 306 -10.70 -2.50 -31.55
CA LYS B 306 -10.59 -3.96 -31.45
C LYS B 306 -11.52 -4.65 -32.44
N VAL B 307 -12.74 -4.12 -32.60
CA VAL B 307 -13.65 -4.70 -33.60
C VAL B 307 -13.11 -4.45 -35.00
N ALA B 308 -12.54 -3.26 -35.25
CA ALA B 308 -11.98 -2.96 -36.56
C ALA B 308 -10.91 -3.98 -36.93
N THR B 309 -9.98 -4.24 -36.01
CA THR B 309 -8.92 -5.20 -36.27
C THR B 309 -9.47 -6.61 -36.44
N LYS B 310 -10.45 -7.00 -35.63
CA LYS B 310 -11.00 -8.35 -35.79
C LYS B 310 -11.63 -8.53 -37.16
N LYS B 311 -12.36 -7.52 -37.64
CA LYS B 311 -13.01 -7.65 -38.94
C LYS B 311 -12.00 -7.64 -40.07
N ALA B 312 -10.97 -6.79 -39.96
CA ALA B 312 -9.91 -6.77 -40.98
C ALA B 312 -9.22 -8.12 -41.11
N LEU B 313 -8.89 -8.75 -39.98
CA LEU B 313 -8.17 -10.02 -40.07
C LEU B 313 -9.04 -11.15 -40.61
N LEU B 314 -10.37 -11.02 -40.57
CA LEU B 314 -11.24 -12.00 -41.19
C LEU B 314 -11.42 -11.75 -42.68
N ASN B 315 -10.88 -10.66 -43.20
CA ASN B 315 -11.02 -10.32 -44.62
C ASN B 315 -9.80 -10.83 -45.37
N LYS B 316 -10.03 -11.69 -46.35
CA LYS B 316 -8.92 -12.33 -47.04
C LYS B 316 -8.08 -11.31 -47.81
N ASP B 317 -8.71 -10.32 -48.43
CA ASP B 317 -7.94 -9.35 -49.19
C ASP B 317 -7.05 -8.51 -48.30
N PHE B 318 -7.52 -8.20 -47.09
CA PHE B 318 -6.65 -7.54 -46.12
C PHE B 318 -5.44 -8.41 -45.79
N ARG B 319 -5.67 -9.71 -45.54
CA ARG B 319 -4.55 -10.60 -45.22
C ARG B 319 -3.60 -10.72 -46.40
N GLN B 320 -4.15 -10.76 -47.61
CA GLN B 320 -3.30 -10.79 -48.80
C GLN B 320 -2.48 -9.52 -48.93
N ALA B 321 -3.07 -8.37 -48.59
CA ALA B 321 -2.32 -7.12 -48.64
C ALA B 321 -1.10 -7.17 -47.73
N LEU B 322 -1.25 -7.73 -46.52
CA LEU B 322 -0.09 -7.88 -45.63
C LEU B 322 0.93 -8.82 -46.24
N ASN B 323 0.45 -9.91 -46.81
CA ASN B 323 1.31 -10.95 -47.38
C ASN B 323 2.14 -10.39 -48.53
N PHE B 324 1.49 -9.62 -49.41
CA PHE B 324 2.19 -9.06 -50.55
C PHE B 324 3.05 -7.85 -50.18
N ALA B 325 2.80 -7.22 -49.03
CA ALA B 325 3.58 -6.05 -48.65
C ALA B 325 4.85 -6.40 -47.89
N LEU B 326 4.96 -7.63 -47.38
CA LEU B 326 6.16 -8.03 -46.63
C LEU B 326 7.32 -8.24 -47.59
N ASP B 327 8.39 -7.48 -47.40
CA ASP B 327 9.63 -7.68 -48.16
C ASP B 327 10.44 -8.72 -47.41
N ARG B 328 10.40 -9.97 -47.88
CA ARG B 328 11.04 -11.06 -47.14
C ARG B 328 12.55 -10.98 -47.24
N SER B 329 13.09 -10.37 -48.30
CA SER B 329 14.54 -10.20 -48.36
CA SER B 329 14.54 -10.20 -48.36
C SER B 329 15.02 -9.23 -47.28
N ALA B 330 14.28 -8.13 -47.08
CA ALA B 330 14.61 -7.19 -46.02
C ALA B 330 14.40 -7.79 -44.64
N TYR B 331 13.31 -8.55 -44.47
CA TYR B 331 13.08 -9.29 -43.23
C TYR B 331 14.25 -10.21 -42.91
N SER B 332 14.63 -11.05 -43.88
CA SER B 332 15.71 -12.00 -43.63
C SER B 332 17.04 -11.28 -43.43
N ALA B 333 17.20 -10.12 -44.08
CA ALA B 333 18.45 -9.35 -43.94
C ALA B 333 18.67 -8.85 -42.53
N GLN B 334 17.62 -8.75 -41.71
CA GLN B 334 17.80 -8.28 -40.33
C GLN B 334 18.62 -9.26 -39.50
N ILE B 335 18.63 -10.54 -39.86
CA ILE B 335 19.53 -11.49 -39.22
C ILE B 335 20.64 -11.96 -40.14
N ASN B 336 20.46 -11.90 -41.46
CA ASN B 336 21.44 -12.46 -42.39
C ASN B 336 22.25 -11.42 -43.15
N GLY B 337 21.97 -10.14 -42.99
CA GLY B 337 22.65 -9.14 -43.80
C GLY B 337 22.14 -9.13 -45.23
N LYS B 338 22.49 -8.09 -46.00
CA LYS B 338 21.90 -7.95 -47.33
C LYS B 338 22.38 -9.04 -48.28
N ASP B 339 23.67 -9.40 -48.19
CA ASP B 339 24.25 -10.29 -49.19
C ASP B 339 23.57 -11.65 -49.22
N GLY B 340 23.44 -12.28 -48.06
CA GLY B 340 22.86 -13.60 -47.98
C GLY B 340 21.38 -13.64 -47.66
N ALA B 341 20.70 -12.49 -47.66
CA ALA B 341 19.31 -12.44 -47.20
C ALA B 341 18.40 -13.35 -48.03
N ALA B 342 18.58 -13.37 -49.35
CA ALA B 342 17.61 -14.07 -50.20
C ALA B 342 17.66 -15.59 -49.97
N LEU B 343 18.79 -16.12 -49.49
CA LEU B 343 18.94 -17.57 -49.38
C LEU B 343 17.85 -18.19 -48.52
N ALA B 344 17.44 -17.52 -47.45
CA ALA B 344 16.51 -18.09 -46.49
C ALA B 344 15.05 -17.87 -46.84
N VAL B 345 14.76 -17.06 -47.85
CA VAL B 345 13.37 -16.71 -48.13
C VAL B 345 12.58 -17.94 -48.54
N ARG B 346 11.38 -18.07 -47.97
CA ARG B 346 10.47 -19.16 -48.31
C ARG B 346 9.09 -18.57 -48.57
N ASN B 347 8.41 -19.09 -49.59
CA ASN B 347 7.12 -18.56 -50.07
C ASN B 347 5.95 -19.49 -49.80
N LEU B 348 6.18 -20.60 -49.08
CA LEU B 348 5.23 -21.70 -49.01
C LEU B 348 5.38 -22.35 -47.65
N PHE B 349 4.26 -22.68 -47.02
CA PHE B 349 4.33 -23.34 -45.71
C PHE B 349 5.08 -24.66 -45.80
N VAL B 350 4.66 -25.56 -46.70
CA VAL B 350 5.41 -26.75 -47.06
C VAL B 350 6.65 -26.34 -47.86
N LYS B 351 7.81 -26.85 -47.46
CA LYS B 351 9.01 -26.59 -48.24
C LYS B 351 8.81 -27.06 -49.68
N PRO B 352 9.13 -26.25 -50.69
CA PRO B 352 8.67 -26.54 -52.05
C PRO B 352 9.13 -27.89 -52.60
N ASP B 353 10.32 -28.36 -52.24
CA ASP B 353 10.76 -29.66 -52.73
C ASP B 353 10.69 -30.74 -51.65
N PHE B 354 9.84 -30.54 -50.64
CA PHE B 354 9.69 -31.51 -49.55
C PHE B 354 9.32 -32.90 -50.09
N VAL B 355 8.47 -32.96 -51.11
CA VAL B 355 8.20 -34.15 -51.89
C VAL B 355 8.09 -33.73 -53.34
N SER B 356 8.14 -34.71 -54.24
CA SER B 356 7.91 -34.52 -55.66
C SER B 356 6.99 -35.61 -56.19
N ALA B 357 6.25 -35.27 -57.23
CA ALA B 357 5.44 -36.24 -57.98
C ALA B 357 6.05 -36.31 -59.37
N GLY B 358 6.76 -37.40 -59.66
CA GLY B 358 7.53 -37.43 -60.90
C GLY B 358 8.56 -36.32 -60.91
N GLU B 359 8.64 -35.60 -62.03
CA GLU B 359 9.58 -34.50 -62.17
C GLU B 359 9.06 -33.20 -61.57
N LYS B 360 7.89 -33.19 -60.96
CA LYS B 360 7.30 -31.97 -60.43
C LYS B 360 7.43 -31.96 -58.92
N THR B 361 8.04 -30.90 -58.39
CA THR B 361 8.11 -30.66 -56.96
C THR B 361 6.73 -30.32 -56.40
N PHE B 362 6.60 -30.44 -55.08
CA PHE B 362 5.36 -29.98 -54.44
C PHE B 362 5.06 -28.54 -54.80
N GLY B 363 6.08 -27.70 -54.90
CA GLY B 363 5.85 -26.30 -55.26
C GLY B 363 5.30 -26.16 -56.67
N ASP B 364 5.80 -26.97 -57.60
CA ASP B 364 5.25 -26.99 -58.96
C ASP B 364 3.77 -27.32 -58.96
N LEU B 365 3.37 -28.33 -58.17
CA LEU B 365 1.98 -28.74 -58.10
C LEU B 365 1.12 -27.65 -57.51
N VAL B 366 1.63 -26.94 -56.50
CA VAL B 366 0.86 -25.82 -55.95
C VAL B 366 0.71 -24.73 -57.00
N ALA B 367 1.82 -24.37 -57.66
CA ALA B 367 1.76 -23.29 -58.63
C ALA B 367 0.81 -23.60 -59.79
N ALA B 368 0.64 -24.88 -60.12
CA ALA B 368 -0.26 -25.23 -61.21
C ALA B 368 -1.72 -24.96 -60.87
N GLN B 369 -2.06 -25.01 -59.58
CA GLN B 369 -3.44 -24.86 -59.14
C GLN B 369 -3.78 -23.48 -58.62
N LEU B 370 -2.80 -22.75 -58.08
CA LEU B 370 -3.05 -21.43 -57.50
C LEU B 370 -3.74 -20.42 -58.43
N PRO B 371 -3.43 -20.34 -59.73
CA PRO B 371 -4.09 -19.32 -60.55
C PRO B 371 -5.62 -19.41 -60.58
N ALA B 372 -6.23 -20.55 -60.24
CA ALA B 372 -7.70 -20.56 -60.17
C ALA B 372 -8.21 -19.49 -59.19
N TYR B 373 -7.45 -19.26 -58.11
CA TYR B 373 -7.85 -18.32 -57.07
C TYR B 373 -7.73 -16.86 -57.53
N GLY B 374 -6.99 -16.60 -58.60
CA GLY B 374 -6.84 -15.24 -59.09
C GLY B 374 -5.67 -15.07 -60.03
N ASP B 375 -5.82 -14.16 -60.99
CA ASP B 375 -4.74 -13.86 -61.95
C ASP B 375 -3.49 -13.32 -61.26
N GLU B 376 -3.62 -12.78 -60.05
CA GLU B 376 -2.47 -12.30 -59.31
C GLU B 376 -1.46 -13.40 -59.01
N TRP B 377 -1.89 -14.65 -59.00
CA TRP B 377 -1.00 -15.79 -58.77
C TRP B 377 -0.37 -16.32 -60.04
N LYS B 378 -0.82 -15.84 -61.20
CA LYS B 378 -0.27 -16.32 -62.47
C LYS B 378 1.20 -15.94 -62.56
N GLY B 379 2.04 -16.95 -62.81
CA GLY B 379 3.46 -16.75 -62.96
C GLY B 379 4.23 -16.61 -61.67
N VAL B 380 3.57 -16.65 -60.51
CA VAL B 380 4.24 -16.47 -59.24
C VAL B 380 5.23 -17.62 -59.00
N ASN B 381 6.46 -17.26 -58.62
CA ASN B 381 7.52 -18.20 -58.33
C ASN B 381 7.48 -18.57 -56.85
N LEU B 382 7.28 -19.85 -56.55
CA LEU B 382 7.19 -20.32 -55.18
C LEU B 382 8.48 -20.96 -54.69
N ALA B 383 9.54 -20.91 -55.48
CA ALA B 383 10.81 -21.53 -55.13
C ALA B 383 11.47 -20.84 -53.94
N ASP B 384 12.21 -21.63 -53.16
CA ASP B 384 13.05 -21.07 -52.09
C ASP B 384 14.11 -20.15 -52.70
N GLY B 385 14.61 -19.23 -51.87
CA GLY B 385 15.78 -18.46 -52.24
C GLY B 385 15.49 -17.20 -53.01
N GLN B 386 14.22 -16.88 -53.20
CA GLN B 386 13.80 -15.64 -53.83
C GLN B 386 12.42 -15.32 -53.28
N ASP B 387 12.06 -14.06 -53.34
CA ASP B 387 10.79 -13.58 -52.79
C ASP B 387 9.81 -13.54 -53.94
N GLY B 388 8.92 -14.53 -54.00
CA GLY B 388 7.93 -14.57 -55.06
C GLY B 388 6.65 -13.87 -54.71
N LEU B 389 6.45 -13.56 -53.43
CA LEU B 389 5.19 -12.98 -52.96
C LEU B 389 5.23 -11.45 -52.84
N PHE B 390 6.39 -10.85 -52.56
CA PHE B 390 6.45 -9.41 -52.35
C PHE B 390 6.14 -8.65 -53.64
N ASN B 391 5.10 -7.81 -53.60
CA ASN B 391 4.71 -7.03 -54.77
C ASN B 391 3.86 -5.87 -54.27
N ALA B 392 4.41 -4.65 -54.29
CA ALA B 392 3.73 -3.50 -53.71
C ALA B 392 2.43 -3.19 -54.46
N ASP B 393 2.46 -3.23 -55.79
CA ASP B 393 1.24 -2.96 -56.55
C ASP B 393 0.15 -3.97 -56.22
N LYS B 394 0.49 -5.26 -56.15
CA LYS B 394 -0.51 -6.26 -55.80
C LYS B 394 -1.01 -6.06 -54.38
N ALA B 395 -0.09 -5.70 -53.45
CA ALA B 395 -0.52 -5.44 -52.08
C ALA B 395 -1.54 -4.29 -52.03
N LYS B 396 -1.23 -3.18 -52.71
CA LYS B 396 -2.13 -2.02 -52.68
C LYS B 396 -3.46 -2.34 -53.37
N ALA B 397 -3.42 -3.13 -54.43
CA ALA B 397 -4.65 -3.55 -55.11
C ALA B 397 -5.51 -4.40 -54.18
N GLU B 398 -4.87 -5.28 -53.40
CA GLU B 398 -5.63 -6.12 -52.49
C GLU B 398 -6.19 -5.31 -51.33
N PHE B 399 -5.39 -4.38 -50.80
CA PHE B 399 -5.89 -3.56 -49.71
C PHE B 399 -7.06 -2.69 -50.17
N ALA B 400 -7.00 -2.17 -51.40
CA ALA B 400 -8.10 -1.35 -51.90
C ALA B 400 -9.40 -2.14 -51.94
N LYS B 401 -9.34 -3.43 -52.32
CA LYS B 401 -10.53 -4.27 -52.28
C LYS B 401 -11.01 -4.49 -50.85
N ALA B 402 -10.08 -4.78 -49.94
CA ALA B 402 -10.45 -4.93 -48.53
C ALA B 402 -11.04 -3.65 -47.95
N LYS B 403 -10.47 -2.49 -48.29
CA LYS B 403 -10.94 -1.22 -47.74
C LYS B 403 -12.36 -0.92 -48.16
N LYS B 404 -12.74 -1.26 -49.39
CA LYS B 404 -14.11 -1.02 -49.82
C LYS B 404 -15.08 -1.84 -49.00
N ALA B 405 -14.77 -3.12 -48.82
CA ALA B 405 -15.63 -4.00 -48.03
C ALA B 405 -15.69 -3.59 -46.57
N LEU B 406 -14.52 -3.30 -45.99
CA LEU B 406 -14.48 -2.92 -44.58
C LEU B 406 -15.16 -1.58 -44.33
N GLU B 407 -14.98 -0.61 -45.22
CA GLU B 407 -15.67 0.66 -45.01
C GLU B 407 -17.17 0.50 -45.09
N ALA B 408 -17.64 -0.38 -45.98
CA ALA B 408 -19.07 -0.61 -46.12
C ALA B 408 -19.69 -1.18 -44.84
N ASP B 409 -18.89 -1.78 -43.97
CA ASP B 409 -19.36 -2.33 -42.71
C ASP B 409 -18.96 -1.45 -41.52
N GLY B 410 -18.59 -0.20 -41.77
CA GLY B 410 -18.40 0.75 -40.70
C GLY B 410 -17.06 0.66 -40.01
N VAL B 411 -16.08 0.06 -40.63
CA VAL B 411 -14.74 -0.03 -40.05
C VAL B 411 -14.00 1.27 -40.33
N GLN B 412 -13.30 1.77 -39.32
CA GLN B 412 -12.51 2.97 -39.47
C GLN B 412 -11.03 2.64 -39.36
N PHE B 413 -10.22 3.46 -40.02
CA PHE B 413 -8.82 3.18 -40.28
C PHE B 413 -7.97 4.21 -39.55
N PRO B 414 -6.68 3.91 -39.33
CA PRO B 414 -5.97 2.69 -39.74
C PRO B 414 -6.33 1.45 -38.92
N ILE B 415 -6.09 0.27 -39.50
CA ILE B 415 -6.19 -0.97 -38.74
C ILE B 415 -4.92 -1.11 -37.89
N HIS B 416 -5.08 -1.17 -36.57
CA HIS B 416 -3.95 -1.39 -35.66
C HIS B 416 -3.69 -2.89 -35.47
N LEU B 417 -2.44 -3.31 -35.62
CA LEU B 417 -2.03 -4.70 -35.47
C LEU B 417 -0.97 -4.81 -34.38
N ASP B 418 -1.30 -5.51 -33.29
CA ASP B 418 -0.34 -5.81 -32.23
C ASP B 418 0.54 -6.97 -32.62
N VAL B 419 1.85 -6.75 -32.60
CA VAL B 419 2.84 -7.80 -32.79
C VAL B 419 3.74 -7.81 -31.56
N PRO B 420 3.75 -8.90 -30.78
CA PRO B 420 4.60 -8.95 -29.60
C PRO B 420 6.02 -9.32 -29.96
N VAL B 421 6.96 -8.80 -29.17
CA VAL B 421 8.37 -9.15 -29.31
C VAL B 421 8.97 -9.41 -27.93
N ASP B 422 9.91 -10.35 -27.89
CA ASP B 422 10.79 -10.57 -26.75
C ASP B 422 11.85 -9.46 -26.75
N GLN B 423 11.76 -8.55 -25.78
CA GLN B 423 12.64 -7.39 -25.80
C GLN B 423 14.11 -7.76 -25.62
N ALA B 424 14.40 -8.98 -25.15
CA ALA B 424 15.78 -9.41 -25.04
C ALA B 424 16.40 -9.74 -26.40
N SER B 425 15.59 -10.15 -27.38
CA SER B 425 16.14 -10.66 -28.64
C SER B 425 16.15 -9.52 -29.66
N LYS B 426 17.31 -8.88 -29.78
CA LYS B 426 17.48 -7.71 -30.63
C LYS B 426 17.13 -7.99 -32.08
N ASN B 427 17.48 -9.18 -32.58
CA ASN B 427 17.26 -9.40 -34.00
C ASN B 427 15.85 -9.93 -34.29
N TYR B 428 15.11 -10.38 -33.27
CA TYR B 428 13.68 -10.57 -33.48
C TYR B 428 12.96 -9.23 -33.51
N ILE B 429 13.38 -8.28 -32.67
CA ILE B 429 12.81 -6.94 -32.75
C ILE B 429 13.09 -6.34 -34.11
N SER B 430 14.32 -6.50 -34.62
CA SER B 430 14.66 -5.92 -35.91
CA SER B 430 14.66 -5.93 -35.92
C SER B 430 13.83 -6.55 -37.04
N ARG B 431 13.60 -7.87 -36.98
CA ARG B 431 12.76 -8.52 -37.98
C ARG B 431 11.34 -7.95 -37.95
N ILE B 432 10.76 -7.83 -36.76
CA ILE B 432 9.41 -7.28 -36.66
C ILE B 432 9.38 -5.81 -37.06
N GLN B 433 10.45 -5.05 -36.75
CA GLN B 433 10.52 -3.67 -37.23
C GLN B 433 10.56 -3.61 -38.75
N SER B 434 11.16 -4.61 -39.40
CA SER B 434 11.16 -4.65 -40.86
C SER B 434 9.75 -4.94 -41.40
N PHE B 435 9.02 -5.84 -40.75
CA PHE B 435 7.63 -6.10 -41.13
C PHE B 435 6.79 -4.83 -40.97
N LYS B 436 6.92 -4.15 -39.83
CA LYS B 436 6.23 -2.88 -39.62
CA LYS B 436 6.22 -2.89 -39.63
C LYS B 436 6.54 -1.88 -40.72
N GLN B 437 7.83 -1.70 -41.02
CA GLN B 437 8.20 -0.71 -42.04
C GLN B 437 7.69 -1.11 -43.41
N SER B 438 7.71 -2.41 -43.72
CA SER B 438 7.22 -2.91 -45.01
C SER B 438 5.73 -2.63 -45.18
N VAL B 439 4.92 -3.04 -44.22
CA VAL B 439 3.49 -2.87 -44.39
CA VAL B 439 3.47 -2.87 -44.34
C VAL B 439 3.10 -1.40 -44.32
N GLU B 440 3.72 -0.62 -43.41
CA GLU B 440 3.32 0.78 -43.30
C GLU B 440 3.77 1.59 -44.51
N THR B 441 4.99 1.37 -45.02
CA THR B 441 5.40 2.20 -46.14
C THR B 441 4.77 1.74 -47.46
N VAL B 442 4.40 0.46 -47.57
CA VAL B 442 3.77 -0.01 -48.80
C VAL B 442 2.29 0.35 -48.83
N LEU B 443 1.58 0.12 -47.71
CA LEU B 443 0.14 0.32 -47.67
C LEU B 443 -0.28 1.69 -47.13
N GLY B 444 0.58 2.35 -46.36
CA GLY B 444 0.27 3.66 -45.84
C GLY B 444 -0.19 3.63 -44.39
N VAL B 445 0.36 4.52 -43.55
CA VAL B 445 -0.04 4.53 -42.14
C VAL B 445 -1.45 5.06 -41.94
N GLU B 446 -2.07 5.67 -42.95
CA GLU B 446 -3.50 5.92 -42.84
C GLU B 446 -4.32 4.65 -42.95
N ASN B 447 -3.70 3.54 -43.34
CA ASN B 447 -4.40 2.28 -43.61
C ASN B 447 -4.07 1.18 -42.61
N VAL B 448 -2.79 0.99 -42.28
CA VAL B 448 -2.35 -0.06 -41.36
C VAL B 448 -1.26 0.52 -40.48
N VAL B 449 -1.35 0.22 -39.17
CA VAL B 449 -0.28 0.57 -38.24
C VAL B 449 0.09 -0.70 -37.47
N VAL B 450 1.37 -1.03 -37.44
CA VAL B 450 1.87 -2.17 -36.68
C VAL B 450 2.39 -1.65 -35.35
N ASP B 451 1.76 -2.11 -34.27
CA ASP B 451 2.08 -1.67 -32.90
C ASP B 451 2.88 -2.78 -32.24
N ILE B 452 4.19 -2.56 -32.14
CA ILE B 452 5.09 -3.56 -31.55
C ILE B 452 4.96 -3.51 -30.03
N GLN B 453 4.68 -4.67 -29.43
CA GLN B 453 4.46 -4.80 -27.99
C GLN B 453 5.71 -5.46 -27.40
N GLN B 454 6.55 -4.66 -26.75
CA GLN B 454 7.77 -5.16 -26.12
C GLN B 454 7.45 -5.71 -24.75
N MET B 455 8.02 -6.88 -24.42
CA MET B 455 7.75 -7.54 -23.15
C MET B 455 8.92 -8.43 -22.79
N THR B 456 8.92 -8.94 -21.55
CA THR B 456 10.02 -9.81 -21.14
C THR B 456 9.96 -11.15 -21.88
N SER B 457 11.06 -11.90 -21.81
CA SER B 457 11.10 -13.21 -22.45
C SER B 457 9.99 -14.11 -21.90
N ASP B 458 9.88 -14.20 -20.57
CA ASP B 458 8.86 -15.05 -19.99
C ASP B 458 7.46 -14.62 -20.43
N GLU B 459 7.19 -13.30 -20.42
CA GLU B 459 5.88 -12.84 -20.88
C GLU B 459 5.62 -13.25 -22.32
N PHE B 460 6.64 -13.11 -23.18
CA PHE B 460 6.50 -13.45 -24.58
C PHE B 460 6.24 -14.94 -24.76
N LEU B 461 6.98 -15.78 -24.05
CA LEU B 461 6.75 -17.22 -24.14
C LEU B 461 5.32 -17.58 -23.76
N ASN B 462 4.81 -16.90 -22.76
CA ASN B 462 3.47 -17.23 -22.20
C ASN B 462 2.32 -16.90 -23.14
N ILE B 463 2.55 -16.03 -24.11
CA ILE B 463 1.49 -15.70 -25.07
C ILE B 463 1.77 -16.24 -26.46
N THR B 464 2.87 -16.98 -26.66
CA THR B 464 3.18 -17.54 -27.97
C THR B 464 3.55 -19.02 -27.82
N TYR B 465 4.85 -19.31 -27.72
CA TYR B 465 5.36 -20.68 -27.70
C TYR B 465 4.66 -21.55 -26.65
N TYR B 466 4.52 -21.02 -25.43
CA TYR B 466 3.97 -21.76 -24.31
C TYR B 466 2.53 -21.35 -23.98
N ALA B 467 1.83 -20.68 -24.90
CA ALA B 467 0.47 -20.25 -24.61
C ALA B 467 -0.40 -21.45 -24.26
N ALA B 468 -1.15 -21.33 -23.16
CA ALA B 468 -1.91 -22.45 -22.63
C ALA B 468 -3.12 -22.81 -23.50
N ASN B 469 -3.75 -21.82 -24.11
CA ASN B 469 -4.95 -22.01 -24.92
C ASN B 469 -5.10 -20.80 -25.82
N ALA B 470 -6.17 -20.79 -26.64
CA ALA B 470 -6.37 -19.68 -27.57
C ALA B 470 -6.55 -18.36 -26.84
N SER B 471 -7.14 -18.39 -25.64
CA SER B 471 -7.33 -17.17 -24.89
C SER B 471 -6.00 -16.49 -24.55
N SER B 472 -4.92 -17.27 -24.42
CA SER B 472 -3.61 -16.73 -24.10
C SER B 472 -2.87 -16.18 -25.31
N GLU B 473 -3.38 -16.38 -26.52
CA GLU B 473 -2.71 -15.88 -27.72
C GLU B 473 -2.99 -14.38 -27.85
N ASP B 474 -2.25 -13.57 -27.11
CA ASP B 474 -2.53 -12.14 -26.90
C ASP B 474 -1.76 -11.35 -27.96
N TRP B 475 -2.26 -11.39 -29.19
CA TRP B 475 -1.58 -10.78 -30.33
C TRP B 475 -2.52 -10.83 -31.53
N ASP B 476 -2.28 -9.93 -32.49
CA ASP B 476 -3.02 -9.95 -33.76
C ASP B 476 -2.26 -10.69 -34.85
N VAL B 477 -0.96 -10.45 -34.93
CA VAL B 477 -0.06 -11.10 -35.88
C VAL B 477 1.22 -11.43 -35.12
N SER B 478 1.78 -12.62 -35.37
CA SER B 478 2.93 -13.01 -34.56
C SER B 478 3.88 -13.90 -35.34
N GLY B 479 5.18 -13.61 -35.25
CA GLY B 479 6.16 -14.50 -35.85
C GLY B 479 6.96 -15.30 -34.83
N GLY B 480 6.42 -15.49 -33.62
CA GLY B 480 7.20 -16.05 -32.54
C GLY B 480 7.50 -17.55 -32.63
N VAL B 481 6.68 -18.31 -33.36
CA VAL B 481 6.75 -19.77 -33.36
C VAL B 481 6.80 -20.27 -34.78
N SER B 482 7.75 -21.17 -35.08
CA SER B 482 7.80 -21.80 -36.39
CA SER B 482 7.85 -21.81 -36.38
C SER B 482 7.30 -23.23 -36.28
N TRP B 483 7.19 -23.90 -37.43
CA TRP B 483 6.76 -25.30 -37.47
C TRP B 483 7.76 -26.12 -38.25
N GLY B 484 8.26 -27.20 -37.67
CA GLY B 484 9.05 -28.17 -38.42
C GLY B 484 8.34 -29.49 -38.62
N PRO B 485 8.56 -30.14 -39.77
CA PRO B 485 7.83 -31.39 -40.08
C PRO B 485 8.26 -32.54 -39.18
N ASP B 486 7.29 -33.39 -38.85
CA ASP B 486 7.49 -34.50 -37.94
C ASP B 486 7.72 -35.85 -38.62
N TYR B 487 7.32 -35.98 -39.88
CA TYR B 487 7.47 -37.22 -40.64
C TYR B 487 7.36 -36.86 -42.12
N GLN B 488 7.65 -37.83 -42.99
CA GLN B 488 7.91 -37.53 -44.40
C GLN B 488 6.62 -37.65 -45.23
N ASP B 489 5.72 -36.69 -45.01
CA ASP B 489 4.47 -36.60 -45.79
C ASP B 489 3.92 -35.19 -45.64
N PRO B 490 3.35 -34.60 -46.69
CA PRO B 490 2.85 -33.21 -46.55
C PRO B 490 1.82 -33.04 -45.45
N SER B 491 1.13 -34.12 -45.05
CA SER B 491 0.18 -34.03 -43.94
C SER B 491 0.80 -33.45 -42.68
N THR B 492 2.12 -33.65 -42.46
CA THR B 492 2.71 -33.16 -41.23
C THR B 492 2.74 -31.64 -41.17
N TYR B 493 2.73 -30.96 -42.33
CA TYR B 493 2.58 -29.52 -42.38
C TYR B 493 1.13 -29.09 -42.38
N LEU B 494 0.29 -29.76 -43.17
CA LEU B 494 -1.01 -29.18 -43.51
C LEU B 494 -2.11 -29.66 -42.57
N ASP B 495 -1.99 -30.86 -42.01
CA ASP B 495 -3.02 -31.34 -41.08
C ASP B 495 -3.10 -30.49 -39.84
N ILE B 496 -1.97 -29.87 -39.43
CA ILE B 496 -1.97 -29.12 -38.18
C ILE B 496 -2.74 -27.80 -38.28
N LEU B 497 -3.21 -27.40 -39.46
CA LEU B 497 -4.02 -26.19 -39.60
C LEU B 497 -5.50 -26.48 -39.82
N LYS B 498 -5.89 -27.75 -39.85
CA LYS B 498 -7.32 -28.09 -39.92
C LYS B 498 -8.05 -27.52 -38.73
N THR B 499 -9.32 -27.17 -38.93
CA THR B 499 -10.11 -26.56 -37.85
C THR B 499 -10.11 -27.41 -36.58
N THR B 500 -9.96 -28.73 -36.70
CA THR B 500 -10.00 -29.61 -35.54
C THR B 500 -8.65 -29.81 -34.87
N SER B 501 -7.58 -29.22 -35.38
CA SER B 501 -6.23 -29.47 -34.85
C SER B 501 -5.88 -28.43 -33.78
N SER B 502 -6.65 -28.48 -32.68
CA SER B 502 -6.67 -27.35 -31.76
C SER B 502 -5.32 -27.12 -31.06
N GLU B 503 -4.48 -28.16 -30.92
CA GLU B 503 -3.18 -27.95 -30.30
C GLU B 503 -2.34 -26.94 -31.11
N THR B 504 -2.43 -27.01 -32.43
CA THR B 504 -1.62 -26.17 -33.31
C THR B 504 -2.40 -25.01 -33.91
N THR B 505 -3.73 -25.08 -34.00
CA THR B 505 -4.44 -23.92 -34.53
C THR B 505 -4.31 -22.72 -33.60
N LYS B 506 -4.20 -22.95 -32.29
CA LYS B 506 -4.06 -21.78 -31.41
C LYS B 506 -2.73 -21.08 -31.67
N THR B 507 -1.70 -21.84 -32.01
CA THR B 507 -0.36 -21.28 -32.11
C THR B 507 -0.20 -20.42 -33.37
N TYR B 508 -0.75 -20.88 -34.49
CA TYR B 508 -0.52 -20.23 -35.77
C TYR B 508 -1.71 -19.37 -36.21
N LEU B 509 -2.92 -19.64 -35.70
CA LEU B 509 -4.11 -18.96 -36.18
C LEU B 509 -4.98 -18.39 -35.06
N GLY B 510 -4.61 -18.57 -33.80
CA GLY B 510 -5.26 -17.89 -32.70
C GLY B 510 -6.54 -18.52 -32.17
N PHE B 511 -6.90 -19.72 -32.61
CA PHE B 511 -8.17 -20.29 -32.19
C PHE B 511 -7.99 -21.73 -31.75
N ASP B 512 -8.90 -22.17 -30.87
CA ASP B 512 -8.91 -23.57 -30.44
C ASP B 512 -10.33 -24.14 -30.40
N ASN B 513 -11.31 -23.43 -30.96
CA ASN B 513 -12.67 -23.89 -31.08
C ASN B 513 -12.94 -24.22 -32.55
N PRO B 514 -13.07 -25.50 -32.92
CA PRO B 514 -13.27 -25.84 -34.34
C PRO B 514 -14.50 -25.23 -34.96
N ASN B 515 -15.50 -24.85 -34.17
CA ASN B 515 -16.75 -24.29 -34.68
C ASN B 515 -16.90 -22.81 -34.36
N SER B 516 -15.80 -22.13 -34.08
CA SER B 516 -15.86 -20.68 -33.90
C SER B 516 -16.45 -20.03 -35.15
N PRO B 517 -17.26 -18.98 -34.99
CA PRO B 517 -17.79 -18.32 -36.19
C PRO B 517 -16.70 -17.72 -37.06
N SER B 518 -15.59 -17.28 -36.47
CA SER B 518 -14.48 -16.76 -37.27
C SER B 518 -13.89 -17.85 -38.16
N VAL B 519 -13.80 -19.06 -37.62
CA VAL B 519 -13.22 -20.17 -38.37
C VAL B 519 -14.04 -20.47 -39.62
N VAL B 520 -15.36 -20.48 -39.48
CA VAL B 520 -16.24 -20.66 -40.63
C VAL B 520 -16.14 -19.48 -41.58
N GLN B 521 -16.07 -18.27 -41.03
CA GLN B 521 -16.07 -17.07 -41.88
C GLN B 521 -14.88 -17.05 -42.82
N VAL B 522 -13.72 -17.55 -42.40
CA VAL B 522 -12.56 -17.53 -43.29
C VAL B 522 -12.48 -18.76 -44.20
N GLY B 523 -13.49 -19.63 -44.16
CA GLY B 523 -13.57 -20.75 -45.08
C GLY B 523 -12.73 -21.95 -44.72
N LEU B 524 -12.24 -22.05 -43.49
CA LEU B 524 -11.34 -23.14 -43.15
C LEU B 524 -12.02 -24.50 -43.20
N LYS B 525 -13.37 -24.55 -43.18
CA LYS B 525 -14.01 -25.86 -43.35
C LYS B 525 -13.78 -26.38 -44.76
N GLU B 526 -13.58 -25.47 -45.72
CA GLU B 526 -13.18 -25.86 -47.06
C GLU B 526 -11.80 -26.48 -47.06
N TYR B 527 -10.87 -25.85 -46.36
CA TYR B 527 -9.53 -26.38 -46.23
C TYR B 527 -9.52 -27.78 -45.63
N ASP B 528 -10.35 -28.02 -44.59
CA ASP B 528 -10.47 -29.35 -44.03
C ASP B 528 -10.83 -30.39 -45.08
N LYS B 529 -11.78 -30.05 -45.97
CA LYS B 529 -12.22 -30.98 -46.99
C LYS B 529 -11.09 -31.35 -47.93
N LEU B 530 -10.29 -30.35 -48.34
CA LEU B 530 -9.18 -30.62 -49.24
C LEU B 530 -8.13 -31.49 -48.55
N VAL B 531 -7.84 -31.18 -47.29
CA VAL B 531 -6.83 -31.95 -46.56
C VAL B 531 -7.31 -33.38 -46.35
N ASP B 532 -8.59 -33.56 -46.01
CA ASP B 532 -9.14 -34.89 -45.82
C ASP B 532 -9.20 -35.66 -47.13
N GLU B 533 -9.51 -34.99 -48.24
CA GLU B 533 -9.49 -35.64 -49.55
C GLU B 533 -8.09 -36.16 -49.88
N ALA B 534 -7.06 -35.38 -49.57
CA ALA B 534 -5.69 -35.85 -49.82
C ALA B 534 -5.34 -37.02 -48.91
N ALA B 535 -5.71 -36.93 -47.63
CA ALA B 535 -5.35 -37.97 -46.68
C ALA B 535 -5.94 -39.33 -47.04
N ARG B 536 -7.07 -39.33 -47.77
CA ARG B 536 -7.68 -40.57 -48.17
C ARG B 536 -6.90 -41.29 -49.25
N GLU B 537 -5.96 -40.62 -49.90
CA GLU B 537 -5.22 -41.23 -51.01
C GLU B 537 -4.05 -42.00 -50.45
N THR B 538 -4.24 -43.29 -50.22
CA THR B 538 -3.20 -44.10 -49.59
C THR B 538 -2.38 -44.94 -50.57
N SER B 539 -2.90 -45.21 -51.77
CA SER B 539 -2.30 -46.17 -52.68
C SER B 539 -1.71 -45.55 -53.93
N ASP B 540 -1.52 -44.22 -53.96
CA ASP B 540 -0.93 -43.56 -55.12
C ASP B 540 -0.36 -42.24 -54.62
N LEU B 541 0.95 -42.23 -54.32
CA LEU B 541 1.56 -41.06 -53.71
C LEU B 541 1.53 -39.85 -54.65
N ASN B 542 1.63 -40.08 -55.96
CA ASN B 542 1.56 -38.96 -56.89
C ASN B 542 0.23 -38.22 -56.74
N VAL B 543 -0.88 -38.95 -56.70
CA VAL B 543 -2.18 -38.31 -56.56
C VAL B 543 -2.32 -37.70 -55.17
N ARG B 544 -1.84 -38.41 -54.14
CA ARG B 544 -1.88 -37.88 -52.79
C ARG B 544 -1.17 -36.53 -52.70
N TYR B 545 -0.01 -36.39 -53.35
CA TYR B 545 0.73 -35.12 -53.30
C TYR B 545 0.01 -34.01 -54.09
N GLU B 546 -0.54 -34.34 -55.26
CA GLU B 546 -1.33 -33.37 -56.00
C GLU B 546 -2.53 -32.89 -55.18
N LYS B 547 -3.18 -33.80 -54.45
CA LYS B 547 -4.30 -33.37 -53.63
C LYS B 547 -3.85 -32.54 -52.42
N TYR B 548 -2.68 -32.84 -51.84
CA TYR B 548 -2.19 -31.97 -50.79
C TYR B 548 -1.77 -30.61 -51.34
N ALA B 549 -1.30 -30.57 -52.58
CA ALA B 549 -0.98 -29.30 -53.20
C ALA B 549 -2.22 -28.42 -53.36
N ALA B 550 -3.38 -29.04 -53.59
CA ALA B 550 -4.63 -28.27 -53.63
C ALA B 550 -4.89 -27.61 -52.29
N ALA B 551 -4.62 -28.32 -51.18
CA ALA B 551 -4.80 -27.73 -49.86
C ALA B 551 -3.79 -26.62 -49.63
N GLN B 552 -2.53 -26.83 -50.01
CA GLN B 552 -1.55 -25.75 -49.89
C GLN B 552 -1.93 -24.54 -50.74
N ALA B 553 -2.45 -24.77 -51.95
CA ALA B 553 -2.88 -23.65 -52.78
C ALA B 553 -3.96 -22.84 -52.08
N TRP B 554 -4.95 -23.51 -51.47
CA TRP B 554 -5.96 -22.79 -50.70
C TRP B 554 -5.30 -22.00 -49.58
N LEU B 555 -4.36 -22.62 -48.86
CA LEU B 555 -3.71 -21.95 -47.73
C LEU B 555 -2.91 -20.74 -48.19
N THR B 556 -2.17 -20.88 -49.29
CA THR B 556 -1.41 -19.75 -49.86
C THR B 556 -2.34 -18.60 -50.17
N ASP B 557 -3.43 -18.90 -50.87
CA ASP B 557 -4.39 -17.87 -51.20
C ASP B 557 -5.01 -17.26 -49.96
N SER B 558 -5.31 -18.08 -48.93
CA SER B 558 -6.05 -17.55 -47.77
C SER B 558 -5.24 -16.52 -47.01
N SER B 559 -3.92 -16.65 -47.07
CA SER B 559 -2.99 -15.75 -46.41
C SER B 559 -3.23 -15.74 -44.89
N LEU B 560 -3.72 -16.88 -44.36
CA LEU B 560 -3.95 -17.02 -42.92
C LEU B 560 -2.65 -17.16 -42.16
N PHE B 561 -1.63 -17.67 -42.83
CA PHE B 561 -0.25 -17.67 -42.36
C PHE B 561 0.57 -17.01 -43.45
N ILE B 562 1.42 -16.07 -43.07
CA ILE B 562 2.26 -15.34 -44.01
C ILE B 562 3.63 -15.98 -43.97
N PRO B 563 4.04 -16.75 -44.98
CA PRO B 563 5.36 -17.39 -44.93
C PRO B 563 6.45 -16.36 -45.19
N ALA B 564 7.59 -16.54 -44.50
CA ALA B 564 8.68 -15.58 -44.66
C ALA B 564 9.99 -16.26 -44.99
N MET B 565 10.37 -17.28 -44.21
CA MET B 565 11.70 -17.84 -44.42
C MET B 565 11.79 -19.24 -43.83
N ALA B 566 12.86 -19.95 -44.21
CA ALA B 566 13.18 -21.20 -43.54
C ALA B 566 13.49 -20.91 -42.09
N SER B 567 13.02 -21.79 -41.19
CA SER B 567 13.17 -21.55 -39.76
C SER B 567 14.59 -21.84 -39.27
N SER B 568 15.41 -22.49 -40.08
CA SER B 568 16.77 -22.81 -39.71
C SER B 568 17.58 -22.85 -41.00
N GLY B 569 18.90 -22.91 -40.85
CA GLY B 569 19.76 -22.96 -42.01
C GLY B 569 19.82 -21.65 -42.79
N ALA B 570 20.42 -21.75 -43.98
CA ALA B 570 20.58 -20.60 -44.87
C ALA B 570 21.23 -19.43 -44.13
N ALA B 571 22.28 -19.74 -43.37
CA ALA B 571 22.91 -18.82 -42.45
C ALA B 571 24.41 -18.92 -42.59
N PRO B 572 25.14 -17.84 -42.34
CA PRO B 572 26.60 -17.94 -42.21
C PRO B 572 26.98 -18.54 -40.86
N VAL B 573 27.92 -19.49 -40.89
CA VAL B 573 28.33 -20.20 -39.67
C VAL B 573 29.85 -20.36 -39.66
N LEU B 574 30.37 -20.56 -38.46
CA LEU B 574 31.71 -21.07 -38.21
C LEU B 574 31.56 -22.41 -37.50
N SER B 575 32.49 -23.34 -37.71
CA SER B 575 32.28 -24.65 -37.14
C SER B 575 33.60 -25.35 -36.88
N ARG B 576 33.60 -26.18 -35.83
CA ARG B 576 34.67 -27.16 -35.62
C ARG B 576 34.13 -28.58 -35.77
N ILE B 577 32.96 -28.74 -36.40
CA ILE B 577 32.39 -30.07 -36.61
C ILE B 577 32.78 -30.57 -37.99
N VAL B 578 33.28 -31.81 -38.05
CA VAL B 578 33.71 -32.37 -39.33
C VAL B 578 32.51 -32.40 -40.26
N PRO B 579 32.62 -31.86 -41.48
CA PRO B 579 31.42 -31.69 -42.32
C PRO B 579 30.76 -33.03 -42.68
N PHE B 580 29.44 -33.05 -42.54
CA PHE B 580 28.61 -34.18 -42.97
C PHE B 580 28.95 -35.47 -42.24
N THR B 581 29.35 -35.35 -40.97
CA THR B 581 29.46 -36.51 -40.09
C THR B 581 28.24 -36.69 -39.21
N GLY B 582 27.42 -35.65 -39.04
CA GLY B 582 26.25 -35.75 -38.18
C GLY B 582 25.05 -36.36 -38.87
N ALA B 583 24.03 -36.65 -38.08
CA ALA B 583 22.78 -37.17 -38.63
C ALA B 583 22.19 -36.13 -39.55
N SER B 584 21.62 -36.59 -40.66
CA SER B 584 20.89 -35.69 -41.55
C SER B 584 19.42 -36.11 -41.46
N ALA B 585 18.54 -35.18 -41.14
CA ALA B 585 17.12 -35.52 -41.10
C ALA B 585 16.27 -34.33 -41.51
N GLN B 586 15.35 -34.52 -42.42
CA GLN B 586 14.53 -33.35 -42.79
C GLN B 586 13.28 -33.32 -41.93
N THR B 587 13.03 -34.39 -41.20
CA THR B 587 11.85 -34.49 -40.34
C THR B 587 12.23 -35.21 -39.03
N GLY B 588 11.43 -35.01 -38.01
CA GLY B 588 11.57 -35.79 -36.79
C GLY B 588 12.60 -35.24 -35.83
N SER B 589 12.94 -36.07 -34.84
CA SER B 589 13.66 -35.66 -33.64
C SER B 589 15.08 -36.22 -33.57
N LYS B 590 15.62 -36.74 -34.67
CA LYS B 590 16.93 -37.40 -34.63
C LYS B 590 17.91 -36.76 -35.60
N GLY B 591 17.63 -35.50 -36.03
CA GLY B 591 18.60 -34.74 -36.79
C GLY B 591 19.68 -34.14 -35.91
N SER B 592 20.76 -33.69 -36.55
CA SER B 592 21.92 -33.21 -35.80
C SER B 592 21.69 -31.86 -35.14
N ASP B 593 20.55 -31.21 -35.38
CA ASP B 593 20.24 -30.01 -34.62
C ASP B 593 19.99 -30.32 -33.14
N VAL B 594 19.51 -31.54 -32.84
CA VAL B 594 19.24 -31.91 -31.45
C VAL B 594 19.92 -33.20 -31.03
N TYR B 595 20.37 -34.04 -31.95
CA TYR B 595 20.82 -35.40 -31.65
C TYR B 595 22.23 -35.56 -32.17
N PHE B 596 23.18 -35.87 -31.28
CA PHE B 596 24.58 -35.67 -31.62
C PHE B 596 25.35 -36.98 -31.77
N LYS B 597 24.67 -38.11 -31.98
CA LYS B 597 25.37 -39.30 -32.44
C LYS B 597 26.01 -39.06 -33.80
N TYR B 598 27.09 -39.80 -34.07
CA TYR B 598 27.82 -39.80 -35.35
C TYR B 598 28.69 -38.56 -35.56
N LEU B 599 28.23 -37.40 -35.06
CA LEU B 599 28.99 -36.15 -35.15
C LEU B 599 30.43 -36.33 -34.69
N LYS B 600 31.37 -35.76 -35.45
CA LYS B 600 32.78 -35.74 -35.08
C LYS B 600 33.27 -34.29 -35.04
N SER B 601 34.14 -33.98 -34.08
CA SER B 601 34.71 -32.64 -34.01
C SER B 601 36.18 -32.70 -34.40
N GLN B 602 36.74 -31.52 -34.71
CA GLN B 602 38.16 -31.37 -35.12
C GLN B 602 38.74 -30.15 -34.41
N ASP B 603 40.05 -30.12 -34.24
CA ASP B 603 40.68 -28.98 -33.52
C ASP B 603 40.64 -27.67 -34.31
N LYS B 604 40.92 -27.74 -35.59
CA LYS B 604 40.98 -26.54 -36.44
C LYS B 604 39.60 -26.10 -36.92
N VAL B 605 39.45 -24.81 -37.18
CA VAL B 605 38.18 -24.28 -37.72
C VAL B 605 38.01 -24.85 -39.13
N VAL B 606 36.84 -25.35 -39.44
CA VAL B 606 36.55 -25.80 -40.79
C VAL B 606 36.72 -24.63 -41.77
N THR B 607 37.27 -24.93 -42.95
CA THR B 607 37.31 -23.91 -43.99
C THR B 607 36.11 -24.07 -44.92
N LYS B 608 35.71 -22.96 -45.53
CA LYS B 608 34.67 -22.99 -46.55
C LYS B 608 35.00 -24.01 -47.62
N GLU B 609 36.25 -24.01 -48.08
CA GLU B 609 36.70 -24.94 -49.11
C GLU B 609 36.48 -26.39 -48.68
N GLU B 610 36.87 -26.70 -47.45
CA GLU B 610 36.67 -28.05 -46.93
C GLU B 610 35.18 -28.41 -46.87
N TYR B 611 34.35 -27.46 -46.45
CA TYR B 611 32.91 -27.74 -46.34
C TYR B 611 32.30 -28.01 -47.71
N GLU B 612 32.62 -27.18 -48.70
CA GLU B 612 31.99 -27.31 -50.01
C GLU B 612 32.45 -28.58 -50.71
N LYS B 613 33.74 -28.89 -50.65
CA LYS B 613 34.22 -30.13 -51.22
C LYS B 613 33.56 -31.33 -50.54
N ALA B 614 33.40 -31.27 -49.22
CA ALA B 614 32.70 -32.35 -48.52
C ALA B 614 31.25 -32.43 -48.94
N ARG B 615 30.61 -31.27 -49.18
CA ARG B 615 29.20 -31.27 -49.55
C ARG B 615 28.98 -31.88 -50.92
N GLU B 616 29.82 -31.53 -51.89
CA GLU B 616 29.66 -32.09 -53.23
C GLU B 616 29.84 -33.62 -53.22
N LYS B 617 30.83 -34.10 -52.47
CA LYS B 617 31.01 -35.54 -52.28
C LYS B 617 29.77 -36.15 -51.62
N TRP B 618 29.29 -35.53 -50.55
CA TRP B 618 28.17 -36.07 -49.79
C TRP B 618 26.91 -36.17 -50.65
N LEU B 619 26.64 -35.14 -51.45
CA LEU B 619 25.45 -35.16 -52.30
C LEU B 619 25.45 -36.35 -53.25
N LYS B 620 26.60 -36.65 -53.87
CA LYS B 620 26.69 -37.79 -54.77
C LYS B 620 26.50 -39.10 -54.00
N GLU B 621 27.18 -39.24 -52.87
CA GLU B 621 27.03 -40.45 -52.05
C GLU B 621 25.60 -40.59 -51.55
N LYS B 622 24.97 -39.47 -51.18
CA LYS B 622 23.63 -39.52 -50.59
C LYS B 622 22.61 -40.04 -51.59
N ALA B 623 22.71 -39.59 -52.84
CA ALA B 623 21.78 -40.03 -53.88
C ALA B 623 21.81 -41.54 -54.00
N GLU B 624 23.01 -42.13 -54.04
CA GLU B 624 23.12 -43.58 -54.11
C GLU B 624 22.58 -44.23 -52.84
N SER B 625 22.96 -43.69 -51.68
CA SER B 625 22.59 -44.35 -50.43
C SER B 625 21.08 -44.32 -50.23
N ASN B 626 20.44 -43.19 -50.60
CA ASN B 626 19.00 -43.08 -50.45
C ASN B 626 18.27 -44.02 -51.40
N GLU B 627 18.78 -44.16 -52.63
CA GLU B 627 18.11 -45.05 -53.58
C GLU B 627 18.29 -46.51 -53.18
N LYS B 628 19.45 -46.85 -52.61
CA LYS B 628 19.67 -48.20 -52.12
C LYS B 628 18.71 -48.53 -50.99
N ALA B 629 18.51 -47.59 -50.07
CA ALA B 629 17.59 -47.82 -48.96
C ALA B 629 16.17 -48.08 -49.46
N GLN B 630 15.75 -47.39 -50.51
CA GLN B 630 14.42 -47.64 -51.06
C GLN B 630 14.34 -49.01 -51.69
N LYS B 631 15.37 -49.42 -52.45
CA LYS B 631 15.36 -50.73 -53.07
C LYS B 631 15.37 -51.85 -52.04
N GLU B 632 15.96 -51.62 -50.88
CA GLU B 632 16.01 -52.64 -49.84
C GLU B 632 14.72 -52.75 -49.05
N LEU B 633 13.75 -51.86 -49.28
CA LEU B 633 12.47 -51.95 -48.57
C LEU B 633 11.75 -53.24 -48.93
N ALA B 634 11.88 -53.70 -50.17
CA ALA B 634 11.17 -54.90 -50.59
C ALA B 634 11.59 -56.10 -49.77
N SER B 635 12.85 -56.15 -49.34
CA SER B 635 13.34 -57.26 -48.54
C SER B 635 12.69 -57.32 -47.16
N HIS B 636 12.10 -56.22 -46.71
CA HIS B 636 11.43 -56.20 -45.41
C HIS B 636 9.95 -56.57 -45.50
N VAL B 637 9.42 -56.79 -46.70
CA VAL B 637 8.02 -57.19 -46.85
C VAL B 637 7.92 -58.69 -46.69
N LYS B 638 7.17 -59.13 -45.68
CA LYS B 638 7.14 -60.54 -45.29
C LYS B 638 5.72 -61.04 -45.06
N ALA C 12 32.26 14.08 31.94
CA ALA C 12 31.53 15.27 32.35
C ALA C 12 30.59 15.75 31.24
N PRO C 13 29.57 16.53 31.62
CA PRO C 13 28.70 17.12 30.58
C PRO C 13 29.43 18.10 29.67
N LYS C 14 30.56 18.66 30.11
CA LYS C 14 31.29 19.63 29.31
C LYS C 14 32.22 18.97 28.29
N ALA C 15 32.16 17.67 28.19
CA ALA C 15 32.92 16.92 27.18
C ALA C 15 31.93 16.51 26.10
N TYR C 16 31.86 17.29 25.02
CA TYR C 16 30.95 16.98 23.94
C TYR C 16 31.49 15.79 23.15
N GLY C 17 30.66 14.78 22.95
CA GLY C 17 31.00 13.64 22.11
C GLY C 17 29.94 13.35 21.08
N TYR C 18 30.32 13.30 19.79
CA TYR C 18 29.42 12.74 18.80
C TYR C 18 30.25 12.10 17.68
N VAL C 19 29.79 12.22 16.43
CA VAL C 19 30.40 11.50 15.32
C VAL C 19 30.62 12.44 14.15
N TYR C 20 31.46 11.98 13.21
CA TYR C 20 31.60 12.60 11.90
C TYR C 20 31.63 11.46 10.87
N THR C 21 31.22 11.76 9.63
CA THR C 21 30.94 10.73 8.65
C THR C 21 31.92 10.69 7.48
N ALA C 22 32.84 11.64 7.36
CA ALA C 22 33.79 11.61 6.24
C ALA C 22 35.03 12.38 6.61
N ASP C 23 36.20 11.80 6.34
CA ASP C 23 37.43 12.56 6.58
C ASP C 23 37.53 13.70 5.57
N PRO C 24 38.03 14.86 6.00
CA PRO C 24 38.15 15.97 5.06
C PRO C 24 39.22 15.69 4.02
N GLU C 25 38.98 16.19 2.80
CA GLU C 25 40.03 16.20 1.77
C GLU C 25 41.10 17.25 2.04
N THR C 26 40.77 18.29 2.79
CA THR C 26 41.63 19.44 2.99
C THR C 26 41.13 20.13 4.26
N LEU C 27 42.03 20.87 4.91
CA LEU C 27 41.60 21.82 5.93
C LEU C 27 41.42 23.23 5.37
N ASP C 28 41.59 23.41 4.07
CA ASP C 28 41.53 24.75 3.48
C ASP C 28 40.07 25.19 3.35
N TYR C 29 39.57 25.82 4.41
CA TYR C 29 38.19 26.30 4.47
C TYR C 29 37.89 27.34 3.40
N LEU C 30 38.90 28.04 2.89
CA LEU C 30 38.63 29.03 1.85
C LEU C 30 38.35 28.39 0.49
N ILE C 31 38.86 27.19 0.26
CA ILE C 31 38.80 26.56 -1.05
C ILE C 31 37.72 25.49 -1.13
N SER C 32 37.41 24.81 -0.04
CA SER C 32 36.51 23.66 -0.09
C SER C 32 35.05 24.12 -0.04
N SER C 33 34.20 23.43 -0.78
CA SER C 33 32.75 23.58 -0.72
C SER C 33 32.09 22.39 -0.04
N LYS C 34 32.87 21.55 0.63
N LYS C 34 32.89 21.52 0.60
CA LYS C 34 32.35 20.31 1.19
CA LYS C 34 32.40 20.31 1.22
C LYS C 34 32.23 20.43 2.71
C LYS C 34 32.20 20.52 2.72
N ASN C 35 31.07 20.01 3.23
CA ASN C 35 30.80 20.11 4.66
C ASN C 35 31.85 19.37 5.50
N SER C 36 32.52 18.35 4.95
CA SER C 36 33.53 17.68 5.77
C SER C 36 34.68 18.63 6.15
N THR C 37 34.94 19.67 5.34
CA THR C 37 35.93 20.66 5.76
C THR C 37 35.34 21.55 6.85
N THR C 38 34.06 21.91 6.70
CA THR C 38 33.40 22.75 7.70
C THR C 38 33.37 22.06 9.05
N VAL C 39 33.08 20.76 9.06
CA VAL C 39 32.98 20.00 10.30
C VAL C 39 34.25 20.13 11.13
N VAL C 40 35.42 20.10 10.46
CA VAL C 40 36.69 20.14 11.20
C VAL C 40 37.26 21.55 11.40
N THR C 41 36.69 22.59 10.78
CA THR C 41 37.24 23.92 10.87
C THR C 41 36.35 24.97 11.54
N SER C 42 35.03 24.86 11.46
CA SER C 42 34.21 25.98 11.92
C SER C 42 34.43 26.29 13.40
N ASN C 43 34.62 25.26 14.23
CA ASN C 43 34.81 25.48 15.66
C ASN C 43 36.11 26.21 15.93
N GLY C 44 37.05 26.21 14.99
CA GLY C 44 38.34 26.87 15.19
C GLY C 44 38.53 28.19 14.47
N ILE C 45 37.66 28.50 13.51
CA ILE C 45 37.83 29.66 12.63
C ILE C 45 36.55 30.47 12.64
N ASP C 46 36.60 31.67 13.21
CA ASP C 46 35.51 32.63 13.14
C ASP C 46 35.77 33.66 12.05
N GLY C 47 34.70 34.02 11.34
CA GLY C 47 34.71 35.20 10.49
C GLY C 47 34.07 36.40 11.16
N LEU C 48 33.51 37.28 10.33
CA LEU C 48 33.04 38.56 10.87
C LEU C 48 31.80 38.40 11.76
N PHE C 49 30.92 37.45 11.45
CA PHE C 49 29.71 37.19 12.23
C PHE C 49 29.59 35.70 12.56
N THR C 50 28.82 35.39 13.60
CA THR C 50 28.24 34.07 13.83
C THR C 50 26.71 34.23 13.85
N ASN C 51 26.01 33.17 14.26
CA ASN C 51 24.55 33.21 14.42
C ASN C 51 24.20 32.98 15.88
N ASP C 52 23.35 33.82 16.45
CA ASP C 52 22.92 33.52 17.81
C ASP C 52 21.86 32.43 17.80
N ASN C 53 21.33 32.11 18.97
CA ASN C 53 20.42 30.98 19.09
C ASN C 53 19.04 31.30 18.53
N TYR C 54 18.81 32.53 18.09
CA TYR C 54 17.57 32.92 17.42
C TYR C 54 17.76 33.07 15.91
N GLY C 55 18.96 32.81 15.40
CA GLY C 55 19.23 32.97 13.99
C GLY C 55 19.75 34.33 13.56
N ASN C 56 19.77 35.33 14.44
CA ASN C 56 20.34 36.62 14.08
C ASN C 56 21.85 36.51 13.82
N LEU C 57 22.35 37.39 12.97
CA LEU C 57 23.79 37.58 12.86
C LEU C 57 24.31 38.16 14.17
N ALA C 58 25.39 37.59 14.67
CA ALA C 58 25.95 38.08 15.92
C ALA C 58 27.37 38.56 15.68
N PRO C 59 27.75 39.70 16.25
CA PRO C 59 29.12 40.19 16.06
C PRO C 59 30.14 39.14 16.47
N ALA C 60 31.14 38.93 15.62
CA ALA C 60 32.20 37.98 15.92
C ALA C 60 33.52 38.73 15.76
N VAL C 61 34.30 38.42 14.72
CA VAL C 61 35.52 39.21 14.52
C VAL C 61 35.16 40.66 14.19
N ALA C 62 34.00 40.92 13.59
CA ALA C 62 33.49 42.29 13.46
C ALA C 62 32.74 42.67 14.73
N GLU C 63 33.21 43.70 15.42
CA GLU C 63 32.47 44.23 16.57
C GLU C 63 31.30 45.11 16.15
N ASP C 64 31.35 45.70 14.95
CA ASP C 64 30.25 46.50 14.43
C ASP C 64 30.43 46.64 12.93
N TRP C 65 29.46 47.27 12.29
CA TRP C 65 29.52 47.42 10.84
C TRP C 65 28.62 48.55 10.40
N GLU C 66 28.85 49.01 9.18
CA GLU C 66 27.98 49.99 8.57
C GLU C 66 27.93 49.70 7.08
N VAL C 67 26.91 50.24 6.42
CA VAL C 67 26.75 50.12 4.98
C VAL C 67 26.41 51.50 4.42
N SER C 68 26.89 51.79 3.22
CA SER C 68 26.62 53.07 2.57
C SER C 68 25.16 53.18 2.16
N LYS C 69 24.71 54.40 1.89
CA LYS C 69 23.31 54.59 1.52
C LYS C 69 22.97 53.93 0.19
N ASP C 70 23.96 53.80 -0.71
CA ASP C 70 23.72 53.12 -1.99
C ASP C 70 23.85 51.59 -1.90
N GLY C 71 24.14 51.05 -0.72
CA GLY C 71 24.19 49.62 -0.51
C GLY C 71 25.41 48.94 -1.08
N LEU C 72 26.38 49.71 -1.60
CA LEU C 72 27.51 49.11 -2.31
C LEU C 72 28.76 48.94 -1.46
N THR C 73 28.88 49.66 -0.34
CA THR C 73 30.10 49.63 0.47
C THR C 73 29.76 49.22 1.89
N TYR C 74 30.31 48.08 2.32
CA TYR C 74 30.18 47.60 3.69
C TYR C 74 31.49 47.81 4.43
N THR C 75 31.42 48.37 5.63
CA THR C 75 32.61 48.63 6.43
C THR C 75 32.47 47.91 7.76
N TYR C 76 33.50 47.16 8.16
CA TYR C 76 33.46 46.35 9.37
C TYR C 76 34.52 46.84 10.32
N LYS C 77 34.13 47.06 11.57
CA LYS C 77 35.07 47.45 12.61
C LYS C 77 35.55 46.17 13.29
N ILE C 78 36.84 45.87 13.13
CA ILE C 78 37.41 44.62 13.61
C ILE C 78 37.62 44.71 15.12
N ARG C 79 37.13 43.72 15.85
CA ARG C 79 37.32 43.65 17.29
C ARG C 79 38.81 43.59 17.62
N LYS C 80 39.24 44.42 18.57
CA LYS C 80 40.63 44.42 19.00
C LYS C 80 40.88 43.27 19.96
N GLY C 81 42.12 42.77 19.94
CA GLY C 81 42.52 41.77 20.91
C GLY C 81 42.16 40.34 20.56
N VAL C 82 41.69 40.08 19.35
CA VAL C 82 41.42 38.71 18.89
C VAL C 82 42.71 38.16 18.30
N LYS C 83 43.18 37.03 18.83
CA LYS C 83 44.46 36.48 18.41
CA LYS C 83 44.46 36.48 18.41
C LYS C 83 44.28 35.17 17.67
N TRP C 84 45.25 34.89 16.79
CA TRP C 84 45.43 33.58 16.18
C TRP C 84 46.26 32.72 17.13
N PHE C 85 45.86 31.45 17.25
CA PHE C 85 46.53 30.48 18.12
C PHE C 85 46.89 29.23 17.34
N THR C 86 48.03 28.64 17.68
CA THR C 86 48.36 27.33 17.14
C THR C 86 47.47 26.26 17.76
N SER C 87 47.53 25.07 17.17
CA SER C 87 46.85 23.91 17.73
CA SER C 87 46.85 23.91 17.73
C SER C 87 47.19 23.72 19.21
N ASP C 88 48.40 24.07 19.62
CA ASP C 88 48.83 23.88 21.00
C ASP C 88 48.62 25.11 21.88
N GLY C 89 47.82 26.06 21.44
CA GLY C 89 47.50 27.23 22.23
C GLY C 89 48.57 28.28 22.27
N GLU C 90 49.51 28.27 21.33
CA GLU C 90 50.56 29.28 21.26
C GLU C 90 50.06 30.50 20.50
N GLU C 91 50.14 31.67 21.13
CA GLU C 91 49.73 32.89 20.46
C GLU C 91 50.67 33.17 19.29
N TYR C 92 50.08 33.40 18.12
CA TYR C 92 50.84 33.57 16.88
C TYR C 92 50.85 35.00 16.37
N ALA C 93 49.70 35.66 16.35
CA ALA C 93 49.57 37.02 15.83
C ALA C 93 48.18 37.53 16.17
N GLU C 94 47.97 38.84 15.99
CA GLU C 94 46.64 39.41 16.09
C GLU C 94 45.85 39.19 14.81
N VAL C 95 44.54 39.01 14.95
CA VAL C 95 43.63 38.98 13.81
C VAL C 95 43.31 40.42 13.44
N THR C 96 43.52 40.77 12.17
CA THR C 96 43.35 42.14 11.69
C THR C 96 42.66 42.10 10.32
N ALA C 97 42.29 43.29 9.84
CA ALA C 97 41.57 43.43 8.58
C ALA C 97 42.33 42.80 7.42
N LYS C 98 43.67 42.86 7.42
CA LYS C 98 44.45 42.30 6.32
C LYS C 98 44.25 40.78 6.17
N ASP C 99 43.87 40.08 7.26
CA ASP C 99 43.64 38.64 7.16
C ASP C 99 42.44 38.32 6.26
N PHE C 100 41.51 39.26 6.13
CA PHE C 100 40.34 39.05 5.27
C PHE C 100 40.65 39.41 3.83
N VAL C 101 41.52 40.40 3.62
CA VAL C 101 42.03 40.66 2.28
C VAL C 101 42.79 39.43 1.78
N ASN C 102 43.70 38.92 2.62
CA ASN C 102 44.47 37.73 2.23
C ASN C 102 43.57 36.52 2.02
N GLY C 103 42.57 36.34 2.89
CA GLY C 103 41.67 35.20 2.73
C GLY C 103 40.99 35.17 1.39
N LEU C 104 40.49 36.33 0.93
CA LEU C 104 39.83 36.37 -0.37
C LEU C 104 40.84 36.23 -1.51
N LYS C 105 42.06 36.75 -1.34
CA LYS C 105 43.07 36.56 -2.37
C LYS C 105 43.41 35.09 -2.52
N HIS C 106 43.54 34.39 -1.40
CA HIS C 106 43.79 32.94 -1.44
C HIS C 106 42.65 32.20 -2.14
N ALA C 107 41.42 32.51 -1.77
CA ALA C 107 40.26 31.89 -2.42
C ALA C 107 40.29 32.07 -3.93
N ALA C 108 40.69 33.26 -4.40
CA ALA C 108 40.80 33.50 -5.83
C ALA C 108 41.98 32.77 -6.43
N ASP C 109 43.16 32.92 -5.82
CA ASP C 109 44.39 32.36 -6.40
C ASP C 109 44.29 30.85 -6.54
N LYS C 110 43.65 30.20 -5.58
CA LYS C 110 43.55 28.75 -5.56
C LYS C 110 42.17 28.27 -6.02
N LYS C 111 41.45 29.16 -6.73
CA LYS C 111 40.12 28.87 -7.35
C LYS C 111 39.20 28.10 -6.40
N SER C 112 38.64 28.78 -5.39
CA SER C 112 37.74 28.18 -4.42
C SER C 112 36.56 27.50 -5.12
N GLU C 113 36.17 26.32 -4.62
CA GLU C 113 34.96 25.65 -5.06
C GLU C 113 33.71 26.45 -4.78
N ALA C 114 33.78 27.41 -3.87
CA ALA C 114 32.61 28.23 -3.54
C ALA C 114 32.71 29.63 -4.12
N MET C 115 33.49 29.83 -5.19
CA MET C 115 33.73 31.17 -5.69
C MET C 115 32.44 31.84 -6.19
N TYR C 116 31.40 31.05 -6.47
CA TYR C 116 30.14 31.64 -6.95
C TYR C 116 29.55 32.61 -5.93
N LEU C 117 29.89 32.46 -4.64
CA LEU C 117 29.41 33.40 -3.63
C LEU C 117 29.99 34.80 -3.82
N ALA C 118 31.17 34.91 -4.41
CA ALA C 118 31.91 36.17 -4.39
C ALA C 118 32.25 36.73 -5.76
N GLU C 119 32.37 35.88 -6.79
CA GLU C 119 32.99 36.35 -8.04
C GLU C 119 32.17 37.45 -8.71
N ASN C 120 30.85 37.43 -8.56
CA ASN C 120 29.99 38.43 -9.18
C ASN C 120 29.48 39.46 -8.20
N SER C 121 29.98 39.44 -6.97
CA SER C 121 29.54 40.33 -5.92
C SER C 121 30.61 41.35 -5.55
N VAL C 122 31.82 40.90 -5.24
CA VAL C 122 32.90 41.80 -4.85
C VAL C 122 33.45 42.49 -6.09
N LYS C 123 33.44 43.82 -6.06
CA LYS C 123 33.88 44.61 -7.21
CA LYS C 123 33.87 44.60 -7.22
C LYS C 123 35.31 44.26 -7.59
N GLY C 124 35.53 44.04 -8.88
CA GLY C 124 36.85 43.76 -9.40
C GLY C 124 37.34 42.33 -9.25
N LEU C 125 36.59 41.47 -8.53
CA LEU C 125 37.09 40.12 -8.27
C LEU C 125 37.02 39.24 -9.51
N ALA C 126 35.97 39.39 -10.32
CA ALA C 126 35.90 38.65 -11.57
C ALA C 126 37.02 39.05 -12.52
N ASP C 127 37.37 40.35 -12.53
CA ASP C 127 38.49 40.81 -13.34
C ASP C 127 39.82 40.24 -12.84
N TYR C 128 39.94 40.02 -11.53
CA TYR C 128 41.17 39.44 -10.99
C TYR C 128 41.25 37.95 -11.28
N LEU C 129 40.12 37.25 -11.22
CA LEU C 129 40.11 35.84 -11.61
C LEU C 129 40.46 35.68 -13.08
N SER C 130 39.97 36.58 -13.92
CA SER C 130 40.50 36.72 -15.26
C SER C 130 41.89 37.36 -15.19
N GLY C 131 42.51 37.55 -16.33
CA GLY C 131 43.76 38.27 -16.27
C GLY C 131 43.63 39.78 -16.24
N THR C 132 42.40 40.30 -16.33
CA THR C 132 42.21 41.73 -16.60
C THR C 132 42.93 42.58 -15.57
N SER C 133 42.85 42.22 -14.30
CA SER C 133 43.62 42.86 -13.25
C SER C 133 44.70 41.90 -12.77
N THR C 134 45.91 42.40 -12.67
CA THR C 134 47.04 41.62 -12.19
C THR C 134 47.28 41.80 -10.70
N ASP C 135 46.78 42.89 -10.11
CA ASP C 135 47.02 43.21 -8.72
C ASP C 135 45.73 43.04 -7.93
N PHE C 136 45.83 42.41 -6.77
CA PHE C 136 44.67 42.22 -5.92
C PHE C 136 44.22 43.52 -5.26
N SER C 137 45.04 44.56 -5.27
CA SER C 137 44.60 45.83 -4.70
C SER C 137 43.49 46.48 -5.51
N THR C 138 43.24 46.02 -6.74
CA THR C 138 42.08 46.49 -7.49
C THR C 138 40.78 45.77 -7.12
N VAL C 139 40.83 44.78 -6.22
CA VAL C 139 39.65 44.01 -5.82
C VAL C 139 39.00 44.70 -4.63
N GLY C 140 37.67 44.67 -4.59
CA GLY C 140 36.91 45.37 -3.58
C GLY C 140 36.91 44.81 -2.17
N VAL C 141 38.07 44.48 -1.64
CA VAL C 141 38.23 44.21 -0.20
C VAL C 141 39.49 44.95 0.24
N LYS C 142 39.37 45.77 1.28
CA LYS C 142 40.44 46.67 1.68
C LYS C 142 40.61 46.70 3.19
N ALA C 143 41.84 46.56 3.65
CA ALA C 143 42.19 46.87 5.04
C ALA C 143 42.49 48.36 5.12
N VAL C 144 41.45 49.16 5.39
CA VAL C 144 41.62 50.60 5.50
C VAL C 144 42.63 50.93 6.60
N ASP C 145 42.54 50.23 7.73
CA ASP C 145 43.63 50.15 8.70
C ASP C 145 43.52 48.77 9.34
N ASP C 146 44.33 48.54 10.38
CA ASP C 146 44.37 47.21 11.00
C ASP C 146 42.99 46.75 11.47
N TYR C 147 42.13 47.67 11.89
CA TYR C 147 40.85 47.28 12.47
C TYR C 147 39.67 47.83 11.68
N THR C 148 39.85 48.12 10.39
CA THR C 148 38.76 48.60 9.53
C THR C 148 38.83 47.88 8.19
N LEU C 149 37.79 47.12 7.87
CA LEU C 149 37.75 46.26 6.69
C LEU C 149 36.60 46.72 5.82
N GLN C 150 36.85 46.91 4.53
CA GLN C 150 35.85 47.51 3.64
C GLN C 150 35.66 46.63 2.43
N TYR C 151 34.42 46.23 2.16
CA TYR C 151 34.08 45.51 0.93
C TYR C 151 33.26 46.43 0.03
N THR C 152 33.56 46.39 -1.28
CA THR C 152 32.81 47.16 -2.28
C THR C 152 32.16 46.19 -3.25
N LEU C 153 30.84 46.31 -3.43
CA LEU C 153 30.07 45.37 -4.23
C LEU C 153 29.71 45.92 -5.60
N ASN C 154 29.41 45.00 -6.53
CA ASN C 154 28.97 45.38 -7.88
C ASN C 154 27.53 45.86 -7.92
N GLN C 155 26.72 45.40 -6.97
CA GLN C 155 25.31 45.76 -6.88
C GLN C 155 24.90 45.58 -5.43
N PRO C 156 23.82 46.24 -5.00
CA PRO C 156 23.33 46.03 -3.63
C PRO C 156 22.88 44.59 -3.43
N GLU C 157 23.21 44.04 -2.26
CA GLU C 157 22.87 42.66 -1.90
C GLU C 157 22.38 42.70 -0.46
N PRO C 158 21.06 42.70 -0.25
CA PRO C 158 20.55 42.68 1.13
C PRO C 158 20.99 41.46 1.89
N PHE C 159 21.34 40.38 1.20
CA PHE C 159 21.82 39.14 1.79
C PHE C 159 23.33 39.08 1.92
N TRP C 160 24.04 40.18 1.67
CA TRP C 160 25.50 40.17 1.71
C TRP C 160 26.01 39.72 3.08
N ASN C 161 25.50 40.33 4.17
CA ASN C 161 26.02 39.98 5.49
C ASN C 161 25.81 38.50 5.82
N SER C 162 24.74 37.88 5.31
CA SER C 162 24.56 36.45 5.57
C SER C 162 25.66 35.61 4.92
N LYS C 163 26.32 36.12 3.87
CA LYS C 163 27.42 35.38 3.28
C LYS C 163 28.61 35.30 4.22
N LEU C 164 28.71 36.23 5.17
CA LEU C 164 29.91 36.31 5.99
C LEU C 164 29.97 35.24 7.06
N THR C 165 28.90 34.45 7.26
CA THR C 165 29.02 33.26 8.09
C THR C 165 29.38 32.01 7.27
N TYR C 166 29.72 32.18 6.00
CA TYR C 166 30.19 31.06 5.19
C TYR C 166 31.71 31.15 5.02
N SER C 167 32.36 29.99 4.85
CA SER C 167 33.79 29.89 5.09
C SER C 167 34.66 30.62 4.05
N ILE C 168 34.14 30.91 2.85
CA ILE C 168 34.98 31.60 1.86
C ILE C 168 35.28 33.02 2.31
N PHE C 169 34.54 33.56 3.27
CA PHE C 169 34.78 34.88 3.81
C PHE C 169 35.45 34.85 5.18
N TRP C 170 36.09 33.72 5.55
CA TRP C 170 36.84 33.64 6.79
C TRP C 170 38.26 34.19 6.59
N PRO C 171 38.91 34.59 7.67
CA PRO C 171 40.24 35.18 7.55
C PRO C 171 41.34 34.13 7.53
N LEU C 172 42.50 34.55 7.02
CA LEU C 172 43.69 33.70 6.96
C LEU C 172 44.91 34.58 7.10
N ASN C 173 45.77 34.24 8.06
CA ASN C 173 46.97 35.01 8.33
C ASN C 173 48.02 34.75 7.24
N GLU C 174 48.46 35.82 6.57
CA GLU C 174 49.38 35.69 5.44
C GLU C 174 50.74 35.14 5.87
N GLU C 175 51.26 35.61 6.99
CA GLU C 175 52.56 35.17 7.45
C GLU C 175 52.57 33.65 7.67
N PHE C 176 51.52 33.13 8.28
CA PHE C 176 51.42 31.69 8.51
C PHE C 176 51.28 30.93 7.20
N GLU C 177 50.37 31.38 6.33
CA GLU C 177 50.19 30.74 5.03
C GLU C 177 51.49 30.73 4.24
N THR C 178 52.18 31.88 4.19
CA THR C 178 53.48 31.95 3.53
C THR C 178 54.48 30.98 4.14
N SER C 179 54.54 30.93 5.47
CA SER C 179 55.53 30.08 6.13
C SER C 179 55.25 28.59 5.89
N LYS C 180 53.97 28.19 5.87
CA LYS C 180 53.64 26.79 5.72
C LYS C 180 53.86 26.29 4.30
N GLY C 181 53.74 27.17 3.31
CA GLY C 181 53.93 26.74 1.93
C GLY C 181 53.03 25.58 1.57
N SER C 182 53.61 24.53 1.00
CA SER C 182 52.86 23.36 0.55
C SER C 182 52.39 22.50 1.71
N ASP C 183 52.80 22.79 2.94
CA ASP C 183 52.33 22.09 4.13
C ASP C 183 51.02 22.66 4.66
N PHE C 184 50.50 23.71 4.04
CA PHE C 184 49.36 24.41 4.59
C PHE C 184 48.08 23.58 4.47
N ALA C 185 47.32 23.52 5.56
CA ALA C 185 45.95 23.00 5.58
C ALA C 185 45.88 21.54 5.12
N LYS C 186 46.83 20.71 5.58
CA LYS C 186 46.83 19.29 5.23
C LYS C 186 45.84 18.55 6.12
N PRO C 187 45.06 17.62 5.56
CA PRO C 187 43.85 17.13 6.26
C PRO C 187 44.11 16.21 7.44
N THR C 188 45.33 15.78 7.71
CA THR C 188 45.61 15.00 8.92
C THR C 188 46.48 15.76 9.91
N ASP C 189 46.69 17.05 9.70
CA ASP C 189 47.69 17.81 10.45
C ASP C 189 47.08 19.07 11.05
N PRO C 190 46.62 19.01 12.30
CA PRO C 190 46.06 20.21 12.95
C PRO C 190 47.07 21.35 13.13
N THR C 191 48.37 21.09 13.01
CA THR C 191 49.34 22.17 13.13
C THR C 191 49.45 22.98 11.85
N SER C 192 48.72 22.61 10.79
CA SER C 192 48.83 23.27 9.51
C SER C 192 47.76 24.34 9.29
N LEU C 193 46.93 24.63 10.32
CA LEU C 193 46.07 25.80 10.39
C LEU C 193 46.38 26.56 11.68
N LEU C 194 45.96 27.83 11.73
CA LEU C 194 45.81 28.60 12.96
C LEU C 194 44.33 28.81 13.26
N TYR C 195 44.04 29.08 14.54
CA TYR C 195 42.68 29.13 15.06
C TYR C 195 42.45 30.43 15.80
N ASN C 196 41.34 31.08 15.49
CA ASN C 196 40.93 32.29 16.21
C ASN C 196 39.59 32.12 16.90
N GLY C 197 39.01 30.92 16.85
CA GLY C 197 37.64 30.70 17.25
C GLY C 197 37.50 30.13 18.64
N PRO C 198 36.29 29.67 18.98
CA PRO C 198 36.03 29.22 20.36
C PRO C 198 36.77 27.97 20.76
N PHE C 199 37.30 27.20 19.81
CA PHE C 199 38.04 25.98 20.11
C PHE C 199 39.28 25.92 19.25
N LEU C 200 40.25 25.12 19.68
CA LEU C 200 41.43 24.79 18.90
C LEU C 200 41.24 23.38 18.35
N LEU C 201 41.49 23.20 17.05
CA LEU C 201 41.54 21.86 16.50
C LEU C 201 42.82 21.19 16.96
N LYS C 202 42.67 20.08 17.70
CA LYS C 202 43.75 19.44 18.43
C LYS C 202 44.21 18.14 17.80
N GLY C 203 43.30 17.39 17.18
CA GLY C 203 43.65 16.10 16.61
C GLY C 203 42.82 15.71 15.41
N LEU C 204 43.47 15.05 14.45
CA LEU C 204 42.84 14.54 13.25
C LEU C 204 43.44 13.18 12.96
N THR C 205 42.66 12.12 13.08
CA THR C 205 43.15 10.79 12.75
C THR C 205 42.18 10.17 11.75
N ALA C 206 42.70 9.78 10.58
CA ALA C 206 41.85 9.28 9.51
C ALA C 206 41.03 8.07 9.96
N LYS C 207 39.75 8.06 9.56
CA LYS C 207 38.80 7.00 9.91
C LYS C 207 38.78 6.73 11.41
N SER C 208 38.96 7.78 12.21
CA SER C 208 39.01 7.61 13.66
C SER C 208 38.40 8.76 14.44
N SER C 209 39.00 9.95 14.38
CA SER C 209 38.50 11.00 15.26
C SER C 209 38.87 12.39 14.75
N VAL C 210 38.07 13.36 15.21
CA VAL C 210 38.31 14.79 15.09
C VAL C 210 38.20 15.32 16.51
N GLU C 211 39.18 16.12 16.94
CA GLU C 211 39.30 16.49 18.35
C GLU C 211 39.54 17.99 18.50
N PHE C 212 38.81 18.62 19.43
CA PHE C 212 39.00 20.02 19.76
C PHE C 212 39.12 20.20 21.27
N VAL C 213 39.82 21.26 21.66
CA VAL C 213 39.79 21.76 23.04
C VAL C 213 39.33 23.22 23.06
N LYS C 214 38.67 23.61 24.15
CA LYS C 214 38.29 25.00 24.36
C LYS C 214 39.50 25.92 24.24
N ASN C 215 39.33 27.00 23.49
CA ASN C 215 40.34 28.07 23.41
C ASN C 215 40.19 28.94 24.65
N GLU C 216 41.06 28.72 25.64
CA GLU C 216 40.89 29.41 26.92
C GLU C 216 41.23 30.89 26.87
N GLN C 217 41.77 31.41 25.76
CA GLN C 217 42.02 32.84 25.62
C GLN C 217 41.05 33.50 24.64
N TYR C 218 40.00 32.81 24.25
CA TYR C 218 39.02 33.35 23.31
C TYR C 218 38.29 34.55 23.87
N TRP C 219 38.14 35.60 23.04
CA TRP C 219 37.49 36.83 23.50
C TRP C 219 36.07 36.57 23.97
N ASP C 220 35.38 35.57 23.40
CA ASP C 220 33.99 35.27 23.73
C ASP C 220 33.86 33.97 24.53
N LYS C 221 34.87 33.65 25.34
CA LYS C 221 34.81 32.38 26.04
C LYS C 221 33.67 32.31 27.06
N GLU C 222 33.12 33.46 27.46
CA GLU C 222 31.89 33.49 28.27
C GLU C 222 30.74 32.74 27.62
N ASN C 223 30.74 32.60 26.30
CA ASN C 223 29.67 31.95 25.57
C ASN C 223 30.05 30.53 25.12
N VAL C 224 31.13 29.97 25.67
CA VAL C 224 31.58 28.64 25.29
C VAL C 224 31.46 27.76 26.53
N HIS C 225 30.63 26.72 26.44
CA HIS C 225 30.28 25.93 27.61
C HIS C 225 30.70 24.47 27.48
N LEU C 226 31.59 24.18 26.52
CA LEU C 226 32.17 22.86 26.39
C LEU C 226 33.68 22.95 26.59
N ASP C 227 34.23 21.98 27.33
CA ASP C 227 35.67 21.95 27.53
C ASP C 227 36.39 21.27 26.39
N THR C 228 35.77 20.26 25.79
CA THR C 228 36.37 19.44 24.75
C THR C 228 35.28 19.05 23.77
N ILE C 229 35.70 18.76 22.55
CA ILE C 229 34.82 18.19 21.54
C ILE C 229 35.53 16.97 20.98
N ASN C 230 34.85 15.83 20.95
CA ASN C 230 35.39 14.66 20.27
C ASN C 230 34.35 14.11 19.31
N LEU C 231 34.75 13.94 18.04
CA LEU C 231 33.89 13.35 17.03
C LEU C 231 34.52 12.05 16.56
N ALA C 232 33.81 10.95 16.76
CA ALA C 232 34.30 9.63 16.34
C ALA C 232 33.81 9.31 14.93
N TYR C 233 34.66 8.64 14.15
CA TYR C 233 34.29 8.29 12.78
C TYR C 233 33.14 7.28 12.76
N TYR C 234 32.13 7.57 11.94
CA TYR C 234 30.91 6.78 11.83
C TYR C 234 30.60 6.61 10.35
N ASP C 235 30.67 5.36 9.86
CA ASP C 235 30.47 5.07 8.46
C ASP C 235 29.12 4.41 8.17
N GLY C 236 28.25 4.32 9.17
CA GLY C 236 26.92 3.80 8.98
C GLY C 236 26.77 2.29 9.15
N SER C 237 27.87 1.56 9.36
CA SER C 237 27.76 0.11 9.42
C SER C 237 27.21 -0.40 10.73
N ASP C 238 27.13 0.44 11.76
CA ASP C 238 26.64 0.03 13.07
C ASP C 238 25.76 1.19 13.56
N GLN C 239 24.58 1.32 12.95
CA GLN C 239 23.74 2.46 13.26
C GLN C 239 23.28 2.46 14.70
N GLU C 240 23.19 1.28 15.32
CA GLU C 240 22.87 1.16 16.74
C GLU C 240 23.95 1.75 17.64
N SER C 241 25.16 1.98 17.11
CA SER C 241 26.23 2.53 17.95
CA SER C 241 26.21 2.53 17.96
C SER C 241 25.90 3.93 18.45
N LEU C 242 25.05 4.69 17.73
CA LEU C 242 24.77 6.05 18.18
C LEU C 242 24.06 6.03 19.54
N GLU C 243 22.94 5.28 19.63
CA GLU C 243 22.23 5.17 20.91
C GLU C 243 23.09 4.44 21.94
N ARG C 244 23.84 3.43 21.52
CA ARG C 244 24.64 2.66 22.46
C ARG C 244 25.66 3.55 23.14
N ASN C 245 26.33 4.38 22.38
CA ASN C 245 27.32 5.28 22.97
C ASN C 245 26.66 6.45 23.69
N PHE C 246 25.45 6.82 23.30
CA PHE C 246 24.73 7.81 24.10
C PHE C 246 24.37 7.24 25.47
N THR C 247 23.86 6.01 25.48
CA THR C 247 23.44 5.39 26.74
C THR C 247 24.61 5.15 27.67
N SER C 248 25.80 4.89 27.12
CA SER C 248 26.98 4.72 27.96
C SER C 248 27.51 6.05 28.48
N GLY C 249 27.07 7.18 27.92
CA GLY C 249 27.56 8.49 28.29
C GLY C 249 28.66 9.02 27.40
N ALA C 250 29.17 8.21 26.45
CA ALA C 250 30.21 8.72 25.56
C ALA C 250 29.70 9.84 24.66
N TYR C 251 28.49 9.68 24.10
CA TYR C 251 27.95 10.67 23.18
C TYR C 251 26.97 11.60 23.90
N SER C 252 26.96 12.85 23.45
CA SER C 252 26.10 13.90 23.99
C SER C 252 24.75 13.92 23.33
N TYR C 253 24.60 13.16 22.25
CA TYR C 253 23.48 13.26 21.31
C TYR C 253 23.40 11.93 20.58
N ALA C 254 22.22 11.54 20.13
CA ALA C 254 22.13 10.35 19.29
C ALA C 254 20.95 10.48 18.34
N ARG C 255 21.22 10.41 17.03
CA ARG C 255 20.14 10.29 16.06
C ARG C 255 19.67 8.84 16.03
N LEU C 256 18.36 8.61 16.05
CA LEU C 256 17.82 7.26 16.14
C LEU C 256 17.31 6.78 14.78
N TYR C 257 17.40 5.47 14.57
CA TYR C 257 16.89 4.85 13.34
C TYR C 257 15.82 3.84 13.71
N PRO C 258 14.54 4.17 13.57
CA PRO C 258 13.47 3.25 14.01
C PRO C 258 13.44 1.93 13.28
N THR C 259 14.21 1.77 12.20
CA THR C 259 14.29 0.50 11.51
C THR C 259 15.35 -0.43 12.09
N SER C 260 16.20 0.07 12.98
CA SER C 260 17.20 -0.77 13.63
C SER C 260 16.53 -1.94 14.35
N SER C 261 17.25 -3.06 14.42
CA SER C 261 16.70 -4.29 14.98
C SER C 261 16.32 -4.13 16.44
N ASN C 262 17.04 -3.29 17.19
CA ASN C 262 16.76 -3.11 18.62
C ASN C 262 15.94 -1.87 18.92
N TYR C 263 15.30 -1.26 17.91
CA TYR C 263 14.68 0.04 18.16
C TYR C 263 13.50 -0.06 19.10
N SER C 264 12.69 -1.13 18.97
CA SER C 264 11.48 -1.21 19.83
C SER C 264 11.87 -1.20 21.31
N LYS C 265 13.02 -1.77 21.62
CA LYS C 265 13.50 -1.70 23.00
C LYS C 265 13.92 -0.28 23.37
N VAL C 266 14.72 0.33 22.51
CA VAL C 266 15.17 1.72 22.75
C VAL C 266 13.94 2.62 22.90
N ALA C 267 12.96 2.41 22.03
CA ALA C 267 11.80 3.28 22.04
C ALA C 267 11.00 3.15 23.32
N GLU C 268 11.02 1.97 23.96
CA GLU C 268 10.36 1.87 25.25
C GLU C 268 11.22 2.45 26.35
N GLU C 269 12.53 2.14 26.33
CA GLU C 269 13.43 2.67 27.35
C GLU C 269 13.41 4.19 27.37
N TYR C 270 13.39 4.82 26.20
CA TYR C 270 13.46 6.26 26.07
C TYR C 270 12.14 6.87 25.61
N LYS C 271 11.02 6.23 25.96
CA LYS C 271 9.70 6.71 25.54
C LYS C 271 9.50 8.17 25.88
N ASP C 272 9.97 8.61 27.05
CA ASP C 272 9.80 9.98 27.53
C ASP C 272 10.75 10.97 26.88
N ASN C 273 11.78 10.48 26.20
CA ASN C 273 12.91 11.31 25.81
C ASN C 273 13.03 11.54 24.31
N ILE C 274 12.50 10.65 23.49
CA ILE C 274 12.64 10.80 22.04
C ILE C 274 11.80 11.98 21.57
N TYR C 275 12.41 12.86 20.77
CA TYR C 275 11.69 13.96 20.16
C TYR C 275 12.19 14.15 18.74
N TYR C 276 11.40 14.84 17.94
CA TYR C 276 11.69 15.05 16.53
C TYR C 276 12.14 16.49 16.31
N THR C 277 13.22 16.64 15.56
CA THR C 277 13.75 17.95 15.21
C THR C 277 13.02 18.50 13.99
N GLN C 278 13.12 19.80 13.79
CA GLN C 278 12.53 20.39 12.60
C GLN C 278 13.37 20.06 11.36
N SER C 279 12.70 20.04 10.22
CA SER C 279 13.34 19.85 8.93
C SER C 279 14.43 20.91 8.68
N GLY C 280 15.60 20.44 8.24
CA GLY C 280 16.68 21.34 7.85
C GLY C 280 16.44 21.98 6.50
N SER C 281 17.33 22.91 6.13
CA SER C 281 17.17 23.65 4.88
CA SER C 281 17.17 23.65 4.88
C SER C 281 17.85 22.99 3.69
N GLY C 282 18.68 21.98 3.92
CA GLY C 282 19.36 21.34 2.81
C GLY C 282 18.46 20.34 2.14
N ILE C 283 18.80 20.00 0.88
CA ILE C 283 17.95 19.15 0.05
C ILE C 283 18.67 17.83 -0.23
N ALA C 284 17.98 16.72 0.04
CA ALA C 284 18.43 15.40 -0.33
C ALA C 284 17.55 14.87 -1.45
N GLY C 285 18.14 14.13 -2.37
CA GLY C 285 17.38 13.58 -3.47
C GLY C 285 18.34 12.93 -4.43
N LEU C 286 17.86 12.68 -5.65
CA LEU C 286 18.60 11.86 -6.60
C LEU C 286 18.90 12.70 -7.83
N GLY C 287 20.18 12.91 -8.10
CA GLY C 287 20.57 13.56 -9.33
C GLY C 287 20.60 12.58 -10.49
N VAL C 288 20.44 13.12 -11.68
CA VAL C 288 20.38 12.35 -12.92
C VAL C 288 21.60 12.71 -13.74
N ASN C 289 22.43 11.71 -14.06
CA ASN C 289 23.62 11.95 -14.86
C ASN C 289 23.23 12.05 -16.32
N ILE C 290 23.25 13.27 -16.88
CA ILE C 290 22.84 13.45 -18.26
C ILE C 290 23.98 13.29 -19.25
N ASP C 291 25.22 13.08 -18.79
CA ASP C 291 26.34 12.92 -19.74
C ASP C 291 27.36 11.90 -19.23
N ARG C 292 26.91 10.68 -18.93
CA ARG C 292 27.78 9.70 -18.27
C ARG C 292 28.96 9.32 -19.14
N GLN C 293 30.14 9.24 -18.51
CA GLN C 293 31.36 8.97 -19.24
C GLN C 293 32.03 7.65 -18.85
N SER C 294 31.90 7.20 -17.60
CA SER C 294 32.64 6.04 -17.11
C SER C 294 31.70 4.95 -16.63
N TYR C 295 32.08 3.70 -16.87
CA TYR C 295 31.26 2.54 -16.55
C TYR C 295 32.05 1.50 -15.77
N ASN C 296 32.86 1.96 -14.80
CA ASN C 296 33.52 1.01 -13.91
C ASN C 296 32.56 0.37 -12.93
N TYR C 297 31.42 1.01 -12.66
CA TYR C 297 30.37 0.47 -11.78
C TYR C 297 29.06 0.39 -12.55
N THR C 298 28.86 -0.72 -13.25
CA THR C 298 27.64 -0.91 -14.01
C THR C 298 27.25 -2.38 -14.00
N SER C 299 25.94 -2.62 -14.17
CA SER C 299 25.40 -3.93 -14.50
C SER C 299 25.13 -4.10 -15.99
N LYS C 300 25.30 -3.04 -16.78
CA LYS C 300 25.05 -3.11 -18.20
C LYS C 300 26.16 -3.90 -18.88
N THR C 301 25.76 -4.78 -19.80
CA THR C 301 26.68 -5.71 -20.45
C THR C 301 27.04 -5.30 -21.88
N THR C 302 26.22 -4.48 -22.52
CA THR C 302 26.39 -4.14 -23.92
C THR C 302 26.41 -2.63 -24.11
N ASP C 303 27.00 -2.21 -25.22
CA ASP C 303 26.96 -0.80 -25.59
C ASP C 303 25.54 -0.35 -25.90
N SER C 304 24.74 -1.23 -26.50
CA SER C 304 23.35 -0.87 -26.79
CA SER C 304 23.35 -0.87 -26.79
C SER C 304 22.60 -0.50 -25.52
N GLU C 305 22.88 -1.20 -24.41
CA GLU C 305 22.25 -0.86 -23.14
C GLU C 305 22.70 0.50 -22.63
N LYS C 306 23.99 0.83 -22.81
CA LYS C 306 24.50 2.10 -22.35
C LYS C 306 23.95 3.26 -23.18
N VAL C 307 23.80 3.07 -24.48
CA VAL C 307 23.22 4.12 -25.32
C VAL C 307 21.74 4.31 -24.99
N ALA C 308 21.02 3.21 -24.73
CA ALA C 308 19.62 3.32 -24.33
C ALA C 308 19.49 4.14 -23.06
N THR C 309 20.34 3.86 -22.07
CA THR C 309 20.23 4.59 -20.81
C THR C 309 20.57 6.07 -21.00
N LYS C 310 21.59 6.38 -21.81
CA LYS C 310 21.92 7.77 -22.07
C LYS C 310 20.75 8.50 -22.75
N LYS C 311 20.12 7.87 -23.73
CA LYS C 311 19.00 8.52 -24.41
C LYS C 311 17.82 8.71 -23.48
N ALA C 312 17.51 7.70 -22.65
CA ALA C 312 16.38 7.80 -21.74
C ALA C 312 16.55 8.95 -20.75
N LEU C 313 17.77 9.12 -20.22
CA LEU C 313 17.99 10.17 -19.23
C LEU C 313 17.92 11.56 -19.84
N LEU C 314 18.10 11.69 -21.16
CA LEU C 314 17.93 12.99 -21.81
C LEU C 314 16.47 13.33 -22.09
N ASN C 315 15.58 12.37 -21.91
CA ASN C 315 14.16 12.54 -22.22
C ASN C 315 13.44 13.02 -20.96
N LYS C 316 12.83 14.20 -21.05
CA LYS C 316 12.22 14.79 -19.86
C LYS C 316 11.07 13.94 -19.33
N ASP C 317 10.29 13.33 -20.22
CA ASP C 317 9.17 12.52 -19.77
C ASP C 317 9.65 11.31 -18.99
N PHE C 318 10.76 10.71 -19.43
CA PHE C 318 11.37 9.62 -18.65
C PHE C 318 11.76 10.10 -17.26
N ARG C 319 12.43 11.24 -17.17
CA ARG C 319 12.84 11.75 -15.87
C ARG C 319 11.62 12.05 -15.00
N GLN C 320 10.56 12.60 -15.60
CA GLN C 320 9.33 12.84 -14.85
C GLN C 320 8.71 11.54 -14.36
N ALA C 321 8.81 10.47 -15.16
CA ALA C 321 8.26 9.20 -14.72
C ALA C 321 8.96 8.72 -13.46
N LEU C 322 10.29 8.84 -13.40
CA LEU C 322 11.01 8.48 -12.18
C LEU C 322 10.58 9.36 -11.03
N ASN C 323 10.45 10.67 -11.29
CA ASN C 323 10.13 11.65 -10.26
C ASN C 323 8.75 11.36 -9.68
N PHE C 324 7.77 11.10 -10.55
CA PHE C 324 6.42 10.80 -10.07
C PHE C 324 6.33 9.41 -9.45
N ALA C 325 7.22 8.48 -9.79
CA ALA C 325 7.12 7.13 -9.25
C ALA C 325 7.71 7.00 -7.86
N LEU C 326 8.60 7.92 -7.46
CA LEU C 326 9.26 7.78 -6.15
C LEU C 326 8.28 8.05 -5.03
N ASP C 327 8.12 7.06 -4.16
CA ASP C 327 7.31 7.19 -2.94
C ASP C 327 8.23 7.76 -1.87
N ARG C 328 8.09 9.08 -1.61
CA ARG C 328 9.02 9.75 -0.71
C ARG C 328 8.82 9.35 0.74
N SER C 329 7.57 9.10 1.15
CA SER C 329 7.32 8.61 2.50
C SER C 329 8.02 7.27 2.74
N ALA C 330 7.91 6.35 1.78
CA ALA C 330 8.58 5.06 1.91
C ALA C 330 10.10 5.24 1.97
N TYR C 331 10.64 6.10 1.11
CA TYR C 331 12.07 6.38 1.11
C TYR C 331 12.51 6.92 2.46
N SER C 332 11.80 7.93 2.97
CA SER C 332 12.11 8.49 4.27
C SER C 332 11.95 7.45 5.38
N ALA C 333 10.95 6.57 5.25
CA ALA C 333 10.71 5.56 6.29
C ALA C 333 11.92 4.65 6.48
N GLN C 334 12.75 4.49 5.45
CA GLN C 334 13.90 3.59 5.59
C GLN C 334 14.89 4.06 6.64
N ILE C 335 14.88 5.35 6.97
CA ILE C 335 15.72 5.83 8.06
C ILE C 335 14.90 6.36 9.23
N ASN C 336 13.65 6.78 9.03
CA ASN C 336 12.87 7.40 10.09
C ASN C 336 11.73 6.54 10.60
N GLY C 337 11.52 5.35 10.04
CA GLY C 337 10.40 4.52 10.42
C GLY C 337 9.10 5.06 9.84
N LYS C 338 8.05 4.24 9.93
CA LYS C 338 6.80 4.58 9.26
C LYS C 338 6.12 5.78 9.90
N ASP C 339 6.17 5.87 11.24
CA ASP C 339 5.36 6.85 11.96
C ASP C 339 5.78 8.29 11.65
N GLY C 340 7.08 8.56 11.61
CA GLY C 340 7.57 9.90 11.36
C GLY C 340 8.06 10.15 9.96
N ALA C 341 7.82 9.22 9.02
CA ALA C 341 8.45 9.31 7.70
C ALA C 341 8.05 10.57 6.94
N ALA C 342 6.81 11.03 7.12
CA ALA C 342 6.34 12.13 6.27
C ALA C 342 7.02 13.44 6.63
N LEU C 343 7.43 13.60 7.90
CA LEU C 343 7.98 14.87 8.36
C LEU C 343 9.13 15.35 7.49
N ALA C 344 9.98 14.42 7.05
CA ALA C 344 11.19 14.79 6.30
C ALA C 344 10.95 15.02 4.82
N VAL C 345 9.76 14.69 4.29
CA VAL C 345 9.59 14.71 2.83
C VAL C 345 9.69 16.14 2.32
N ARG C 346 10.36 16.29 1.17
CA ARG C 346 10.50 17.59 0.52
C ARG C 346 10.27 17.43 -0.97
N ASN C 347 9.53 18.38 -1.55
CA ASN C 347 9.10 18.34 -2.97
C ASN C 347 9.78 19.39 -3.87
N LEU C 348 10.69 20.17 -3.32
CA LEU C 348 11.35 21.26 -4.07
C LEU C 348 12.84 21.34 -3.68
N PHE C 349 13.67 21.71 -4.62
CA PHE C 349 15.11 21.87 -4.35
C PHE C 349 15.27 22.98 -3.29
N VAL C 350 14.66 24.14 -3.57
CA VAL C 350 14.62 25.22 -2.58
C VAL C 350 13.59 24.87 -1.53
N LYS C 351 13.98 24.94 -0.24
CA LYS C 351 13.01 24.73 0.83
C LYS C 351 11.83 25.69 0.64
N PRO C 352 10.59 25.19 0.66
CA PRO C 352 9.45 26.02 0.19
C PRO C 352 9.25 27.32 0.94
N ASP C 353 9.63 27.39 2.23
CA ASP C 353 9.49 28.61 2.99
C ASP C 353 10.83 29.31 3.21
N PHE C 354 11.84 28.95 2.41
CA PHE C 354 13.16 29.57 2.50
C PHE C 354 13.09 31.09 2.45
N VAL C 355 12.28 31.65 1.55
CA VAL C 355 11.98 33.07 1.53
C VAL C 355 10.49 33.20 1.28
N SER C 356 9.97 34.41 1.52
CA SER C 356 8.58 34.70 1.19
C SER C 356 8.51 36.06 0.50
N ALA C 357 7.48 36.23 -0.32
CA ALA C 357 7.17 37.52 -0.93
C ALA C 357 5.81 37.92 -0.37
N GLY C 358 5.79 38.85 0.57
CA GLY C 358 4.55 39.09 1.30
C GLY C 358 4.17 37.85 2.07
N GLU C 359 2.91 37.45 1.97
CA GLU C 359 2.46 36.23 2.62
C GLU C 359 2.49 35.01 1.70
N LYS C 360 3.10 35.12 0.52
CA LYS C 360 3.33 33.97 -0.35
C LYS C 360 4.73 33.42 -0.09
N THR C 361 4.79 32.14 0.23
CA THR C 361 6.06 31.43 0.34
C THR C 361 6.70 31.28 -1.04
N PHE C 362 8.00 30.97 -1.06
CA PHE C 362 8.62 30.60 -2.31
C PHE C 362 7.89 29.43 -2.97
N GLY C 363 7.48 28.45 -2.17
CA GLY C 363 6.68 27.35 -2.71
C GLY C 363 5.41 27.84 -3.38
N ASP C 364 4.72 28.81 -2.76
CA ASP C 364 3.51 29.34 -3.36
C ASP C 364 3.80 29.97 -4.71
N LEU C 365 4.91 30.71 -4.81
CA LEU C 365 5.26 31.36 -6.06
C LEU C 365 5.57 30.35 -7.15
N VAL C 366 6.29 29.27 -6.79
CA VAL C 366 6.56 28.22 -7.76
C VAL C 366 5.27 27.56 -8.22
N ALA C 367 4.38 27.25 -7.27
CA ALA C 367 3.15 26.53 -7.60
C ALA C 367 2.26 27.33 -8.55
N ALA C 368 2.29 28.66 -8.46
CA ALA C 368 1.46 29.48 -9.34
C ALA C 368 1.94 29.42 -10.78
N GLN C 369 3.24 29.21 -10.98
CA GLN C 369 3.82 29.23 -12.32
C GLN C 369 3.92 27.85 -12.95
N LEU C 370 4.11 26.82 -12.13
CA LEU C 370 4.33 25.45 -12.61
C LEU C 370 3.28 24.93 -13.60
N PRO C 371 1.98 25.17 -13.44
CA PRO C 371 0.99 24.57 -14.36
C PRO C 371 1.14 24.98 -15.83
N ALA C 372 1.84 26.07 -16.14
CA ALA C 372 2.10 26.37 -17.55
C ALA C 372 2.77 25.18 -18.24
N TYR C 373 3.65 24.48 -17.51
CA TYR C 373 4.39 23.35 -18.07
C TYR C 373 3.52 22.13 -18.30
N GLY C 374 2.34 22.05 -17.68
CA GLY C 374 1.46 20.93 -17.92
C GLY C 374 0.39 20.81 -16.86
N ASP C 375 -0.78 20.31 -17.25
CA ASP C 375 -1.90 20.18 -16.32
C ASP C 375 -1.59 19.20 -15.20
N GLU C 376 -0.61 18.31 -15.40
CA GLU C 376 -0.20 17.38 -14.36
C GLU C 376 0.34 18.10 -13.13
N TRP C 377 0.75 19.37 -13.26
CA TRP C 377 1.21 20.16 -12.13
C TRP C 377 0.09 20.94 -11.45
N LYS C 378 -1.09 20.96 -12.05
CA LYS C 378 -2.22 21.69 -11.45
C LYS C 378 -2.59 21.08 -10.11
N GLY C 379 -2.69 21.93 -9.09
CA GLY C 379 -3.09 21.49 -7.78
C GLY C 379 -2.04 20.73 -7.00
N VAL C 380 -0.82 20.63 -7.53
CA VAL C 380 0.23 19.88 -6.84
C VAL C 380 0.71 20.67 -5.63
N ASN C 381 0.80 20.00 -4.49
CA ASN C 381 1.17 20.62 -3.22
C ASN C 381 2.69 20.48 -3.05
N LEU C 382 3.38 21.60 -2.97
CA LEU C 382 4.84 21.59 -2.86
C LEU C 382 5.33 21.73 -1.42
N ALA C 383 4.42 21.73 -0.44
CA ALA C 383 4.81 21.98 0.95
C ALA C 383 5.61 20.81 1.53
N ASP C 384 6.45 21.12 2.51
CA ASP C 384 7.17 20.08 3.23
C ASP C 384 6.20 19.22 4.04
N GLY C 385 6.67 18.03 4.41
CA GLY C 385 5.92 17.19 5.34
C GLY C 385 4.84 16.36 4.71
N GLN C 386 4.77 16.35 3.37
CA GLN C 386 3.81 15.54 2.64
C GLN C 386 4.37 15.30 1.25
N ASP C 387 4.02 14.15 0.66
CA ASP C 387 4.53 13.82 -0.68
C ASP C 387 3.59 14.38 -1.72
N GLY C 388 3.97 15.50 -2.32
CA GLY C 388 3.14 16.16 -3.31
C GLY C 388 3.36 15.65 -4.72
N LEU C 389 4.48 14.97 -4.95
CA LEU C 389 4.88 14.55 -6.29
C LEU C 389 4.53 13.12 -6.62
N PHE C 390 4.46 12.22 -5.64
CA PHE C 390 4.25 10.81 -5.93
C PHE C 390 2.85 10.61 -6.50
N ASN C 391 2.78 9.98 -7.67
CA ASN C 391 1.49 9.75 -8.32
C ASN C 391 1.74 8.68 -9.37
N ALA C 392 1.31 7.45 -9.09
CA ALA C 392 1.58 6.34 -10.01
C ALA C 392 0.94 6.57 -11.37
N ASP C 393 -0.30 7.07 -11.40
CA ASP C 393 -0.97 7.27 -12.68
C ASP C 393 -0.23 8.29 -13.52
N LYS C 394 0.22 9.40 -12.90
CA LYS C 394 0.97 10.41 -13.63
C LYS C 394 2.32 9.87 -14.08
N ALA C 395 2.96 9.07 -13.24
CA ALA C 395 4.25 8.49 -13.60
C ALA C 395 4.11 7.59 -14.82
N LYS C 396 3.08 6.75 -14.83
CA LYS C 396 2.87 5.83 -15.96
C LYS C 396 2.52 6.61 -17.22
N ALA C 397 1.72 7.68 -17.09
CA ALA C 397 1.39 8.47 -18.27
C ALA C 397 2.62 9.13 -18.84
N GLU C 398 3.53 9.59 -17.98
CA GLU C 398 4.77 10.20 -18.47
C GLU C 398 5.68 9.15 -19.09
N PHE C 399 5.77 7.97 -18.49
CA PHE C 399 6.61 6.94 -19.09
C PHE C 399 6.07 6.50 -20.45
N ALA C 400 4.74 6.39 -20.58
CA ALA C 400 4.17 6.05 -21.89
C ALA C 400 4.58 7.08 -22.94
N LYS C 401 4.58 8.36 -22.56
CA LYS C 401 5.07 9.41 -23.47
C LYS C 401 6.53 9.20 -23.81
N ALA C 402 7.34 8.88 -22.80
CA ALA C 402 8.75 8.65 -23.05
C ALA C 402 8.96 7.40 -23.90
N LYS C 403 8.25 6.32 -23.58
CA LYS C 403 8.42 5.05 -24.30
C LYS C 403 8.13 5.22 -25.78
N LYS C 404 7.13 6.03 -26.13
CA LYS C 404 6.82 6.27 -27.53
C LYS C 404 7.97 6.97 -28.24
N ALA C 405 8.53 8.00 -27.61
CA ALA C 405 9.63 8.73 -28.23
C ALA C 405 10.88 7.86 -28.32
N LEU C 406 11.19 7.12 -27.24
CA LEU C 406 12.39 6.30 -27.20
C LEU C 406 12.32 5.13 -28.19
N GLU C 407 11.20 4.38 -28.18
CA GLU C 407 11.07 3.28 -29.14
C GLU C 407 11.18 3.79 -30.58
N ALA C 408 10.70 5.01 -30.83
CA ALA C 408 10.79 5.57 -32.18
C ALA C 408 12.22 5.89 -32.57
N ASP C 409 13.13 6.02 -31.61
CA ASP C 409 14.54 6.25 -31.89
C ASP C 409 15.37 4.98 -31.73
N GLY C 410 14.73 3.82 -31.75
CA GLY C 410 15.44 2.56 -31.67
C GLY C 410 16.13 2.31 -30.34
N VAL C 411 15.38 2.44 -29.24
CA VAL C 411 15.91 2.21 -27.89
C VAL C 411 15.40 0.87 -27.40
N GLN C 412 16.29 0.11 -26.76
CA GLN C 412 15.96 -1.20 -26.22
C GLN C 412 15.57 -1.09 -24.75
N PHE C 413 14.51 -1.81 -24.38
CA PHE C 413 13.98 -1.82 -23.04
C PHE C 413 14.22 -3.16 -22.37
N PRO C 414 14.27 -3.22 -21.02
CA PRO C 414 14.11 -2.15 -20.04
C PRO C 414 15.28 -1.18 -20.01
N ILE C 415 15.06 0.04 -19.51
CA ILE C 415 16.16 0.96 -19.24
C ILE C 415 16.83 0.54 -17.94
N HIS C 416 18.14 0.24 -17.99
CA HIS C 416 18.91 -0.07 -16.81
C HIS C 416 19.53 1.21 -16.22
N LEU C 417 19.29 1.44 -14.92
CA LEU C 417 19.83 2.58 -14.20
C LEU C 417 20.76 2.11 -13.08
N ASP C 418 22.05 2.42 -13.20
CA ASP C 418 23.02 2.16 -12.12
C ASP C 418 22.88 3.20 -11.01
N VAL C 419 22.66 2.73 -9.80
CA VAL C 419 22.62 3.58 -8.60
C VAL C 419 23.64 3.02 -7.61
N PRO C 420 24.73 3.74 -7.32
CA PRO C 420 25.74 3.22 -6.39
C PRO C 420 25.32 3.36 -4.94
N VAL C 421 25.84 2.45 -4.11
CA VAL C 421 25.63 2.55 -2.66
C VAL C 421 26.95 2.28 -1.96
N ASP C 422 27.16 2.98 -0.85
CA ASP C 422 28.22 2.65 0.09
C ASP C 422 27.75 1.46 0.91
N GLN C 423 28.40 0.31 0.73
CA GLN C 423 27.96 -0.91 1.37
C GLN C 423 28.01 -0.83 2.89
N ALA C 424 28.75 0.12 3.45
CA ALA C 424 28.81 0.19 4.90
C ALA C 424 27.54 0.80 5.49
N SER C 425 26.83 1.63 4.73
CA SER C 425 25.67 2.35 5.26
CA SER C 425 25.67 2.35 5.25
C SER C 425 24.41 1.55 4.97
N LYS C 426 24.01 0.75 5.95
CA LYS C 426 22.83 -0.09 5.80
C LYS C 426 21.60 0.72 5.42
N ASN C 427 21.41 1.89 6.04
CA ASN C 427 20.17 2.59 5.72
C ASN C 427 20.27 3.46 4.48
N TYR C 428 21.49 3.67 3.93
CA TYR C 428 21.52 4.22 2.57
C TYR C 428 21.18 3.14 1.56
N ILE C 429 21.63 1.91 1.78
CA ILE C 429 21.23 0.80 0.93
C ILE C 429 19.71 0.66 0.91
N SER C 430 19.09 0.70 2.10
CA SER C 430 17.65 0.51 2.19
CA SER C 430 17.65 0.49 2.16
C SER C 430 16.90 1.63 1.48
N ARG C 431 17.40 2.87 1.59
CA ARG C 431 16.78 4.00 0.87
C ARG C 431 16.85 3.78 -0.62
N ILE C 432 18.00 3.37 -1.13
CA ILE C 432 18.10 3.15 -2.57
C ILE C 432 17.26 1.94 -2.98
N GLN C 433 17.19 0.92 -2.12
CA GLN C 433 16.30 -0.21 -2.41
C GLN C 433 14.84 0.23 -2.47
N SER C 434 14.49 1.26 -1.71
CA SER C 434 13.12 1.76 -1.78
C SER C 434 12.87 2.51 -3.09
N PHE C 435 13.87 3.26 -3.56
CA PHE C 435 13.77 3.91 -4.87
C PHE C 435 13.63 2.87 -5.97
N LYS C 436 14.46 1.83 -5.94
CA LYS C 436 14.33 0.72 -6.87
C LYS C 436 12.94 0.12 -6.85
N GLN C 437 12.42 -0.18 -5.65
CA GLN C 437 11.09 -0.77 -5.55
C GLN C 437 10.01 0.18 -6.07
N SER C 438 10.12 1.48 -5.76
CA SER C 438 9.15 2.45 -6.27
C SER C 438 9.12 2.45 -7.80
N VAL C 439 10.30 2.60 -8.42
CA VAL C 439 10.37 2.73 -9.86
C VAL C 439 9.90 1.45 -10.55
N GLU C 440 10.40 0.29 -10.10
CA GLU C 440 10.09 -0.96 -10.78
C GLU C 440 8.62 -1.34 -10.62
N THR C 441 8.04 -1.11 -9.44
CA THR C 441 6.65 -1.49 -9.26
C THR C 441 5.70 -0.56 -9.99
N VAL C 442 6.00 0.74 -9.99
CA VAL C 442 5.10 1.70 -10.65
C VAL C 442 5.21 1.59 -12.15
N LEU C 443 6.45 1.52 -12.66
CA LEU C 443 6.67 1.53 -14.09
C LEU C 443 6.80 0.15 -14.72
N GLY C 444 7.16 -0.86 -13.94
CA GLY C 444 7.33 -2.21 -14.46
C GLY C 444 8.79 -2.53 -14.74
N VAL C 445 9.29 -3.64 -14.19
CA VAL C 445 10.65 -4.08 -14.50
CA VAL C 445 10.66 -4.09 -14.49
C VAL C 445 10.82 -4.37 -15.97
N GLU C 446 9.72 -4.58 -16.69
CA GLU C 446 9.79 -4.70 -18.14
C GLU C 446 10.20 -3.40 -18.80
N ASN C 447 10.07 -2.29 -18.08
CA ASN C 447 10.32 -0.93 -18.55
C ASN C 447 11.58 -0.30 -17.97
N VAL C 448 11.79 -0.39 -16.66
CA VAL C 448 12.95 0.21 -16.02
C VAL C 448 13.45 -0.74 -14.95
N VAL C 449 14.77 -0.97 -14.93
CA VAL C 449 15.45 -1.78 -13.92
C VAL C 449 16.47 -0.88 -13.21
N VAL C 450 16.41 -0.87 -11.89
CA VAL C 450 17.38 -0.13 -11.08
C VAL C 450 18.41 -1.13 -10.60
N ASP C 451 19.64 -0.97 -11.07
CA ASP C 451 20.73 -1.89 -10.74
C ASP C 451 21.59 -1.25 -9.66
N ILE C 452 21.50 -1.79 -8.45
CA ILE C 452 22.21 -1.23 -7.32
C ILE C 452 23.65 -1.71 -7.36
N GLN C 453 24.59 -0.77 -7.26
CA GLN C 453 26.02 -1.08 -7.36
C GLN C 453 26.63 -0.90 -5.97
N GLN C 454 26.89 -2.02 -5.31
CA GLN C 454 27.49 -2.01 -3.97
C GLN C 454 29.00 -1.90 -4.06
N MET C 455 29.58 -1.00 -3.25
CA MET C 455 31.02 -0.75 -3.31
C MET C 455 31.49 -0.25 -1.94
N THR C 456 32.81 -0.18 -1.76
CA THR C 456 33.33 0.27 -0.47
C THR C 456 33.04 1.76 -0.24
N SER C 457 33.15 2.15 1.03
CA SER C 457 33.00 3.55 1.40
C SER C 457 33.92 4.43 0.56
N ASP C 458 35.20 4.07 0.47
CA ASP C 458 36.14 4.87 -0.30
C ASP C 458 35.79 4.88 -1.78
N GLU C 459 35.41 3.74 -2.36
CA GLU C 459 35.02 3.70 -3.76
C GLU C 459 33.84 4.64 -4.01
N PHE C 460 32.88 4.64 -3.07
CA PHE C 460 31.68 5.45 -3.24
C PHE C 460 32.00 6.94 -3.18
N LEU C 461 32.85 7.36 -2.24
CA LEU C 461 33.23 8.79 -2.12
C LEU C 461 33.86 9.29 -3.42
N ASN C 462 34.66 8.45 -4.05
CA ASN C 462 35.43 8.85 -5.23
C ASN C 462 34.57 8.99 -6.49
N ILE C 463 33.34 8.51 -6.49
CA ILE C 463 32.45 8.69 -7.67
C ILE C 463 31.29 9.61 -7.29
N THR C 464 31.23 10.09 -6.05
CA THR C 464 30.17 11.02 -5.66
C THR C 464 30.77 12.25 -4.95
N TYR C 465 30.74 12.25 -3.62
CA TYR C 465 31.14 13.40 -2.81
C TYR C 465 32.49 13.97 -3.23
N TYR C 466 33.48 13.12 -3.42
CA TYR C 466 34.84 13.56 -3.73
C TYR C 466 35.22 13.29 -5.19
N ALA C 467 34.24 13.05 -6.07
CA ALA C 467 34.56 12.81 -7.47
C ALA C 467 35.27 14.04 -8.02
N ALA C 468 36.40 13.82 -8.68
CA ALA C 468 37.26 14.91 -9.08
C ALA C 468 36.71 15.67 -10.29
N ASN C 469 36.00 14.97 -11.17
CA ASN C 469 35.55 15.55 -12.44
C ASN C 469 34.31 14.80 -12.89
N ALA C 470 33.74 15.24 -14.02
CA ALA C 470 32.52 14.59 -14.50
C ALA C 470 32.77 13.14 -14.91
N SER C 471 33.93 12.85 -15.49
CA SER C 471 34.25 11.48 -15.84
C SER C 471 34.14 10.55 -14.63
N SER C 472 34.48 11.04 -13.44
CA SER C 472 34.41 10.22 -12.23
C SER C 472 33.00 10.00 -11.69
N GLU C 473 31.99 10.68 -12.25
CA GLU C 473 30.61 10.47 -11.81
C GLU C 473 30.07 9.19 -12.47
N ASP C 474 30.52 8.06 -11.92
CA ASP C 474 30.26 6.72 -12.47
C ASP C 474 28.94 6.20 -11.93
N TRP C 475 27.84 6.70 -12.52
CA TRP C 475 26.48 6.39 -12.06
C TRP C 475 25.48 7.02 -13.01
N ASP C 476 24.28 6.44 -13.06
CA ASP C 476 23.18 6.98 -13.84
C ASP C 476 22.29 7.88 -13.00
N VAL C 477 21.99 7.47 -11.77
CA VAL C 477 21.20 8.25 -10.83
C VAL C 477 21.83 8.06 -9.46
N SER C 478 21.94 9.14 -8.68
CA SER C 478 22.65 9.02 -7.41
C SER C 478 22.06 9.94 -6.36
N GLY C 479 21.85 9.39 -5.17
CA GLY C 479 21.42 10.20 -4.05
C GLY C 479 22.51 10.44 -3.02
N GLY C 480 23.77 10.37 -3.44
CA GLY C 480 24.87 10.35 -2.47
C GLY C 480 25.20 11.68 -1.84
N VAL C 481 24.84 12.79 -2.48
CA VAL C 481 25.30 14.10 -2.03
C VAL C 481 24.12 15.05 -1.95
N SER C 482 24.00 15.74 -0.82
CA SER C 482 22.96 16.75 -0.67
CA SER C 482 22.96 16.75 -0.65
C SER C 482 23.55 18.14 -0.86
N TRP C 483 22.68 19.15 -0.84
CA TRP C 483 23.14 20.53 -0.96
C TRP C 483 22.48 21.38 0.12
N GLY C 484 23.31 22.10 0.89
CA GLY C 484 22.81 23.04 1.87
C GLY C 484 23.08 24.46 1.44
N PRO C 485 22.15 25.37 1.74
CA PRO C 485 22.31 26.77 1.29
C PRO C 485 23.41 27.50 2.03
N ASP C 486 24.15 28.35 1.29
CA ASP C 486 25.29 29.07 1.86
C ASP C 486 24.95 30.48 2.33
N TYR C 487 23.83 31.07 1.88
CA TYR C 487 23.45 32.42 2.28
C TYR C 487 21.99 32.63 1.94
N GLN C 488 21.42 33.76 2.37
CA GLN C 488 19.95 33.91 2.43
C GLN C 488 19.37 34.51 1.15
N ASP C 489 19.42 33.73 0.08
CA ASP C 489 18.83 34.14 -1.19
C ASP C 489 18.65 32.91 -2.03
N PRO C 490 17.58 32.79 -2.83
CA PRO C 490 17.37 31.55 -3.60
C PRO C 490 18.52 31.22 -4.55
N SER C 491 19.33 32.21 -4.93
CA SER C 491 20.46 31.94 -5.79
C SER C 491 21.41 30.90 -5.19
N THR C 492 21.50 30.81 -3.86
CA THR C 492 22.44 29.84 -3.32
C THR C 492 22.02 28.40 -3.66
N TYR C 493 20.72 28.16 -3.88
CA TYR C 493 20.29 26.86 -4.39
C TYR C 493 20.35 26.79 -5.91
N LEU C 494 19.88 27.82 -6.60
CA LEU C 494 19.60 27.66 -8.01
C LEU C 494 20.81 27.94 -8.89
N ASP C 495 21.77 28.77 -8.41
CA ASP C 495 22.90 29.13 -9.25
C ASP C 495 23.81 27.93 -9.49
N ILE C 496 23.83 26.97 -8.55
CA ILE C 496 24.79 25.88 -8.63
C ILE C 496 24.42 24.85 -9.69
N LEU C 497 23.26 24.99 -10.32
CA LEU C 497 22.87 24.10 -11.40
C LEU C 497 22.88 24.76 -12.76
N LYS C 498 23.30 26.04 -12.86
CA LYS C 498 23.50 26.65 -14.16
C LYS C 498 24.59 25.91 -14.95
N THR C 499 24.50 25.96 -16.28
CA THR C 499 25.42 25.19 -17.12
C THR C 499 26.88 25.55 -16.85
N THR C 500 27.14 26.76 -16.35
CA THR C 500 28.52 27.20 -16.12
C THR C 500 29.03 26.94 -14.70
N SER C 501 28.20 26.45 -13.77
CA SER C 501 28.68 26.15 -12.41
C SER C 501 29.22 24.72 -12.35
N SER C 502 30.38 24.53 -13.00
CA SER C 502 30.90 23.19 -13.21
C SER C 502 31.31 22.50 -11.91
N GLU C 503 31.67 23.26 -10.87
CA GLU C 503 32.03 22.58 -9.62
C GLU C 503 30.88 21.75 -9.10
N THR C 504 29.64 22.23 -9.28
CA THR C 504 28.47 21.55 -8.76
C THR C 504 27.64 20.82 -9.80
N THR C 505 27.73 21.18 -11.09
CA THR C 505 26.98 20.43 -12.07
C THR C 505 27.47 18.98 -12.18
N LYS C 506 28.76 18.74 -11.97
CA LYS C 506 29.22 17.35 -12.00
C LYS C 506 28.56 16.54 -10.89
N THR C 507 28.40 17.14 -9.71
CA THR C 507 27.92 16.41 -8.53
C THR C 507 26.47 15.99 -8.66
N TYR C 508 25.61 16.89 -9.15
CA TYR C 508 24.18 16.64 -9.14
C TYR C 508 23.62 16.25 -10.50
N LEU C 509 24.35 16.52 -11.60
CA LEU C 509 23.87 16.27 -12.94
C LEU C 509 24.89 15.57 -13.85
N GLY C 510 26.10 15.29 -13.36
CA GLY C 510 27.02 14.45 -14.09
C GLY C 510 27.85 15.09 -15.19
N PHE C 511 27.83 16.40 -15.34
CA PHE C 511 28.55 17.06 -16.42
C PHE C 511 29.37 18.21 -15.88
N ASP C 512 30.48 18.53 -16.58
CA ASP C 512 31.27 19.72 -16.25
C ASP C 512 31.66 20.50 -17.50
N ASN C 513 31.05 20.21 -18.65
CA ASN C 513 31.25 20.97 -19.88
C ASN C 513 30.01 21.80 -20.13
N PRO C 514 30.07 23.13 -19.94
CA PRO C 514 28.86 23.95 -20.09
C PRO C 514 28.23 23.87 -21.47
N ASN C 515 28.99 23.47 -22.48
CA ASN C 515 28.47 23.40 -23.85
C ASN C 515 28.28 21.97 -24.33
N SER C 516 28.18 21.03 -23.39
CA SER C 516 27.91 19.64 -23.73
C SER C 516 26.68 19.54 -24.62
N PRO C 517 26.67 18.64 -25.61
CA PRO C 517 25.43 18.41 -26.36
C PRO C 517 24.30 17.94 -25.47
N SER C 518 24.60 17.10 -24.47
CA SER C 518 23.58 16.68 -23.53
C SER C 518 23.01 17.88 -22.78
N VAL C 519 23.86 18.85 -22.44
CA VAL C 519 23.41 20.02 -21.69
C VAL C 519 22.41 20.83 -22.51
N VAL C 520 22.75 21.10 -23.76
CA VAL C 520 21.85 21.84 -24.65
C VAL C 520 20.55 21.06 -24.85
N GLN C 521 20.66 19.74 -25.03
CA GLN C 521 19.49 18.93 -25.38
C GLN C 521 18.45 18.91 -24.26
N VAL C 522 18.86 19.05 -23.00
CA VAL C 522 17.90 18.99 -21.89
C VAL C 522 17.39 20.40 -21.58
N GLY C 523 17.80 21.37 -22.40
CA GLY C 523 17.30 22.73 -22.29
C GLY C 523 17.90 23.57 -21.18
N LEU C 524 19.04 23.18 -20.62
CA LEU C 524 19.55 23.91 -19.47
C LEU C 524 20.00 25.33 -19.81
N LYS C 525 20.29 25.63 -21.07
CA LYS C 525 20.59 27.03 -21.40
C LYS C 525 19.38 27.91 -21.15
N GLU C 526 18.18 27.34 -21.26
CA GLU C 526 16.98 28.06 -20.90
C GLU C 526 16.94 28.36 -19.41
N TYR C 527 17.33 27.38 -18.59
CA TYR C 527 17.37 27.57 -17.15
C TYR C 527 18.37 28.66 -16.77
N ASP C 528 19.52 28.70 -17.46
CA ASP C 528 20.51 29.76 -17.24
C ASP C 528 19.89 31.15 -17.37
N LYS C 529 19.08 31.36 -18.41
CA LYS C 529 18.49 32.67 -18.63
C LYS C 529 17.56 33.05 -17.49
N LEU C 530 16.74 32.10 -17.03
CA LEU C 530 15.80 32.40 -15.96
C LEU C 530 16.53 32.77 -14.67
N VAL C 531 17.58 32.02 -14.34
CA VAL C 531 18.38 32.32 -13.16
C VAL C 531 19.05 33.68 -13.28
N ASP C 532 19.64 33.96 -14.44
CA ASP C 532 20.35 35.24 -14.64
C ASP C 532 19.41 36.42 -14.62
N GLU C 533 18.20 36.26 -15.17
CA GLU C 533 17.20 37.32 -15.13
C GLU C 533 16.76 37.59 -13.70
N ALA C 534 16.67 36.55 -12.87
CA ALA C 534 16.35 36.76 -11.46
C ALA C 534 17.50 37.46 -10.75
N ALA C 535 18.74 37.05 -11.03
CA ALA C 535 19.91 37.66 -10.39
C ALA C 535 19.97 39.17 -10.66
N ARG C 536 19.55 39.60 -11.85
CA ARG C 536 19.62 41.01 -12.20
C ARG C 536 18.64 41.88 -11.40
N GLU C 537 17.65 41.27 -10.75
CA GLU C 537 16.65 42.03 -10.00
C GLU C 537 17.22 42.40 -8.64
N THR C 538 17.73 43.63 -8.53
CA THR C 538 18.36 44.11 -7.31
C THR C 538 17.54 45.17 -6.57
N SER C 539 16.41 45.59 -7.11
CA SER C 539 15.69 46.75 -6.58
C SER C 539 14.33 46.40 -5.98
N ASP C 540 13.94 45.13 -5.96
CA ASP C 540 12.58 44.75 -5.55
C ASP C 540 12.62 43.27 -5.20
N LEU C 541 12.74 42.96 -3.90
CA LEU C 541 12.93 41.58 -3.48
C LEU C 541 11.80 40.67 -3.95
N ASN C 542 10.56 41.15 -3.89
CA ASN C 542 9.43 40.30 -4.25
C ASN C 542 9.49 39.89 -5.71
N VAL C 543 9.87 40.82 -6.60
CA VAL C 543 10.03 40.47 -8.00
C VAL C 543 11.24 39.54 -8.18
N ARG C 544 12.32 39.81 -7.46
CA ARG C 544 13.47 38.90 -7.51
C ARG C 544 13.05 37.49 -7.13
N TYR C 545 12.21 37.34 -6.10
CA TYR C 545 11.82 36.00 -5.68
C TYR C 545 10.86 35.37 -6.68
N GLU C 546 9.94 36.17 -7.23
CA GLU C 546 9.06 35.62 -8.26
C GLU C 546 9.86 35.15 -9.46
N LYS C 547 10.95 35.86 -9.79
CA LYS C 547 11.79 35.45 -10.90
C LYS C 547 12.59 34.19 -10.57
N TYR C 548 13.09 34.06 -9.33
CA TYR C 548 13.74 32.80 -8.97
C TYR C 548 12.72 31.66 -8.93
N ALA C 549 11.47 31.95 -8.57
CA ALA C 549 10.45 30.91 -8.61
C ALA C 549 10.21 30.39 -10.03
N ALA C 550 10.36 31.26 -11.04
CA ALA C 550 10.28 30.80 -12.42
C ALA C 550 11.39 29.81 -12.74
N ALA C 551 12.59 30.06 -12.20
CA ALA C 551 13.70 29.15 -12.41
C ALA C 551 13.46 27.83 -11.70
N GLN C 552 12.92 27.89 -10.48
CA GLN C 552 12.61 26.67 -9.75
C GLN C 552 11.49 25.89 -10.44
N ALA C 553 10.53 26.58 -11.06
CA ALA C 553 9.47 25.89 -11.77
C ALA C 553 10.04 25.09 -12.95
N TRP C 554 10.92 25.72 -13.73
CA TRP C 554 11.64 25.01 -14.79
C TRP C 554 12.35 23.77 -14.23
N LEU C 555 13.09 23.93 -13.14
CA LEU C 555 13.84 22.81 -12.57
C LEU C 555 12.92 21.69 -12.10
N THR C 556 11.83 22.05 -11.43
CA THR C 556 10.85 21.05 -11.00
C THR C 556 10.31 20.27 -12.19
N ASP C 557 9.88 21.00 -13.23
CA ASP C 557 9.36 20.33 -14.42
C ASP C 557 10.43 19.49 -15.10
N SER C 558 11.68 19.99 -15.14
CA SER C 558 12.73 19.26 -15.84
C SER C 558 13.02 17.90 -15.21
N SER C 559 12.73 17.74 -13.91
CA SER C 559 13.04 16.51 -13.18
C SER C 559 14.49 16.08 -13.39
N LEU C 560 15.38 17.04 -13.61
CA LEU C 560 16.82 16.75 -13.71
C LEU C 560 17.40 16.39 -12.36
N PHE C 561 16.80 16.89 -11.28
CA PHE C 561 17.08 16.45 -9.93
C PHE C 561 15.76 16.00 -9.33
N ILE C 562 15.78 14.87 -8.64
CA ILE C 562 14.56 14.32 -8.04
C ILE C 562 14.61 14.63 -6.55
N PRO C 563 13.87 15.64 -6.07
CA PRO C 563 13.87 15.94 -4.64
C PRO C 563 13.13 14.86 -3.85
N ALA C 564 13.64 14.59 -2.65
CA ALA C 564 13.07 13.54 -1.82
C ALA C 564 12.81 13.98 -0.38
N MET C 565 13.78 14.60 0.27
CA MET C 565 13.61 14.88 1.70
C MET C 565 14.60 15.95 2.15
N ALA C 566 14.33 16.53 3.32
CA ALA C 566 15.32 17.43 3.89
C ALA C 566 16.57 16.63 4.22
N SER C 567 17.74 17.24 4.02
CA SER C 567 18.99 16.52 4.22
C SER C 567 19.35 16.33 5.69
N SER C 568 18.65 17.01 6.59
CA SER C 568 18.91 16.86 8.01
C SER C 568 17.63 17.19 8.75
N GLY C 569 17.61 16.91 10.06
CA GLY C 569 16.41 17.21 10.82
C GLY C 569 15.26 16.26 10.49
N ALA C 570 14.10 16.59 11.04
CA ALA C 570 12.90 15.76 10.91
C ALA C 570 13.20 14.31 11.30
N ALA C 571 13.95 14.13 12.39
CA ALA C 571 14.48 12.85 12.81
C ALA C 571 14.24 12.65 14.29
N PRO C 572 14.01 11.42 14.73
CA PRO C 572 13.92 11.15 16.17
C PRO C 572 15.32 11.16 16.77
N VAL C 573 15.48 11.85 17.91
CA VAL C 573 16.78 11.96 18.53
C VAL C 573 16.67 11.84 20.05
N LEU C 574 17.80 11.51 20.67
CA LEU C 574 18.04 11.61 22.10
C LEU C 574 19.10 12.69 22.31
N SER C 575 18.98 13.44 23.41
CA SER C 575 19.92 14.54 23.62
C SER C 575 20.21 14.77 25.10
N ARG C 576 21.44 15.19 25.37
CA ARG C 576 21.85 15.81 26.63
C ARG C 576 22.21 17.29 26.44
N ILE C 577 21.76 17.91 25.35
CA ILE C 577 22.05 19.30 25.08
C ILE C 577 20.84 20.12 25.46
N VAL C 578 21.04 21.15 26.27
CA VAL C 578 19.90 21.96 26.70
C VAL C 578 19.20 22.54 25.48
N PRO C 579 17.88 22.37 25.34
CA PRO C 579 17.19 22.77 24.11
C PRO C 579 17.35 24.25 23.79
N PHE C 580 17.66 24.52 22.52
CA PHE C 580 17.66 25.87 21.95
C PHE C 580 18.71 26.76 22.60
N THR C 581 19.80 26.16 23.07
CA THR C 581 20.97 26.91 23.49
C THR C 581 21.98 27.07 22.37
N GLY C 582 21.95 26.18 21.37
CA GLY C 582 22.90 26.28 20.28
C GLY C 582 22.54 27.34 19.25
N ALA C 583 23.51 27.65 18.41
CA ALA C 583 23.31 28.57 17.28
C ALA C 583 22.20 28.05 16.37
N SER C 584 21.39 28.96 15.86
CA SER C 584 20.36 28.69 14.88
C SER C 584 20.76 29.33 13.56
N ALA C 585 20.91 28.54 12.51
CA ALA C 585 21.26 29.11 11.20
C ALA C 585 20.56 28.33 10.08
N GLN C 586 19.90 29.03 9.17
CA GLN C 586 19.29 28.27 8.06
C GLN C 586 20.32 28.14 6.94
N THR C 587 21.36 28.95 6.99
CA THR C 587 22.38 28.92 5.94
C THR C 587 23.78 29.08 6.54
N GLY C 588 24.77 28.73 5.76
CA GLY C 588 26.12 29.04 6.18
C GLY C 588 26.76 28.01 7.09
N SER C 589 27.89 28.42 7.69
CA SER C 589 28.82 27.54 8.38
C SER C 589 28.88 27.73 9.90
N LYS C 590 27.93 28.47 10.48
CA LYS C 590 27.97 28.77 11.91
C LYS C 590 26.74 28.23 12.63
N GLY C 591 26.03 27.27 12.03
CA GLY C 591 24.94 26.59 12.71
C GLY C 591 25.45 25.54 13.68
N SER C 592 24.59 25.13 14.62
CA SER C 592 24.98 24.19 15.65
C SER C 592 25.26 22.78 15.12
N ASP C 593 25.00 22.50 13.84
CA ASP C 593 25.40 21.19 13.31
C ASP C 593 26.91 21.05 13.22
N VAL C 594 27.62 22.17 13.07
CA VAL C 594 29.08 22.16 12.97
C VAL C 594 29.77 23.08 13.96
N TYR C 595 29.10 24.09 14.49
CA TYR C 595 29.72 25.14 15.34
C TYR C 595 29.08 25.12 16.73
N PHE C 596 29.89 24.85 17.74
CA PHE C 596 29.41 24.50 19.10
C PHE C 596 29.50 25.62 20.15
N LYS C 597 29.66 26.85 19.70
CA LYS C 597 29.54 28.00 20.62
C LYS C 597 28.07 28.12 21.07
N TYR C 598 27.83 28.60 22.31
CA TYR C 598 26.50 28.84 22.93
C TYR C 598 25.85 27.57 23.51
N LEU C 599 26.08 26.41 22.91
CA LEU C 599 25.49 25.11 23.32
C LEU C 599 25.85 24.86 24.77
N LYS C 600 24.87 24.37 25.50
CA LYS C 600 25.05 23.98 26.91
C LYS C 600 24.59 22.54 27.06
N SER C 601 25.29 21.76 27.85
CA SER C 601 24.86 20.36 28.07
C SER C 601 24.33 20.22 29.50
N GLN C 602 23.53 19.21 29.73
CA GLN C 602 22.94 18.92 31.06
C GLN C 602 23.28 17.48 31.43
N ASP C 603 23.15 17.14 32.70
CA ASP C 603 23.50 15.75 33.10
C ASP C 603 22.41 14.76 32.69
N LYS C 604 21.16 15.07 32.93
CA LYS C 604 20.08 14.14 32.63
C LYS C 604 19.73 14.18 31.15
N VAL C 605 19.18 13.07 30.66
CA VAL C 605 18.70 13.03 29.28
C VAL C 605 17.52 13.99 29.16
N VAL C 606 17.51 14.80 28.08
CA VAL C 606 16.41 15.72 27.82
C VAL C 606 15.14 14.92 27.60
N THR C 607 14.02 15.43 28.14
CA THR C 607 12.73 14.79 27.92
C THR C 607 12.04 15.50 26.76
N LYS C 608 11.16 14.78 26.08
CA LYS C 608 10.41 15.42 25.01
C LYS C 608 9.63 16.60 25.54
N GLU C 609 9.08 16.48 26.76
CA GLU C 609 8.34 17.60 27.34
C GLU C 609 9.24 18.81 27.53
N GLU C 610 10.46 18.59 28.00
CA GLU C 610 11.40 19.70 28.14
C GLU C 610 11.66 20.36 26.80
N TYR C 611 11.87 19.56 25.75
CA TYR C 611 12.15 20.10 24.44
C TYR C 611 10.96 20.87 23.89
N GLU C 612 9.76 20.32 24.02
CA GLU C 612 8.59 20.98 23.43
C GLU C 612 8.29 22.30 24.14
N LYS C 613 8.38 22.31 25.47
CA LYS C 613 8.19 23.54 26.24
C LYS C 613 9.22 24.59 25.85
N ALA C 614 10.49 24.19 25.72
CA ALA C 614 11.52 25.14 25.29
C ALA C 614 11.26 25.61 23.86
N ARG C 615 10.77 24.73 23.00
CA ARG C 615 10.49 25.13 21.61
C ARG C 615 9.43 26.21 21.55
N GLU C 616 8.35 26.05 22.32
CA GLU C 616 7.27 27.02 22.26
C GLU C 616 7.73 28.38 22.79
N LYS C 617 8.57 28.37 23.83
CA LYS C 617 9.14 29.61 24.33
C LYS C 617 10.07 30.24 23.30
N TRP C 618 10.93 29.41 22.69
CA TRP C 618 11.91 29.89 21.73
C TRP C 618 11.24 30.48 20.49
N LEU C 619 10.14 29.87 20.04
CA LEU C 619 9.44 30.40 18.86
C LEU C 619 8.96 31.82 19.10
N LYS C 620 8.45 32.10 20.30
CA LYS C 620 7.94 33.44 20.60
C LYS C 620 9.08 34.44 20.71
N GLU C 621 10.16 34.06 21.39
CA GLU C 621 11.30 34.96 21.54
C GLU C 621 12.00 35.20 20.21
N LYS C 622 12.07 34.16 19.37
CA LYS C 622 12.75 34.26 18.10
C LYS C 622 12.05 35.28 17.18
N ALA C 623 10.73 35.17 17.07
CA ALA C 623 9.96 36.10 16.27
C ALA C 623 10.22 37.55 16.70
N GLU C 624 10.26 37.79 18.02
CA GLU C 624 10.50 39.15 18.50
C GLU C 624 11.96 39.56 18.32
N SER C 625 12.89 38.67 18.67
CA SER C 625 14.31 38.93 18.46
C SER C 625 14.61 39.24 16.99
N ASN C 626 14.01 38.47 16.10
CA ASN C 626 14.29 38.64 14.68
C ASN C 626 13.71 40.00 14.24
N GLU C 627 12.55 40.32 14.76
CA GLU C 627 11.93 41.60 14.38
C GLU C 627 12.79 42.79 14.86
N LYS C 628 13.27 42.72 16.08
CA LYS C 628 14.17 43.72 16.69
C LYS C 628 15.41 43.86 15.80
N ALA C 629 16.00 42.74 15.41
CA ALA C 629 17.23 42.84 14.60
C ALA C 629 16.95 43.53 13.28
N GLN C 630 15.81 43.22 12.69
CA GLN C 630 15.47 43.80 11.39
C GLN C 630 15.31 45.31 11.49
N LYS C 631 14.64 45.79 12.54
CA LYS C 631 14.49 47.24 12.70
C LYS C 631 15.79 47.95 13.03
N GLU C 632 16.78 47.26 13.60
CA GLU C 632 18.10 47.82 13.84
C GLU C 632 18.93 47.99 12.57
N LEU C 633 18.55 47.37 11.45
CA LEU C 633 19.37 47.46 10.26
C LEU C 633 19.51 48.89 9.79
N ALA C 634 18.42 49.67 9.89
CA ALA C 634 18.48 51.08 9.50
C ALA C 634 19.60 51.81 10.23
N SER C 635 19.85 51.44 11.49
CA SER C 635 20.87 52.12 12.28
C SER C 635 22.27 51.96 11.69
N HIS C 636 22.47 50.96 10.84
CA HIS C 636 23.80 50.67 10.29
C HIS C 636 24.04 51.37 8.96
N VAL C 637 23.05 52.04 8.40
CA VAL C 637 23.23 52.75 7.14
C VAL C 637 23.89 54.09 7.45
N LYS C 638 25.06 54.33 6.85
CA LYS C 638 25.80 55.56 7.11
C LYS C 638 26.23 56.24 5.81
N ALA D 12 -3.65 18.74 66.91
CA ALA D 12 -2.92 19.88 66.36
C ALA D 12 -3.73 20.60 65.28
N PRO D 13 -4.72 21.39 65.70
CA PRO D 13 -5.59 22.04 64.70
C PRO D 13 -4.88 23.11 63.90
N LYS D 14 -3.83 23.75 64.44
CA LYS D 14 -3.13 24.80 63.69
C LYS D 14 -2.17 24.25 62.64
N ALA D 15 -2.13 22.93 62.46
CA ALA D 15 -1.31 22.31 61.42
C ALA D 15 -2.26 21.87 60.30
N TYR D 16 -2.35 22.68 59.25
CA TYR D 16 -3.22 22.39 58.12
C TYR D 16 -2.62 21.25 57.29
N GLY D 17 -3.43 20.24 57.00
CA GLY D 17 -3.01 19.18 56.12
C GLY D 17 -4.07 18.86 55.08
N TYR D 18 -3.64 18.78 53.82
CA TYR D 18 -4.48 18.27 52.75
C TYR D 18 -3.58 17.73 51.64
N VAL D 19 -4.01 17.88 50.38
CA VAL D 19 -3.33 17.25 49.26
C VAL D 19 -3.16 18.26 48.13
N TYR D 20 -2.27 17.94 47.20
CA TYR D 20 -2.13 18.62 45.93
C TYR D 20 -2.03 17.55 44.84
N THR D 21 -2.39 17.90 43.60
CA THR D 21 -2.58 16.88 42.59
C THR D 21 -1.60 16.92 41.43
N ALA D 22 -0.80 17.97 41.30
CA ALA D 22 0.19 18.03 40.23
C ALA D 22 1.38 18.86 40.68
N ASP D 23 2.58 18.33 40.45
CA ASP D 23 3.77 19.12 40.75
C ASP D 23 3.84 20.33 39.80
N PRO D 24 4.23 21.50 40.30
CA PRO D 24 4.34 22.67 39.41
C PRO D 24 5.42 22.47 38.35
N GLU D 25 5.23 23.08 37.18
CA GLU D 25 6.33 23.12 36.22
C GLU D 25 7.34 24.22 36.53
N THR D 26 6.95 25.20 37.34
CA THR D 26 7.78 26.36 37.62
C THR D 26 7.25 26.99 38.90
N LEU D 27 8.10 27.74 39.59
CA LEU D 27 7.63 28.60 40.66
C LEU D 27 7.40 30.02 40.17
N ASP D 28 7.62 30.27 38.89
CA ASP D 28 7.49 31.61 38.32
C ASP D 28 6.01 31.91 38.17
N TYR D 29 5.45 32.53 39.22
CA TYR D 29 4.05 32.92 39.26
C TYR D 29 3.70 33.97 38.22
N LEU D 30 4.69 34.69 37.69
CA LEU D 30 4.39 35.70 36.69
C LEU D 30 4.16 35.10 35.30
N ILE D 31 4.67 33.90 35.03
CA ILE D 31 4.64 33.36 33.68
C ILE D 31 3.66 32.21 33.53
N SER D 32 3.25 31.55 34.60
CA SER D 32 2.41 30.37 34.50
C SER D 32 0.92 30.74 34.51
N SER D 33 0.14 30.06 33.67
CA SER D 33 -1.32 30.13 33.72
C SER D 33 -1.92 28.91 34.39
N LYS D 34 -1.10 28.10 35.05
N LYS D 34 -1.11 28.10 35.07
CA LYS D 34 -1.52 26.81 35.59
CA LYS D 34 -1.56 26.81 35.56
C LYS D 34 -1.73 26.89 37.09
C LYS D 34 -1.70 26.84 37.07
N ASN D 35 -2.81 26.28 37.57
CA ASN D 35 -3.12 26.32 38.99
C ASN D 35 -2.09 25.59 39.84
N SER D 36 -1.31 24.68 39.26
CA SER D 36 -0.28 24.01 40.05
C SER D 36 0.80 24.98 40.53
N THR D 37 1.05 26.06 39.79
CA THR D 37 1.95 27.09 40.29
C THR D 37 1.29 27.92 41.38
N THR D 38 0.01 28.27 41.18
CA THR D 38 -0.71 29.03 42.19
C THR D 38 -0.73 28.30 43.52
N VAL D 39 -0.95 26.98 43.47
CA VAL D 39 -1.07 26.17 44.67
C VAL D 39 0.17 26.32 45.54
N VAL D 40 1.35 26.35 44.90
CA VAL D 40 2.57 26.43 45.70
C VAL D 40 3.06 27.84 45.96
N THR D 41 2.43 28.89 45.38
CA THR D 41 2.98 30.22 45.58
C THR D 41 2.04 31.24 46.23
N SER D 42 0.72 31.08 46.10
CA SER D 42 -0.17 32.13 46.56
C SER D 42 -0.02 32.37 48.06
N ASN D 43 0.16 31.30 48.84
CA ASN D 43 0.32 31.49 50.29
C ASN D 43 1.56 32.29 50.64
N GLY D 44 2.53 32.38 49.72
CA GLY D 44 3.78 33.06 50.00
C GLY D 44 3.95 34.41 49.32
N ILE D 45 3.10 34.74 48.34
CA ILE D 45 3.25 35.96 47.53
C ILE D 45 1.93 36.70 47.51
N ASP D 46 1.89 37.89 48.13
CA ASP D 46 0.74 38.80 48.06
C ASP D 46 0.98 39.85 46.98
N GLY D 47 -0.07 40.16 46.25
CA GLY D 47 -0.11 41.35 45.41
C GLY D 47 -0.79 42.50 46.11
N LEU D 48 -1.35 43.43 45.32
CA LEU D 48 -1.88 44.66 45.89
C LEU D 48 -3.12 44.41 46.74
N PHE D 49 -3.96 43.43 46.38
CA PHE D 49 -5.18 43.09 47.10
C PHE D 49 -5.27 41.58 47.34
N THR D 50 -5.99 41.21 48.40
CA THR D 50 -6.49 39.84 48.55
C THR D 50 -8.02 39.90 48.58
N ASN D 51 -8.64 38.81 49.03
CA ASN D 51 -10.10 38.75 49.18
C ASN D 51 -10.45 38.49 50.64
N ASP D 52 -11.45 39.19 51.16
CA ASP D 52 -11.89 38.90 52.51
C ASP D 52 -12.90 37.75 52.50
N ASN D 53 -13.46 37.44 53.67
CA ASN D 53 -14.31 36.26 53.74
C ASN D 53 -15.66 36.48 53.10
N TYR D 54 -16.00 37.71 52.74
CA TYR D 54 -17.24 38.00 52.01
C TYR D 54 -17.00 38.20 50.52
N GLY D 55 -15.77 38.08 50.05
CA GLY D 55 -15.48 38.24 48.64
C GLY D 55 -15.00 39.62 48.21
N ASN D 56 -15.03 40.60 49.10
CA ASN D 56 -14.55 41.94 48.76
C ASN D 56 -13.04 41.93 48.55
N LEU D 57 -12.57 42.82 47.67
CA LEU D 57 -11.14 43.11 47.64
C LEU D 57 -10.72 43.72 48.96
N ALA D 58 -9.63 43.21 49.54
CA ALA D 58 -9.09 43.68 50.79
C ALA D 58 -7.68 44.23 50.58
N PRO D 59 -7.36 45.38 51.18
CA PRO D 59 -5.99 45.91 51.05
C PRO D 59 -4.96 44.86 51.45
N ALA D 60 -3.93 44.71 50.61
CA ALA D 60 -2.80 43.84 50.91
C ALA D 60 -1.53 44.66 50.83
N VAL D 61 -0.71 44.45 49.80
CA VAL D 61 0.44 45.34 49.61
C VAL D 61 -0.02 46.76 49.30
N ALA D 62 -1.16 46.93 48.63
CA ALA D 62 -1.74 48.26 48.49
C ALA D 62 -2.57 48.57 49.75
N GLU D 63 -2.16 49.59 50.49
CA GLU D 63 -2.94 49.98 51.66
C GLU D 63 -4.17 50.78 51.27
N ASP D 64 -4.09 51.55 50.19
CA ASP D 64 -5.20 52.34 49.68
C ASP D 64 -5.01 52.50 48.18
N TRP D 65 -6.00 53.10 47.52
CA TRP D 65 -5.91 53.24 46.08
C TRP D 65 -6.84 54.36 45.64
N GLU D 66 -6.56 54.88 44.45
CA GLU D 66 -7.45 55.85 43.81
C GLU D 66 -7.41 55.64 42.31
N VAL D 67 -8.44 56.15 41.64
CA VAL D 67 -8.54 56.06 40.19
C VAL D 67 -8.96 57.43 39.67
N SER D 68 -8.49 57.77 38.47
CA SER D 68 -8.78 59.08 37.90
C SER D 68 -10.23 59.16 37.44
N LYS D 69 -10.68 60.40 37.24
CA LYS D 69 -12.00 60.69 36.69
C LYS D 69 -12.25 59.90 35.41
N ASP D 70 -11.28 59.90 34.49
CA ASP D 70 -11.45 59.26 33.20
C ASP D 70 -11.29 57.75 33.26
N GLY D 71 -10.98 57.20 34.43
CA GLY D 71 -10.89 55.76 34.63
C GLY D 71 -9.67 55.09 34.06
N LEU D 72 -8.69 55.85 33.57
CA LEU D 72 -7.54 55.26 32.90
C LEU D 72 -6.30 55.14 33.79
N THR D 73 -6.24 55.89 34.89
CA THR D 73 -5.05 55.94 35.74
CA THR D 73 -5.05 55.94 35.74
C THR D 73 -5.41 55.45 37.14
N TYR D 74 -4.75 54.38 37.57
CA TYR D 74 -4.95 53.79 38.89
C TYR D 74 -3.69 54.00 39.73
N THR D 75 -3.86 54.54 40.94
CA THR D 75 -2.73 54.80 41.82
C THR D 75 -2.91 54.05 43.15
N TYR D 76 -1.86 53.35 43.57
CA TYR D 76 -1.90 52.49 44.76
C TYR D 76 -0.90 53.02 45.78
N LYS D 77 -1.34 53.14 47.04
CA LYS D 77 -0.44 53.48 48.13
C LYS D 77 0.09 52.17 48.71
N ILE D 78 1.38 51.97 48.53
CA ILE D 78 2.06 50.75 49.01
C ILE D 78 2.22 50.80 50.53
N ARG D 79 1.78 49.76 51.22
CA ARG D 79 1.94 49.69 52.68
C ARG D 79 3.44 49.70 53.00
N LYS D 80 3.85 50.52 53.96
CA LYS D 80 5.30 50.59 54.25
C LYS D 80 5.67 49.49 55.25
N GLY D 81 6.86 48.95 55.15
CA GLY D 81 7.30 47.94 56.12
C GLY D 81 6.98 46.49 55.77
N VAL D 82 6.48 46.26 54.57
CA VAL D 82 6.27 44.88 54.10
C VAL D 82 7.60 44.40 53.54
N LYS D 83 8.11 43.31 54.11
CA LYS D 83 9.42 42.78 53.74
C LYS D 83 9.28 41.53 52.87
N TRP D 84 10.26 41.35 51.99
CA TRP D 84 10.53 40.06 51.36
C TRP D 84 11.40 39.22 52.30
N PHE D 85 11.10 37.92 52.37
CA PHE D 85 11.82 36.97 53.21
C PHE D 85 12.26 35.76 52.38
N THR D 86 13.40 35.18 52.76
CA THR D 86 13.78 33.90 52.18
C THR D 86 12.90 32.77 52.73
N SER D 87 13.01 31.59 52.12
CA SER D 87 12.26 30.44 52.61
CA SER D 87 12.28 30.43 52.60
C SER D 87 12.59 30.12 54.05
N ASP D 88 13.79 30.48 54.52
CA ASP D 88 14.19 30.24 55.89
C ASP D 88 13.98 31.45 56.79
N GLY D 89 13.18 32.42 56.34
CA GLY D 89 12.78 33.53 57.18
C GLY D 89 13.81 34.63 57.36
N GLU D 90 14.81 34.71 56.50
CA GLU D 90 15.75 35.82 56.56
C GLU D 90 15.19 37.02 55.79
N GLU D 91 15.21 38.20 56.41
CA GLU D 91 14.75 39.41 55.74
C GLU D 91 15.69 39.76 54.61
N TYR D 92 15.13 39.96 53.42
CA TYR D 92 15.92 40.26 52.24
C TYR D 92 15.82 41.72 51.84
N ALA D 93 14.61 42.26 51.70
CA ALA D 93 14.46 43.65 51.28
C ALA D 93 13.04 44.09 51.55
N GLU D 94 12.83 45.40 51.46
CA GLU D 94 11.49 45.98 51.51
C GLU D 94 10.77 45.78 50.18
N VAL D 95 9.45 45.52 50.28
CA VAL D 95 8.59 45.50 49.10
C VAL D 95 8.26 46.94 48.72
N THR D 96 8.48 47.30 47.46
CA THR D 96 8.26 48.67 47.00
C THR D 96 7.55 48.65 45.66
N ALA D 97 7.11 49.83 45.22
CA ALA D 97 6.41 50.02 43.92
C ALA D 97 7.26 49.48 42.79
N LYS D 98 8.56 49.54 42.94
CA LYS D 98 9.52 49.06 41.91
C LYS D 98 9.30 47.56 41.62
N ASP D 99 8.95 46.77 42.62
CA ASP D 99 8.76 45.31 42.47
C ASP D 99 7.59 45.02 41.51
N PHE D 100 6.57 45.87 41.49
CA PHE D 100 5.46 45.66 40.57
C PHE D 100 5.82 46.10 39.15
N VAL D 101 6.63 47.15 39.01
CA VAL D 101 7.16 47.47 37.68
C VAL D 101 7.99 46.30 37.16
N ASN D 102 8.89 45.79 38.00
CA ASN D 102 9.71 44.66 37.58
C ASN D 102 8.88 43.41 37.30
N GLY D 103 7.82 43.18 38.09
CA GLY D 103 7.01 42.01 37.88
C GLY D 103 6.36 41.99 36.51
N LEU D 104 5.78 43.13 36.11
CA LEU D 104 5.16 43.19 34.79
C LEU D 104 6.21 43.12 33.70
N LYS D 105 7.36 43.79 33.90
CA LYS D 105 8.45 43.69 32.93
C LYS D 105 8.90 42.24 32.75
N HIS D 106 9.11 41.53 33.86
CA HIS D 106 9.45 40.11 33.79
C HIS D 106 8.39 39.31 33.06
N ALA D 107 7.12 39.54 33.38
CA ALA D 107 6.04 38.83 32.69
C ALA D 107 6.07 39.09 31.19
N ALA D 108 6.40 40.31 30.78
CA ALA D 108 6.48 40.61 29.36
C ALA D 108 7.72 39.99 28.73
N ASP D 109 8.89 40.18 29.35
CA ASP D 109 10.14 39.65 28.82
C ASP D 109 10.09 38.14 28.66
N LYS D 110 9.41 37.44 29.58
CA LYS D 110 9.37 36.00 29.57
C LYS D 110 8.12 35.45 28.90
N LYS D 111 7.30 36.33 28.31
CA LYS D 111 6.15 35.92 27.50
C LYS D 111 5.14 35.10 28.32
N SER D 112 4.62 35.71 29.38
CA SER D 112 3.77 35.00 30.32
C SER D 112 2.57 34.35 29.61
N GLU D 113 2.25 33.12 30.04
CA GLU D 113 1.07 32.41 29.53
C GLU D 113 -0.24 33.12 29.86
N ALA D 114 -0.22 34.11 30.77
CA ALA D 114 -1.41 34.83 31.20
C ALA D 114 -1.45 36.25 30.66
N MET D 115 -0.68 36.54 29.62
CA MET D 115 -0.54 37.92 29.16
C MET D 115 -1.85 38.50 28.65
N TYR D 116 -2.85 37.66 28.34
CA TYR D 116 -4.15 38.19 27.91
C TYR D 116 -4.75 39.10 28.98
N LEU D 117 -4.37 38.88 30.24
CA LEU D 117 -4.75 39.75 31.36
C LEU D 117 -4.39 41.20 31.11
N ALA D 118 -3.24 41.44 30.49
CA ALA D 118 -2.62 42.76 30.51
C ALA D 118 -2.28 43.33 29.14
N GLU D 119 -2.10 42.50 28.11
CA GLU D 119 -1.51 43.00 26.87
C GLU D 119 -2.36 44.09 26.22
N ASN D 120 -3.67 44.01 26.35
CA ASN D 120 -4.56 45.01 25.76
C ASN D 120 -5.11 45.99 26.79
N SER D 121 -4.70 45.88 28.04
CA SER D 121 -5.14 46.82 29.07
C SER D 121 -4.09 47.86 29.42
N VAL D 122 -2.87 47.44 29.75
CA VAL D 122 -1.83 48.38 30.17
C VAL D 122 -1.29 49.09 28.94
N LYS D 123 -1.30 50.42 28.98
CA LYS D 123 -0.88 51.21 27.84
CA LYS D 123 -0.88 51.21 27.84
C LYS D 123 0.54 50.87 27.43
N GLY D 124 0.77 50.72 26.13
CA GLY D 124 2.10 50.46 25.60
C GLY D 124 2.60 49.05 25.78
N LEU D 125 1.90 48.21 26.55
CA LEU D 125 2.39 46.86 26.79
C LEU D 125 2.40 46.03 25.50
N ALA D 126 1.37 46.21 24.65
CA ALA D 126 1.31 45.47 23.39
C ALA D 126 2.54 45.72 22.54
N ASP D 127 2.96 46.99 22.44
CA ASP D 127 4.10 47.32 21.59
C ASP D 127 5.41 46.86 22.19
N TYR D 128 5.49 46.79 23.53
CA TYR D 128 6.68 46.23 24.15
C TYR D 128 6.78 44.73 23.91
N LEU D 129 5.65 44.04 23.92
CA LEU D 129 5.63 42.59 23.72
C LEU D 129 6.08 42.20 22.32
N SER D 130 5.82 43.04 21.32
CA SER D 130 6.13 42.69 19.94
C SER D 130 7.54 43.06 19.53
N GLY D 131 8.23 43.89 20.31
CA GLY D 131 9.53 44.39 19.93
C GLY D 131 9.51 45.73 19.24
N THR D 132 8.32 46.26 18.93
CA THR D 132 8.23 47.59 18.33
C THR D 132 8.80 48.65 19.26
N SER D 133 8.59 48.49 20.56
CA SER D 133 9.18 49.35 21.58
C SER D 133 10.16 48.52 22.42
N THR D 134 11.34 49.08 22.66
CA THR D 134 12.36 48.40 23.45
C THR D 134 12.47 48.93 24.87
N ASP D 135 11.91 50.09 25.16
CA ASP D 135 12.05 50.74 26.44
C ASP D 135 10.79 50.48 27.28
N PHE D 136 10.96 49.77 28.40
CA PHE D 136 9.80 49.47 29.24
C PHE D 136 9.23 50.70 29.91
N SER D 137 9.95 51.83 29.90
CA SER D 137 9.41 53.09 30.38
C SER D 137 8.17 53.53 29.61
N THR D 138 8.01 53.07 28.37
CA THR D 138 6.83 53.40 27.57
C THR D 138 5.57 52.66 28.03
N VAL D 139 5.72 51.71 28.94
CA VAL D 139 4.61 50.87 29.42
C VAL D 139 3.99 51.50 30.66
N GLY D 140 2.67 51.47 30.72
CA GLY D 140 1.91 52.14 31.75
C GLY D 140 1.91 51.50 33.12
N VAL D 141 3.10 51.23 33.66
CA VAL D 141 3.28 50.93 35.09
C VAL D 141 4.50 51.70 35.55
N LYS D 142 4.38 52.39 36.68
CA LYS D 142 5.41 53.34 37.09
C LYS D 142 5.52 53.38 38.61
N ALA D 143 6.75 53.28 39.11
CA ALA D 143 7.02 53.60 40.50
C ALA D 143 7.24 55.11 40.56
N VAL D 144 6.16 55.85 40.79
CA VAL D 144 6.26 57.31 40.98
C VAL D 144 7.22 57.61 42.13
N ASP D 145 7.13 56.85 43.21
CA ASP D 145 8.16 56.76 44.24
C ASP D 145 8.04 55.39 44.87
N ASP D 146 8.82 55.13 45.94
CA ASP D 146 8.88 53.79 46.51
C ASP D 146 7.53 53.27 46.99
N TYR D 147 6.64 54.15 47.43
CA TYR D 147 5.36 53.70 48.00
C TYR D 147 4.18 54.20 47.20
N THR D 148 4.39 54.53 45.93
CA THR D 148 3.33 55.04 45.05
C THR D 148 3.45 54.34 43.71
N LEU D 149 2.47 53.52 43.37
CA LEU D 149 2.48 52.71 42.16
C LEU D 149 1.32 53.14 41.28
N GLN D 150 1.60 53.33 39.99
CA GLN D 150 0.62 53.87 39.05
C GLN D 150 0.56 53.04 37.78
N TYR D 151 -0.63 52.56 37.44
CA TYR D 151 -0.91 51.93 36.15
C TYR D 151 -1.75 52.86 35.30
N THR D 152 -1.49 52.88 33.99
CA THR D 152 -2.34 53.59 33.04
C THR D 152 -2.86 52.62 31.98
N LEU D 153 -4.17 52.65 31.76
CA LEU D 153 -4.84 51.70 30.89
C LEU D 153 -5.23 52.31 29.55
N ASN D 154 -5.37 51.45 28.53
CA ASN D 154 -5.82 51.89 27.22
C ASN D 154 -7.27 52.31 27.21
N GLN D 155 -8.07 51.81 28.14
CA GLN D 155 -9.49 52.11 28.21
C GLN D 155 -9.95 51.85 29.63
N PRO D 156 -11.09 52.41 30.04
CA PRO D 156 -11.62 52.09 31.37
C PRO D 156 -11.91 50.60 31.51
N GLU D 157 -11.63 50.07 32.70
CA GLU D 157 -11.91 48.68 33.04
C GLU D 157 -12.45 48.66 34.47
N PRO D 158 -13.77 48.61 34.64
CA PRO D 158 -14.34 48.54 36.01
C PRO D 158 -13.86 47.31 36.77
N PHE D 159 -13.45 46.26 36.04
CA PHE D 159 -12.95 45.02 36.61
C PHE D 159 -11.43 45.02 36.80
N TRP D 160 -10.77 46.14 36.54
CA TRP D 160 -9.30 46.18 36.61
C TRP D 160 -8.81 45.73 37.98
N ASN D 161 -9.36 46.31 39.05
CA ASN D 161 -8.88 45.96 40.38
C ASN D 161 -9.03 44.46 40.65
N SER D 162 -10.07 43.81 40.14
CA SER D 162 -10.19 42.38 40.36
C SER D 162 -9.05 41.59 39.72
N LYS D 163 -8.40 42.13 38.68
CA LYS D 163 -7.24 41.44 38.11
C LYS D 163 -6.08 41.38 39.09
N LEU D 164 -6.04 42.28 40.07
CA LEU D 164 -4.84 42.40 40.89
C LEU D 164 -4.73 41.30 41.94
N THR D 165 -5.73 40.44 42.09
CA THR D 165 -5.57 39.25 42.89
C THR D 165 -5.09 38.07 42.07
N TYR D 166 -4.76 38.28 40.79
CA TYR D 166 -4.20 37.25 39.94
C TYR D 166 -2.67 37.43 39.82
N SER D 167 -1.97 36.29 39.70
CA SER D 167 -0.53 36.22 39.89
C SER D 167 0.28 37.05 38.89
N ILE D 168 -0.24 37.35 37.69
CA ILE D 168 0.57 38.13 36.77
C ILE D 168 0.82 39.53 37.31
N PHE D 169 0.01 40.00 38.25
CA PHE D 169 0.20 41.32 38.84
C PHE D 169 0.84 41.26 40.22
N TRP D 170 1.51 40.17 40.55
CA TRP D 170 2.23 40.08 41.81
C TRP D 170 3.62 40.73 41.68
N PRO D 171 4.21 41.16 42.79
CA PRO D 171 5.52 41.81 42.72
C PRO D 171 6.64 40.79 42.64
N LEU D 172 7.81 41.29 42.21
CA LEU D 172 9.01 40.48 42.15
C LEU D 172 10.19 41.39 42.39
N ASN D 173 11.04 41.02 43.36
CA ASN D 173 12.23 41.82 43.66
C ASN D 173 13.29 41.59 42.57
N GLU D 174 13.73 42.69 41.94
CA GLU D 174 14.63 42.55 40.81
C GLU D 174 16.02 42.10 41.24
N GLU D 175 16.50 42.61 42.37
CA GLU D 175 17.83 42.26 42.85
C GLU D 175 17.93 40.75 43.09
N PHE D 176 16.92 40.17 43.73
CA PHE D 176 16.91 38.72 43.97
C PHE D 176 16.83 37.95 42.66
N GLU D 177 15.91 38.36 41.76
CA GLU D 177 15.77 37.68 40.48
C GLU D 177 17.07 37.67 39.70
N THR D 178 17.74 38.83 39.66
CA THR D 178 19.02 38.93 38.95
C THR D 178 20.07 38.04 39.61
N SER D 179 20.13 38.06 40.94
CA SER D 179 21.14 37.29 41.64
C SER D 179 20.98 35.80 41.40
N LYS D 180 19.74 35.32 41.20
CA LYS D 180 19.51 33.90 41.03
C LYS D 180 19.75 33.42 39.61
N GLY D 181 19.68 34.32 38.63
CA GLY D 181 19.94 33.94 37.25
C GLY D 181 19.04 32.81 36.79
N SER D 182 19.65 31.80 36.20
CA SER D 182 18.87 30.67 35.67
C SER D 182 18.42 29.72 36.79
N ASP D 183 18.79 29.99 38.04
CA ASP D 183 18.35 29.16 39.18
C ASP D 183 17.03 29.73 39.75
N PHE D 184 16.53 30.82 39.19
CA PHE D 184 15.31 31.48 39.66
C PHE D 184 14.05 30.60 39.50
N ALA D 185 13.24 30.57 40.54
CA ALA D 185 11.91 29.94 40.48
C ALA D 185 11.93 28.49 39.99
N LYS D 186 12.90 27.71 40.44
CA LYS D 186 12.96 26.28 40.05
C LYS D 186 11.93 25.51 40.86
N PRO D 187 11.18 24.59 40.23
CA PRO D 187 10.03 23.93 40.87
C PRO D 187 10.27 23.04 42.08
N THR D 188 11.53 22.65 42.31
CA THR D 188 11.86 21.78 43.46
C THR D 188 12.84 22.53 44.36
N ASP D 189 12.79 23.87 44.35
CA ASP D 189 13.72 24.63 45.19
C ASP D 189 13.05 25.84 45.81
N PRO D 190 12.55 25.72 47.04
CA PRO D 190 11.91 26.88 47.69
C PRO D 190 12.85 28.05 47.95
N THR D 191 14.18 27.85 47.91
CA THR D 191 15.09 28.99 48.10
C THR D 191 15.20 29.86 46.85
N SER D 192 14.55 29.48 45.75
CA SER D 192 14.68 30.22 44.50
C SER D 192 13.56 31.23 44.30
N LEU D 193 12.72 31.44 45.32
CA LEU D 193 11.76 32.54 45.40
C LEU D 193 11.96 33.28 46.72
N LEU D 194 11.45 34.51 46.79
CA LEU D 194 11.27 35.25 48.03
C LEU D 194 9.78 35.38 48.33
N TYR D 195 9.45 35.55 49.61
CA TYR D 195 8.07 35.50 50.07
C TYR D 195 7.73 36.76 50.85
N ASN D 196 6.59 37.39 50.53
CA ASN D 196 6.11 38.54 51.28
C ASN D 196 4.77 38.27 51.95
N GLY D 197 4.24 37.07 51.79
CA GLY D 197 2.88 36.78 52.19
C GLY D 197 2.74 36.17 53.56
N PRO D 198 1.56 35.63 53.85
CA PRO D 198 1.28 35.12 55.20
C PRO D 198 2.08 33.88 55.56
N PHE D 199 2.62 33.17 54.57
CA PHE D 199 3.40 31.97 54.80
C PHE D 199 4.68 32.05 54.00
N LEU D 200 5.66 31.24 54.40
CA LEU D 200 6.87 31.01 53.63
C LEU D 200 6.83 29.61 53.05
N LEU D 201 7.10 29.48 51.75
CA LEU D 201 7.25 28.16 51.16
C LEU D 201 8.54 27.54 51.66
N LYS D 202 8.43 26.41 52.35
CA LYS D 202 9.54 25.82 53.08
C LYS D 202 10.07 24.54 52.44
N GLY D 203 9.23 23.77 51.79
CA GLY D 203 9.66 22.53 51.19
C GLY D 203 8.85 22.18 49.96
N LEU D 204 9.53 21.60 48.97
CA LEU D 204 8.92 21.06 47.77
C LEU D 204 9.62 19.76 47.46
N THR D 205 8.87 18.66 47.40
CA THR D 205 9.42 17.38 46.99
C THR D 205 8.49 16.79 45.94
N ALA D 206 9.03 16.59 44.73
CA ALA D 206 8.24 16.07 43.62
C ALA D 206 7.52 14.77 44.01
N LYS D 207 6.25 14.70 43.62
CA LYS D 207 5.39 13.55 43.87
C LYS D 207 5.34 13.19 45.34
N SER D 208 5.39 14.22 46.20
CA SER D 208 5.44 13.95 47.64
C SER D 208 4.79 15.05 48.48
N SER D 209 5.33 16.27 48.48
CA SER D 209 4.73 17.26 49.37
C SER D 209 5.06 18.68 48.97
N VAL D 210 4.18 19.59 49.41
CA VAL D 210 4.37 21.04 49.41
C VAL D 210 4.23 21.50 50.85
N GLU D 211 5.17 22.31 51.34
CA GLU D 211 5.26 22.63 52.77
C GLU D 211 5.41 24.12 52.98
N PHE D 212 4.62 24.69 53.90
CA PHE D 212 4.69 26.10 54.26
C PHE D 212 4.79 26.24 55.77
N VAL D 213 5.44 27.31 56.24
CA VAL D 213 5.37 27.71 57.65
C VAL D 213 4.83 29.14 57.72
N LYS D 214 4.21 29.46 58.84
CA LYS D 214 3.72 30.83 59.06
C LYS D 214 4.87 31.84 59.03
N ASN D 215 4.63 32.96 58.36
CA ASN D 215 5.58 34.08 58.32
C ASN D 215 5.34 34.88 59.60
N GLU D 216 6.23 34.72 60.60
CA GLU D 216 6.00 35.33 61.89
C GLU D 216 6.26 36.83 61.88
N GLN D 217 6.77 37.39 60.78
CA GLN D 217 6.98 38.82 60.65
C GLN D 217 5.96 39.47 59.72
N TYR D 218 4.94 38.72 59.30
CA TYR D 218 3.94 39.23 58.36
C TYR D 218 3.17 40.39 58.98
N TRP D 219 2.94 41.43 58.18
CA TRP D 219 2.25 42.61 58.69
C TRP D 219 0.82 42.29 59.12
N ASP D 220 0.18 41.29 58.51
CA ASP D 220 -1.19 40.89 58.83
C ASP D 220 -1.23 39.56 59.58
N LYS D 221 -0.19 39.26 60.35
CA LYS D 221 -0.12 37.98 61.06
C LYS D 221 -1.32 37.77 61.98
N GLU D 222 -1.94 38.85 62.46
CA GLU D 222 -3.11 38.71 63.33
C GLU D 222 -4.25 37.97 62.64
N ASN D 223 -4.25 37.95 61.31
CA ASN D 223 -5.30 37.28 60.53
C ASN D 223 -4.85 35.94 59.97
N VAL D 224 -3.72 35.41 60.46
CA VAL D 224 -3.20 34.11 60.02
C VAL D 224 -3.27 33.17 61.21
N HIS D 225 -4.05 32.10 61.08
CA HIS D 225 -4.38 31.24 62.20
C HIS D 225 -3.88 29.81 62.01
N LEU D 226 -2.91 29.61 61.13
CA LEU D 226 -2.27 28.31 60.92
C LEU D 226 -0.77 28.45 61.11
N ASP D 227 -0.18 27.49 61.83
CA ASP D 227 1.26 27.53 62.06
C ASP D 227 2.02 26.91 60.88
N THR D 228 1.44 25.87 60.28
CA THR D 228 2.07 25.12 59.20
C THR D 228 1.02 24.69 58.19
N ILE D 229 1.47 24.43 56.96
CA ILE D 229 0.66 23.90 55.89
C ILE D 229 1.43 22.76 55.25
N ASN D 230 0.79 21.61 55.11
CA ASN D 230 1.40 20.47 54.42
C ASN D 230 0.41 19.91 53.42
N LEU D 231 0.83 19.82 52.16
CA LEU D 231 0.02 19.25 51.09
C LEU D 231 0.71 18.00 50.59
N ALA D 232 0.05 16.86 50.73
CA ALA D 232 0.61 15.59 50.30
C ALA D 232 0.17 15.27 48.89
N TYR D 233 1.07 14.69 48.11
CA TYR D 233 0.76 14.39 46.72
C TYR D 233 -0.33 13.32 46.63
N TYR D 234 -1.32 13.56 45.76
CA TYR D 234 -2.48 12.69 45.61
C TYR D 234 -2.73 12.52 44.12
N ASP D 235 -2.65 11.29 43.63
CA ASP D 235 -2.77 11.01 42.20
C ASP D 235 -4.08 10.34 41.82
N GLY D 236 -4.99 10.14 42.77
CA GLY D 236 -6.28 9.52 42.49
C GLY D 236 -6.31 8.01 42.51
N SER D 237 -5.18 7.35 42.79
CA SER D 237 -5.17 5.89 42.80
C SER D 237 -5.71 5.31 44.10
N ASP D 238 -6.03 6.14 45.07
CA ASP D 238 -6.57 5.64 46.34
C ASP D 238 -7.47 6.74 46.88
N GLN D 239 -8.66 6.81 46.33
CA GLN D 239 -9.58 7.91 46.68
C GLN D 239 -9.96 7.85 48.17
N GLU D 240 -10.09 6.65 48.72
CA GLU D 240 -10.39 6.46 50.14
C GLU D 240 -9.31 7.02 51.04
N SER D 241 -8.14 7.37 50.51
CA SER D 241 -7.08 7.91 51.35
CA SER D 241 -7.07 7.90 51.36
C SER D 241 -7.46 9.26 51.94
N LEU D 242 -8.31 10.03 51.24
CA LEU D 242 -8.67 11.35 51.75
C LEU D 242 -9.43 11.25 53.06
N GLU D 243 -10.52 10.47 53.09
CA GLU D 243 -11.26 10.30 54.34
C GLU D 243 -10.40 9.60 55.37
N ARG D 244 -9.61 8.60 54.94
CA ARG D 244 -8.82 7.84 55.90
C ARG D 244 -7.84 8.74 56.64
N ASN D 245 -7.15 9.62 55.91
CA ASN D 245 -6.24 10.54 56.57
C ASN D 245 -6.97 11.66 57.30
N PHE D 246 -8.19 12.01 56.87
CA PHE D 246 -8.98 12.96 57.65
C PHE D 246 -9.32 12.39 59.01
N THR D 247 -9.82 11.16 59.04
CA THR D 247 -10.26 10.52 60.28
C THR D 247 -9.09 10.28 61.22
N SER D 248 -7.91 9.98 60.67
CA SER D 248 -6.74 9.83 61.54
C SER D 248 -6.26 11.14 62.12
N GLY D 249 -6.72 12.28 61.58
CA GLY D 249 -6.31 13.57 62.05
C GLY D 249 -5.21 14.23 61.23
N ALA D 250 -4.63 13.51 60.27
CA ALA D 250 -3.61 14.11 59.43
C ALA D 250 -4.16 15.22 58.55
N TYR D 251 -5.33 15.01 57.95
CA TYR D 251 -5.90 16.01 57.06
C TYR D 251 -6.95 16.84 57.78
N SER D 252 -7.03 18.13 57.41
CA SER D 252 -8.00 19.05 58.01
C SER D 252 -9.31 19.07 57.25
N TYR D 253 -9.36 18.46 56.07
CA TYR D 253 -10.48 18.51 55.15
C TYR D 253 -10.47 17.17 54.42
N ALA D 254 -11.63 16.76 53.89
CA ALA D 254 -11.65 15.59 53.02
C ALA D 254 -12.82 15.69 52.05
N ARG D 255 -12.52 15.66 50.75
CA ARG D 255 -13.57 15.50 49.75
C ARG D 255 -13.93 14.01 49.65
N LEU D 256 -15.23 13.71 49.62
CA LEU D 256 -15.68 12.33 49.67
C LEU D 256 -16.07 11.85 48.28
N TYR D 257 -15.90 10.56 48.04
CA TYR D 257 -16.30 9.93 46.78
C TYR D 257 -17.32 8.86 47.11
N PRO D 258 -18.62 9.16 46.95
CA PRO D 258 -19.66 8.19 47.33
C PRO D 258 -19.64 6.89 46.53
N THR D 259 -18.85 6.81 45.46
CA THR D 259 -18.74 5.56 44.73
C THR D 259 -17.64 4.65 45.27
N SER D 260 -16.87 5.11 46.25
CA SER D 260 -15.82 4.27 46.81
C SER D 260 -16.43 3.06 47.50
N SER D 261 -15.73 1.92 47.43
CA SER D 261 -16.28 0.67 47.92
C SER D 261 -16.57 0.71 49.41
N ASN D 262 -15.93 1.59 50.17
CA ASN D 262 -16.15 1.68 51.61
C ASN D 262 -17.12 2.79 52.00
N TYR D 263 -17.83 3.40 51.04
CA TYR D 263 -18.46 4.67 51.34
C TYR D 263 -19.65 4.53 52.31
N SER D 264 -20.40 3.43 52.22
CA SER D 264 -21.58 3.34 53.07
C SER D 264 -21.20 3.32 54.55
N LYS D 265 -20.03 2.75 54.87
CA LYS D 265 -19.55 2.81 56.24
C LYS D 265 -19.07 4.21 56.62
N VAL D 266 -18.53 4.97 55.67
CA VAL D 266 -18.16 6.36 55.93
C VAL D 266 -19.41 7.21 56.09
N ALA D 267 -20.41 7.01 55.23
CA ALA D 267 -21.65 7.77 55.35
C ALA D 267 -22.39 7.44 56.64
N GLU D 268 -22.25 6.21 57.14
CA GLU D 268 -22.89 5.85 58.39
C GLU D 268 -22.18 6.51 59.57
N GLU D 269 -20.85 6.48 59.59
CA GLU D 269 -20.13 7.03 60.72
C GLU D 269 -20.19 8.56 60.75
N TYR D 270 -20.35 9.19 59.58
CA TYR D 270 -20.26 10.63 59.48
C TYR D 270 -21.57 11.27 59.02
N LYS D 271 -22.71 10.63 59.32
CA LYS D 271 -23.99 11.11 58.80
C LYS D 271 -24.28 12.54 59.25
N ASP D 272 -23.91 12.88 60.49
CA ASP D 272 -24.16 14.23 61.01
C ASP D 272 -23.23 15.27 60.41
N ASN D 273 -22.17 14.84 59.71
CA ASN D 273 -21.09 15.74 59.36
C ASN D 273 -20.99 16.05 57.87
N ILE D 274 -21.50 15.18 57.01
CA ILE D 274 -21.29 15.35 55.58
C ILE D 274 -22.16 16.50 55.09
N TYR D 275 -21.53 17.45 54.40
CA TYR D 275 -22.28 18.55 53.80
C TYR D 275 -21.76 18.78 52.40
N TYR D 276 -22.55 19.50 51.59
CA TYR D 276 -22.22 19.76 50.21
C TYR D 276 -21.84 21.22 50.05
N THR D 277 -20.69 21.46 49.42
CA THR D 277 -20.26 22.82 49.15
C THR D 277 -20.99 23.34 47.92
N GLN D 278 -21.01 24.66 47.76
CA GLN D 278 -21.64 25.19 46.56
C GLN D 278 -20.70 25.01 45.35
N SER D 279 -21.31 25.00 44.16
CA SER D 279 -20.54 24.84 42.94
C SER D 279 -19.58 26.01 42.75
N GLY D 280 -18.36 25.70 42.29
CA GLY D 280 -17.36 26.71 42.02
C GLY D 280 -17.60 27.37 40.67
N SER D 281 -16.75 28.35 40.37
CA SER D 281 -16.93 29.15 39.15
C SER D 281 -16.22 28.56 37.93
N GLY D 282 -15.28 27.62 38.13
CA GLY D 282 -14.58 27.05 37.00
C GLY D 282 -15.44 26.05 36.25
N ILE D 283 -15.10 25.84 34.97
CA ILE D 283 -15.88 24.98 34.10
C ILE D 283 -15.09 23.71 33.80
N ALA D 284 -15.72 22.58 34.04
CA ALA D 284 -15.21 21.28 33.64
C ALA D 284 -16.02 20.76 32.47
N GLY D 285 -15.36 20.16 31.48
CA GLY D 285 -16.10 19.73 30.31
C GLY D 285 -15.15 19.03 29.36
N LEU D 286 -15.65 18.75 28.16
CA LEU D 286 -14.90 17.99 27.17
C LEU D 286 -14.59 18.91 26.00
N GLY D 287 -13.29 19.14 25.77
CA GLY D 287 -12.90 19.91 24.62
C GLY D 287 -12.81 19.04 23.38
N VAL D 288 -13.04 19.66 22.22
CA VAL D 288 -13.03 18.97 20.93
C VAL D 288 -11.80 19.44 20.17
N ASN D 289 -10.95 18.51 19.75
CA ASN D 289 -9.74 18.87 19.00
C ASN D 289 -10.13 19.01 17.53
N ILE D 290 -10.21 20.24 17.03
CA ILE D 290 -10.65 20.43 15.65
C ILE D 290 -9.49 20.40 14.66
N ASP D 291 -8.25 20.19 15.11
CA ASP D 291 -7.10 20.31 14.22
C ASP D 291 -6.01 19.33 14.68
N ARG D 292 -6.36 18.07 14.90
CA ARG D 292 -5.42 17.14 15.52
C ARG D 292 -4.20 16.90 14.65
N GLN D 293 -3.03 16.89 15.28
CA GLN D 293 -1.73 16.78 14.62
C GLN D 293 -1.02 15.46 14.87
N SER D 294 -1.04 14.95 16.10
CA SER D 294 -0.27 13.78 16.48
CA SER D 294 -0.27 13.77 16.48
C SER D 294 -1.19 12.63 16.88
N TYR D 295 -0.74 11.41 16.60
CA TYR D 295 -1.51 10.19 16.87
C TYR D 295 -0.65 9.17 17.59
N ASN D 296 0.09 9.60 18.61
CA ASN D 296 0.82 8.66 19.44
C ASN D 296 -0.09 7.91 20.39
N TYR D 297 -1.30 8.40 20.62
CA TYR D 297 -2.26 7.75 21.53
C TYR D 297 -3.57 7.60 20.76
N THR D 298 -3.69 6.53 19.98
CA THR D 298 -4.87 6.31 19.17
C THR D 298 -5.17 4.83 19.03
N SER D 299 -6.46 4.52 18.87
CA SER D 299 -6.91 3.21 18.43
C SER D 299 -7.12 3.13 16.92
N LYS D 300 -7.09 4.27 16.23
CA LYS D 300 -7.25 4.27 14.79
C LYS D 300 -6.02 3.68 14.13
N THR D 301 -6.25 2.87 13.10
CA THR D 301 -5.16 2.20 12.42
C THR D 301 -5.02 2.57 10.95
N THR D 302 -5.93 3.40 10.41
CA THR D 302 -5.86 3.78 9.00
C THR D 302 -5.92 5.29 8.87
N ASP D 303 -5.42 5.79 7.74
CA ASP D 303 -5.57 7.21 7.44
C ASP D 303 -7.04 7.57 7.21
N SER D 304 -7.81 6.67 6.57
CA SER D 304 -9.21 6.96 6.32
CA SER D 304 -9.22 6.95 6.32
C SER D 304 -9.97 7.19 7.63
N GLU D 305 -9.63 6.44 8.68
CA GLU D 305 -10.27 6.67 9.97
C GLU D 305 -9.84 8.01 10.57
N LYS D 306 -8.57 8.38 10.41
CA LYS D 306 -8.13 9.67 10.93
C LYS D 306 -8.80 10.82 10.18
N VAL D 307 -8.94 10.69 8.86
CA VAL D 307 -9.64 11.68 8.06
C VAL D 307 -11.12 11.75 8.43
N ALA D 308 -11.77 10.59 8.55
CA ALA D 308 -13.17 10.56 9.00
C ALA D 308 -13.35 11.33 10.30
N THR D 309 -12.52 11.05 11.28
CA THR D 309 -12.66 11.70 12.58
C THR D 309 -12.41 13.20 12.48
N LYS D 310 -11.40 13.61 11.70
CA LYS D 310 -11.15 15.04 11.53
C LYS D 310 -12.34 15.73 10.90
N LYS D 311 -12.96 15.09 9.89
CA LYS D 311 -14.10 15.69 9.24
C LYS D 311 -15.31 15.75 10.16
N ALA D 312 -15.53 14.68 10.94
CA ALA D 312 -16.66 14.65 11.86
C ALA D 312 -16.58 15.78 12.88
N LEU D 313 -15.40 15.96 13.48
CA LEU D 313 -15.24 16.99 14.50
C LEU D 313 -15.39 18.40 13.95
N LEU D 314 -15.20 18.59 12.64
CA LEU D 314 -15.44 19.89 12.03
C LEU D 314 -16.92 20.13 11.73
N ASN D 315 -17.77 19.14 11.92
CA ASN D 315 -19.19 19.23 11.60
C ASN D 315 -19.96 19.61 12.86
N LYS D 316 -20.69 20.73 12.81
CA LYS D 316 -21.32 21.23 14.03
C LYS D 316 -22.40 20.27 14.53
N ASP D 317 -23.13 19.66 13.61
CA ASP D 317 -24.20 18.74 14.01
C ASP D 317 -23.63 17.51 14.69
N PHE D 318 -22.47 17.05 14.25
CA PHE D 318 -21.81 15.94 14.93
C PHE D 318 -21.44 16.34 16.36
N ARG D 319 -20.82 17.51 16.52
CA ARG D 319 -20.47 17.99 17.85
C ARG D 319 -21.72 18.16 18.71
N GLN D 320 -22.80 18.72 18.14
CA GLN D 320 -24.05 18.83 18.90
C GLN D 320 -24.58 17.48 19.31
N ALA D 321 -24.41 16.46 18.48
CA ALA D 321 -24.88 15.13 18.85
C ALA D 321 -24.15 14.61 20.08
N LEU D 322 -22.83 14.81 20.14
CA LEU D 322 -22.09 14.44 21.34
C LEU D 322 -22.58 15.21 22.54
N ASN D 323 -22.79 16.52 22.35
CA ASN D 323 -23.20 17.42 23.42
C ASN D 323 -24.55 17.02 23.99
N PHE D 324 -25.52 16.73 23.12
CA PHE D 324 -26.83 16.30 23.58
C PHE D 324 -26.86 14.85 24.05
N ALA D 325 -25.87 14.02 23.66
CA ALA D 325 -25.88 12.64 24.12
C ALA D 325 -25.25 12.47 25.50
N LEU D 326 -24.47 13.44 25.97
CA LEU D 326 -23.82 13.33 27.27
C LEU D 326 -24.85 13.46 28.39
N ASP D 327 -25.00 12.40 29.19
CA ASP D 327 -25.80 12.46 30.42
C ASP D 327 -24.91 13.02 31.52
N ARG D 328 -25.07 14.31 31.82
CA ARG D 328 -24.17 14.97 32.78
C ARG D 328 -24.42 14.52 34.21
N SER D 329 -25.65 14.12 34.53
CA SER D 329 -25.91 13.59 35.87
CA SER D 329 -25.91 13.59 35.87
C SER D 329 -25.19 12.26 36.07
N ALA D 330 -25.18 11.40 35.04
CA ALA D 330 -24.46 10.14 35.13
C ALA D 330 -22.96 10.39 35.22
N TYR D 331 -22.48 11.37 34.46
CA TYR D 331 -21.07 11.76 34.49
C TYR D 331 -20.67 12.24 35.88
N SER D 332 -21.43 13.19 36.43
CA SER D 332 -21.16 13.70 37.77
C SER D 332 -21.29 12.60 38.82
N ALA D 333 -22.28 11.71 38.64
CA ALA D 333 -22.50 10.61 39.59
C ALA D 333 -21.29 9.71 39.74
N GLN D 334 -20.38 9.69 38.75
CA GLN D 334 -19.19 8.86 38.87
C GLN D 334 -18.29 9.35 40.01
N ILE D 335 -18.30 10.64 40.31
CA ILE D 335 -17.51 11.14 41.43
C ILE D 335 -18.37 11.60 42.61
N ASN D 336 -19.66 11.89 42.39
CA ASN D 336 -20.49 12.46 43.44
C ASN D 336 -21.58 11.53 43.93
N GLY D 337 -21.71 10.33 43.35
CA GLY D 337 -22.82 9.45 43.66
C GLY D 337 -24.12 9.96 43.05
N LYS D 338 -25.14 9.10 42.99
CA LYS D 338 -26.37 9.47 42.29
C LYS D 338 -27.16 10.53 43.04
N ASP D 339 -27.16 10.46 44.38
CA ASP D 339 -27.99 11.35 45.18
C ASP D 339 -27.62 12.81 44.96
N GLY D 340 -26.34 13.13 45.03
CA GLY D 340 -25.88 14.49 44.87
C GLY D 340 -25.40 14.87 43.49
N ALA D 341 -25.59 14.00 42.49
CA ALA D 341 -24.94 14.20 41.19
C ALA D 341 -25.39 15.49 40.50
N ALA D 342 -26.66 15.87 40.66
CA ALA D 342 -27.17 16.99 39.86
C ALA D 342 -26.60 18.33 40.29
N LEU D 343 -26.18 18.46 41.55
CA LEU D 343 -25.72 19.75 42.07
C LEU D 343 -24.58 20.34 41.23
N ALA D 344 -23.69 19.48 40.74
CA ALA D 344 -22.49 19.94 40.05
C ALA D 344 -22.69 20.19 38.57
N VAL D 345 -23.83 19.80 38.00
CA VAL D 345 -24.02 19.90 36.56
C VAL D 345 -24.01 21.36 36.13
N ARG D 346 -23.33 21.63 35.01
CA ARG D 346 -23.27 22.95 34.41
C ARG D 346 -23.44 22.83 32.90
N ASN D 347 -24.21 23.76 32.35
CA ASN D 347 -24.64 23.75 30.93
C ASN D 347 -24.05 24.89 30.10
N LEU D 348 -23.16 25.68 30.70
CA LEU D 348 -22.58 26.86 30.05
C LEU D 348 -21.11 27.02 30.45
N PHE D 349 -20.28 27.50 29.55
CA PHE D 349 -18.87 27.73 29.88
C PHE D 349 -18.80 28.78 31.00
N VAL D 350 -19.43 29.94 30.79
CA VAL D 350 -19.51 30.93 31.85
C VAL D 350 -20.54 30.47 32.88
N LYS D 351 -20.16 30.50 34.16
CA LYS D 351 -21.13 30.18 35.21
C LYS D 351 -22.37 31.07 35.04
N PRO D 352 -23.58 30.51 35.08
CA PRO D 352 -24.75 31.28 34.62
C PRO D 352 -25.00 32.55 35.42
N ASP D 353 -24.65 32.57 36.70
CA ASP D 353 -24.87 33.77 37.50
C ASP D 353 -23.57 34.52 37.77
N PHE D 354 -22.56 34.30 36.92
CA PHE D 354 -21.26 34.95 37.09
C PHE D 354 -21.40 36.47 37.12
N VAL D 355 -22.20 37.03 36.22
CA VAL D 355 -22.61 38.42 36.29
C VAL D 355 -24.10 38.47 35.99
N SER D 356 -24.71 39.62 36.29
CA SER D 356 -26.11 39.83 35.95
C SER D 356 -26.28 41.24 35.40
N ALA D 357 -27.33 41.41 34.61
CA ALA D 357 -27.71 42.72 34.09
C ALA D 357 -29.14 42.97 34.56
N GLY D 358 -29.29 43.84 35.56
CA GLY D 358 -30.60 43.97 36.19
C GLY D 358 -30.93 42.69 36.92
N GLU D 359 -32.15 42.20 36.74
CA GLU D 359 -32.54 40.93 37.32
C GLU D 359 -32.29 39.75 36.39
N LYS D 360 -31.61 39.97 35.26
CA LYS D 360 -31.32 38.92 34.30
C LYS D 360 -29.91 38.38 34.55
N THR D 361 -29.79 37.08 34.77
CA THR D 361 -28.47 36.48 34.89
C THR D 361 -27.81 36.40 33.51
N PHE D 362 -26.49 36.23 33.51
CA PHE D 362 -25.81 35.96 32.24
C PHE D 362 -26.47 34.79 31.54
N GLY D 363 -26.85 33.75 32.30
CA GLY D 363 -27.57 32.62 31.72
C GLY D 363 -28.87 33.05 31.05
N ASP D 364 -29.63 33.90 31.72
CA ASP D 364 -30.88 34.42 31.15
C ASP D 364 -30.65 35.13 29.82
N LEU D 365 -29.55 35.88 29.71
CA LEU D 365 -29.24 36.64 28.51
C LEU D 365 -28.82 35.73 27.36
N VAL D 366 -28.08 34.67 27.65
CA VAL D 366 -27.76 33.68 26.63
C VAL D 366 -29.03 32.98 26.15
N ALA D 367 -29.88 32.57 27.08
CA ALA D 367 -31.08 31.84 26.68
C ALA D 367 -32.00 32.70 25.83
N ALA D 368 -31.92 34.02 25.95
CA ALA D 368 -32.80 34.87 25.14
C ALA D 368 -32.34 34.90 23.68
N GLN D 369 -31.04 34.71 23.45
CA GLN D 369 -30.47 34.82 22.11
C GLN D 369 -30.26 33.47 21.46
N LEU D 370 -30.06 32.41 22.25
CA LEU D 370 -29.80 31.07 21.71
C LEU D 370 -30.81 30.58 20.67
N PRO D 371 -32.14 30.79 20.82
CA PRO D 371 -33.07 30.19 19.85
C PRO D 371 -32.92 30.67 18.41
N ALA D 372 -32.28 31.82 18.16
CA ALA D 372 -31.99 32.20 16.78
C ALA D 372 -31.25 31.07 16.05
N TYR D 373 -30.36 30.37 16.77
CA TYR D 373 -29.58 29.30 16.17
C TYR D 373 -30.41 28.07 15.84
N GLY D 374 -31.62 27.96 16.37
CA GLY D 374 -32.42 26.78 16.14
C GLY D 374 -33.49 26.56 17.19
N ASP D 375 -34.64 26.04 16.74
CA ASP D 375 -35.76 25.80 17.65
C ASP D 375 -35.39 24.79 18.73
N GLU D 376 -34.38 23.97 18.49
CA GLU D 376 -33.96 22.99 19.49
C GLU D 376 -33.54 23.65 20.79
N TRP D 377 -33.16 24.92 20.74
CA TRP D 377 -32.75 25.67 21.91
C TRP D 377 -33.90 26.35 22.62
N LYS D 378 -35.08 26.39 22.00
CA LYS D 378 -36.23 27.03 22.63
C LYS D 378 -36.56 26.32 23.94
N GLY D 379 -36.70 27.11 25.01
CA GLY D 379 -37.03 26.57 26.31
C GLY D 379 -35.92 25.83 27.02
N VAL D 380 -34.72 25.78 26.45
CA VAL D 380 -33.63 25.06 27.11
C VAL D 380 -33.25 25.80 28.40
N ASN D 381 -33.03 25.03 29.47
CA ASN D 381 -32.68 25.56 30.77
C ASN D 381 -31.16 25.50 30.92
N LEU D 382 -30.54 26.66 31.11
CA LEU D 382 -29.09 26.74 31.25
C LEU D 382 -28.62 26.86 32.70
N ALA D 383 -29.54 26.77 33.66
CA ALA D 383 -29.19 26.96 35.06
C ALA D 383 -28.36 25.78 35.56
N ASP D 384 -27.49 26.08 36.53
CA ASP D 384 -26.75 25.06 37.23
C ASP D 384 -27.70 24.12 37.96
N GLY D 385 -27.18 22.95 38.33
CA GLY D 385 -27.92 22.04 39.18
C GLY D 385 -28.92 21.17 38.47
N GLN D 386 -28.95 21.21 37.14
CA GLN D 386 -29.81 20.36 36.34
C GLN D 386 -29.17 20.25 34.96
N ASP D 387 -29.43 19.12 34.29
CA ASP D 387 -28.89 18.88 32.94
C ASP D 387 -29.89 19.40 31.93
N GLY D 388 -29.58 20.55 31.33
CA GLY D 388 -30.48 21.16 30.38
C GLY D 388 -30.16 20.74 28.96
N LEU D 389 -28.98 20.17 28.75
CA LEU D 389 -28.57 19.80 27.39
C LEU D 389 -28.87 18.36 27.02
N PHE D 390 -28.88 17.43 27.96
CA PHE D 390 -29.00 16.02 27.63
C PHE D 390 -30.38 15.72 27.05
N ASN D 391 -30.41 15.18 25.83
CA ASN D 391 -31.68 14.86 25.17
C ASN D 391 -31.38 13.87 24.06
N ALA D 392 -31.74 12.60 24.28
CA ALA D 392 -31.37 11.55 23.33
C ALA D 392 -31.99 11.79 21.97
N ASP D 393 -33.23 12.29 21.94
CA ASP D 393 -33.88 12.50 20.65
C ASP D 393 -33.21 13.61 19.86
N LYS D 394 -32.88 14.73 20.53
CA LYS D 394 -32.15 15.78 19.84
C LYS D 394 -30.77 15.30 19.40
N ALA D 395 -30.08 14.55 20.27
CA ALA D 395 -28.79 14.01 19.88
C ALA D 395 -28.89 13.20 18.61
N LYS D 396 -29.92 12.34 18.50
CA LYS D 396 -30.05 11.49 17.34
C LYS D 396 -30.44 12.29 16.10
N ALA D 397 -31.30 13.29 16.26
CA ALA D 397 -31.67 14.11 15.12
C ALA D 397 -30.48 14.89 14.60
N GLU D 398 -29.66 15.43 15.51
CA GLU D 398 -28.44 16.11 15.11
C GLU D 398 -27.47 15.16 14.43
N PHE D 399 -27.31 13.95 14.96
CA PHE D 399 -26.39 13.02 14.34
C PHE D 399 -26.85 12.63 12.93
N ALA D 400 -28.16 12.46 12.75
CA ALA D 400 -28.67 12.13 11.41
C ALA D 400 -28.29 13.21 10.41
N LYS D 401 -28.39 14.49 10.80
CA LYS D 401 -27.97 15.58 9.94
C LYS D 401 -26.50 15.48 9.61
N ALA D 402 -25.66 15.22 10.62
CA ALA D 402 -24.23 15.10 10.38
C ALA D 402 -23.92 13.89 9.50
N LYS D 403 -24.56 12.75 9.78
CA LYS D 403 -24.30 11.54 8.99
C LYS D 403 -24.59 11.75 7.52
N LYS D 404 -25.70 12.41 7.19
CA LYS D 404 -26.02 12.65 5.78
C LYS D 404 -24.94 13.50 5.11
N ALA D 405 -24.45 14.54 5.82
CA ALA D 405 -23.46 15.42 5.25
C ALA D 405 -22.10 14.74 5.13
N LEU D 406 -21.74 13.94 6.13
CA LEU D 406 -20.44 13.27 6.14
C LEU D 406 -20.42 12.11 5.15
N GLU D 407 -21.51 11.35 5.08
CA GLU D 407 -21.58 10.28 4.09
C GLU D 407 -21.46 10.85 2.68
N ALA D 408 -22.08 12.02 2.44
CA ALA D 408 -22.01 12.64 1.13
C ALA D 408 -20.59 13.03 0.76
N ASP D 409 -19.71 13.18 1.76
CA ASP D 409 -18.29 13.43 1.54
C ASP D 409 -17.45 12.16 1.66
N GLY D 410 -18.09 10.99 1.56
CA GLY D 410 -17.37 9.73 1.56
C GLY D 410 -16.76 9.32 2.89
N VAL D 411 -17.40 9.69 4.00
CA VAL D 411 -16.92 9.30 5.32
C VAL D 411 -17.49 7.93 5.65
N GLN D 412 -16.63 7.06 6.16
CA GLN D 412 -17.11 5.74 6.62
C GLN D 412 -17.20 5.76 8.14
N PHE D 413 -18.22 5.11 8.63
CA PHE D 413 -18.56 5.05 10.05
C PHE D 413 -18.21 3.67 10.61
N PRO D 414 -18.08 3.54 11.94
CA PRO D 414 -18.29 4.58 12.97
C PRO D 414 -17.17 5.62 13.04
N ILE D 415 -17.47 6.82 13.56
CA ILE D 415 -16.41 7.76 13.91
C ILE D 415 -15.75 7.29 15.20
N HIS D 416 -14.44 7.06 15.14
CA HIS D 416 -13.67 6.69 16.33
C HIS D 416 -13.16 7.97 17.01
N LEU D 417 -13.34 8.06 18.33
CA LEU D 417 -12.90 9.22 19.11
C LEU D 417 -11.94 8.76 20.21
N ASP D 418 -10.68 9.22 20.14
CA ASP D 418 -9.72 8.94 21.20
C ASP D 418 -9.94 9.88 22.37
N VAL D 419 -10.15 9.32 23.56
CA VAL D 419 -10.20 10.10 24.80
C VAL D 419 -9.13 9.56 25.75
N PRO D 420 -8.11 10.34 26.08
CA PRO D 420 -7.05 9.88 26.97
C PRO D 420 -7.45 9.95 28.43
N VAL D 421 -6.90 9.02 29.24
CA VAL D 421 -7.12 9.01 30.68
C VAL D 421 -5.82 8.73 31.39
N ASP D 422 -5.68 9.31 32.58
CA ASP D 422 -4.62 8.91 33.51
C ASP D 422 -5.03 7.57 34.13
N GLN D 423 -4.26 6.50 33.85
CA GLN D 423 -4.67 5.18 34.34
C GLN D 423 -4.62 5.08 35.86
N ALA D 424 -3.97 6.02 36.53
CA ALA D 424 -3.93 6.03 37.99
C ALA D 424 -5.18 6.64 38.61
N SER D 425 -5.90 7.50 37.89
CA SER D 425 -7.06 8.20 38.46
CA SER D 425 -7.06 8.20 38.45
C SER D 425 -8.32 7.42 38.13
N LYS D 426 -8.78 6.61 39.09
CA LYS D 426 -9.91 5.72 38.83
C LYS D 426 -11.21 6.46 38.57
N ASN D 427 -11.46 7.55 39.30
CA ASN D 427 -12.74 8.22 39.03
C ASN D 427 -12.68 9.13 37.82
N TYR D 428 -11.49 9.50 37.32
CA TYR D 428 -11.47 10.13 36.01
C TYR D 428 -11.79 9.11 34.92
N ILE D 429 -11.21 7.91 35.03
CA ILE D 429 -11.56 6.84 34.10
C ILE D 429 -13.06 6.55 34.15
N SER D 430 -13.64 6.50 35.35
CA SER D 430 -15.07 6.22 35.46
CA SER D 430 -15.07 6.21 35.45
C SER D 430 -15.90 7.30 34.77
N ARG D 431 -15.47 8.57 34.89
CA ARG D 431 -16.19 9.66 34.20
C ARG D 431 -16.13 9.48 32.68
N ILE D 432 -14.94 9.19 32.14
CA ILE D 432 -14.82 9.04 30.70
C ILE D 432 -15.56 7.80 30.23
N GLN D 433 -15.56 6.73 31.04
CA GLN D 433 -16.36 5.56 30.70
C GLN D 433 -17.84 5.92 30.63
N SER D 434 -18.27 6.87 31.47
CA SER D 434 -19.68 7.25 31.42
C SER D 434 -19.96 8.08 30.18
N PHE D 435 -19.01 8.92 29.77
CA PHE D 435 -19.13 9.58 28.47
C PHE D 435 -19.18 8.55 27.33
N LYS D 436 -18.31 7.56 27.37
CA LYS D 436 -18.32 6.50 26.36
C LYS D 436 -19.69 5.84 26.31
N GLN D 437 -20.22 5.48 27.47
CA GLN D 437 -21.48 4.76 27.51
C GLN D 437 -22.62 5.64 27.03
N SER D 438 -22.63 6.92 27.43
CA SER D 438 -23.70 7.82 26.96
C SER D 438 -23.69 7.93 25.44
N VAL D 439 -22.52 8.23 24.87
CA VAL D 439 -22.46 8.49 23.43
C VAL D 439 -22.80 7.22 22.64
N GLU D 440 -22.19 6.08 23.00
CA GLU D 440 -22.41 4.86 22.22
C GLU D 440 -23.81 4.30 22.41
N THR D 441 -24.37 4.43 23.61
CA THR D 441 -25.70 3.92 23.89
C THR D 441 -26.76 4.77 23.18
N VAL D 442 -26.55 6.08 23.13
CA VAL D 442 -27.54 6.97 22.55
C VAL D 442 -27.46 6.96 21.03
N LEU D 443 -26.26 7.12 20.47
CA LEU D 443 -26.11 7.26 19.03
C LEU D 443 -25.88 5.94 18.31
N GLY D 444 -25.36 4.92 19.00
CA GLY D 444 -25.11 3.63 18.39
C GLY D 444 -23.65 3.38 18.03
N VAL D 445 -23.14 2.19 18.34
CA VAL D 445 -21.74 1.90 18.03
CA VAL D 445 -21.76 1.84 18.05
C VAL D 445 -21.49 1.76 16.54
N GLU D 446 -22.52 1.63 15.72
CA GLU D 446 -22.29 1.71 14.28
C GLU D 446 -22.02 3.15 13.84
N ASN D 447 -22.20 4.12 14.74
CA ASN D 447 -22.05 5.53 14.43
C ASN D 447 -20.88 6.21 15.11
N VAL D 448 -20.70 5.99 16.42
CA VAL D 448 -19.61 6.60 17.17
C VAL D 448 -19.05 5.56 18.12
N VAL D 449 -17.73 5.44 18.17
CA VAL D 449 -17.04 4.63 19.17
C VAL D 449 -16.07 5.53 19.92
N VAL D 450 -16.13 5.48 21.24
CA VAL D 450 -15.20 6.23 22.09
C VAL D 450 -14.10 5.27 22.52
N ASP D 451 -12.87 5.54 22.06
CA ASP D 451 -11.70 4.71 22.34
C ASP D 451 -10.89 5.35 23.48
N ILE D 452 -10.98 4.75 24.67
CA ILE D 452 -10.29 5.28 25.83
C ILE D 452 -8.82 4.88 25.77
N GLN D 453 -7.92 5.87 25.85
CA GLN D 453 -6.47 5.65 25.79
C GLN D 453 -5.89 5.80 27.19
N GLN D 454 -5.56 4.67 27.82
CA GLN D 454 -4.94 4.64 29.15
C GLN D 454 -3.44 4.90 29.05
N MET D 455 -2.91 5.72 29.96
CA MET D 455 -1.50 6.06 29.94
C MET D 455 -1.06 6.49 31.33
N THR D 456 0.25 6.63 31.51
CA THR D 456 0.74 7.03 32.83
C THR D 456 0.35 8.47 33.13
N SER D 457 0.43 8.84 34.41
CA SER D 457 0.06 10.19 34.82
C SER D 457 0.89 11.25 34.09
N ASP D 458 2.21 11.03 33.98
CA ASP D 458 3.07 11.99 33.29
C ASP D 458 2.71 12.09 31.81
N GLU D 459 2.48 10.94 31.17
CA GLU D 459 2.09 10.94 29.76
C GLU D 459 0.81 11.73 29.57
N PHE D 460 -0.15 11.52 30.49
CA PHE D 460 -1.43 12.23 30.39
C PHE D 460 -1.23 13.74 30.54
N LEU D 461 -0.48 14.16 31.56
CA LEU D 461 -0.20 15.58 31.74
C LEU D 461 0.43 16.17 30.51
N ASN D 462 1.31 15.42 29.84
CA ASN D 462 2.07 15.98 28.74
C ASN D 462 1.26 16.09 27.45
N ILE D 463 0.07 15.51 27.39
CA ILE D 463 -0.82 15.73 26.26
C ILE D 463 -2.03 16.56 26.64
N THR D 464 -2.14 17.00 27.89
CA THR D 464 -3.26 17.85 28.26
C THR D 464 -2.78 19.08 29.06
N TYR D 465 -2.80 18.97 30.39
CA TYR D 465 -2.50 20.11 31.27
C TYR D 465 -1.20 20.81 30.90
N TYR D 466 -0.15 20.02 30.65
CA TYR D 466 1.19 20.53 30.38
C TYR D 466 1.57 20.39 28.91
N ALA D 467 0.62 20.10 28.02
CA ALA D 467 0.94 20.05 26.59
C ALA D 467 1.45 21.42 26.14
N ALA D 468 2.57 21.42 25.41
CA ALA D 468 3.26 22.66 25.12
C ALA D 468 2.74 23.35 23.87
N ASN D 469 2.14 22.61 22.95
CA ASN D 469 1.70 23.17 21.67
C ASN D 469 0.60 22.28 21.10
N ALA D 470 0.02 22.71 19.99
CA ALA D 470 -1.08 21.94 19.41
C ALA D 470 -0.62 20.56 18.97
N SER D 471 0.65 20.43 18.58
CA SER D 471 1.16 19.13 18.18
CA SER D 471 1.16 19.13 18.19
C SER D 471 1.09 18.12 19.32
N SER D 472 1.21 18.57 20.57
CA SER D 472 1.17 17.66 21.70
C SER D 472 -0.25 17.34 22.18
N GLU D 473 -1.28 17.98 21.60
CA GLU D 473 -2.66 17.71 22.02
C GLU D 473 -3.14 16.44 21.30
N ASP D 474 -2.68 15.30 21.82
CA ASP D 474 -2.80 14.00 21.17
C ASP D 474 -4.09 13.33 21.64
N TRP D 475 -5.21 13.80 21.08
CA TRP D 475 -6.54 13.37 21.49
C TRP D 475 -7.58 13.98 20.57
N ASP D 476 -8.76 13.35 20.51
CA ASP D 476 -9.89 13.88 19.75
C ASP D 476 -10.85 14.68 20.62
N VAL D 477 -11.17 14.12 21.80
CA VAL D 477 -12.00 14.75 22.81
C VAL D 477 -11.30 14.54 24.16
N SER D 478 -11.30 15.58 25.00
CA SER D 478 -10.60 15.42 26.28
C SER D 478 -11.25 16.26 27.38
N GLY D 479 -11.41 15.65 28.55
CA GLY D 479 -11.90 16.43 29.67
C GLY D 479 -10.82 16.65 30.71
N GLY D 480 -9.56 16.70 30.28
CA GLY D 480 -8.48 16.66 31.26
C GLY D 480 -8.21 17.97 31.96
N VAL D 481 -8.63 19.11 31.38
CA VAL D 481 -8.26 20.42 31.89
C VAL D 481 -9.50 21.28 32.02
N SER D 482 -9.66 21.93 33.15
CA SER D 482 -10.76 22.86 33.37
CA SER D 482 -10.70 22.84 33.44
C SER D 482 -10.25 24.30 33.25
N TRP D 483 -11.18 25.26 33.30
CA TRP D 483 -10.80 26.67 33.26
C TRP D 483 -11.47 27.43 34.40
N GLY D 484 -10.68 28.13 35.20
CA GLY D 484 -11.22 29.00 36.21
C GLY D 484 -11.02 30.46 35.84
N PRO D 485 -12.03 31.29 36.16
CA PRO D 485 -11.95 32.70 35.79
C PRO D 485 -10.88 33.44 36.60
N ASP D 486 -10.19 34.38 35.93
CA ASP D 486 -9.08 35.13 36.56
C ASP D 486 -9.46 36.51 37.06
N TYR D 487 -10.58 37.06 36.60
CA TYR D 487 -11.03 38.39 37.02
C TYR D 487 -12.52 38.45 36.71
N GLN D 488 -13.18 39.50 37.22
CA GLN D 488 -14.64 39.53 37.31
C GLN D 488 -15.25 40.21 36.09
N ASP D 489 -15.15 39.50 34.95
CA ASP D 489 -15.73 39.96 33.69
C ASP D 489 -15.87 38.76 32.77
N PRO D 490 -16.95 38.63 31.99
CA PRO D 490 -17.09 37.45 31.14
C PRO D 490 -15.93 37.23 30.17
N SER D 491 -15.17 38.29 29.83
CA SER D 491 -14.01 38.12 28.96
C SER D 491 -13.01 37.09 29.51
N THR D 492 -12.89 36.95 30.82
CA THR D 492 -11.91 35.98 31.33
C THR D 492 -12.26 34.55 30.92
N TYR D 493 -13.53 34.26 30.65
CA TYR D 493 -13.91 32.97 30.10
C TYR D 493 -13.85 32.96 28.58
N LEU D 494 -14.34 34.01 27.92
CA LEU D 494 -14.63 33.90 26.50
C LEU D 494 -13.47 34.37 25.62
N ASP D 495 -12.64 35.29 26.10
CA ASP D 495 -11.51 35.74 25.30
C ASP D 495 -10.52 34.62 25.03
N ILE D 496 -10.46 33.63 25.92
CA ILE D 496 -9.45 32.57 25.81
C ILE D 496 -9.73 31.58 24.70
N LEU D 497 -10.92 31.65 24.08
CA LEU D 497 -11.26 30.79 22.96
C LEU D 497 -11.25 31.53 21.63
N LYS D 498 -10.87 32.82 21.62
CA LYS D 498 -10.65 33.51 20.36
C LYS D 498 -9.55 32.83 19.56
N THR D 499 -9.67 32.87 18.24
CA THR D 499 -8.71 32.18 17.38
C THR D 499 -7.29 32.65 17.63
N THR D 500 -7.10 33.82 18.22
CA THR D 500 -5.78 34.41 18.43
C THR D 500 -5.19 34.05 19.80
N SER D 501 -5.95 33.38 20.66
CA SER D 501 -5.51 33.16 22.04
C SER D 501 -4.84 31.80 22.16
N SER D 502 -3.68 31.68 21.49
CA SER D 502 -3.10 30.36 21.23
C SER D 502 -2.65 29.63 22.48
N GLU D 503 -2.37 30.34 23.59
CA GLU D 503 -2.00 29.64 24.81
C GLU D 503 -3.12 28.76 25.31
N THR D 504 -4.37 29.20 25.13
CA THR D 504 -5.54 28.48 25.64
C THR D 504 -6.31 27.74 24.55
N THR D 505 -6.25 28.17 23.29
CA THR D 505 -6.94 27.41 22.25
C THR D 505 -6.36 26.00 22.10
N LYS D 506 -5.06 25.83 22.35
CA LYS D 506 -4.52 24.48 22.24
C LYS D 506 -5.12 23.57 23.30
N THR D 507 -5.38 24.11 24.48
CA THR D 507 -5.76 23.28 25.62
C THR D 507 -7.20 22.79 25.50
N TYR D 508 -8.09 23.65 25.01
CA TYR D 508 -9.51 23.31 24.97
C TYR D 508 -10.03 22.96 23.59
N LEU D 509 -9.32 23.34 22.51
CA LEU D 509 -9.80 23.11 21.15
C LEU D 509 -8.74 22.52 20.22
N GLY D 510 -7.56 22.19 20.74
CA GLY D 510 -6.55 21.46 19.99
C GLY D 510 -5.78 22.23 18.94
N PHE D 511 -5.92 23.56 18.84
CA PHE D 511 -5.21 24.29 17.78
C PHE D 511 -4.42 25.47 18.35
N ASP D 512 -3.32 25.81 17.67
CA ASP D 512 -2.57 27.01 18.04
C ASP D 512 -2.25 27.89 16.83
N ASN D 513 -2.85 27.62 15.68
CA ASN D 513 -2.68 28.43 14.47
C ASN D 513 -3.96 29.24 14.27
N PRO D 514 -3.93 30.56 14.47
CA PRO D 514 -5.17 31.34 14.31
C PRO D 514 -5.77 31.25 12.92
N ASN D 515 -4.97 30.97 11.90
CA ASN D 515 -5.43 30.93 10.52
C ASN D 515 -5.45 29.51 9.97
N SER D 516 -5.59 28.53 10.85
CA SER D 516 -5.78 27.16 10.43
C SER D 516 -7.05 27.05 9.59
N PRO D 517 -7.04 26.24 8.53
CA PRO D 517 -8.28 26.04 7.77
C PRO D 517 -9.39 25.44 8.61
N SER D 518 -9.07 24.55 9.55
CA SER D 518 -10.10 24.02 10.44
C SER D 518 -10.73 25.12 11.29
N VAL D 519 -9.93 26.09 11.71
CA VAL D 519 -10.44 27.17 12.53
C VAL D 519 -11.44 28.01 11.76
N VAL D 520 -11.19 28.21 10.48
CA VAL D 520 -12.10 29.02 9.63
C VAL D 520 -13.39 28.23 9.34
N GLN D 521 -13.25 26.95 9.08
CA GLN D 521 -14.41 26.08 8.73
C GLN D 521 -15.42 25.97 9.86
N VAL D 522 -14.97 26.02 11.11
CA VAL D 522 -15.93 25.93 12.24
C VAL D 522 -16.52 27.30 12.53
N GLY D 523 -16.03 28.35 11.85
CA GLY D 523 -16.62 29.66 11.99
C GLY D 523 -16.10 30.49 13.12
N LEU D 524 -14.97 30.12 13.72
CA LEU D 524 -14.52 30.81 14.92
C LEU D 524 -14.16 32.27 14.66
N LYS D 525 -13.96 32.68 13.40
CA LYS D 525 -13.75 34.09 13.13
C LYS D 525 -15.00 34.91 13.45
N GLU D 526 -16.20 34.32 13.30
CA GLU D 526 -17.41 35.00 13.73
C GLU D 526 -17.43 35.16 15.24
N TYR D 527 -16.98 34.14 15.96
CA TYR D 527 -16.92 34.21 17.42
C TYR D 527 -16.00 35.34 17.88
N ASP D 528 -14.84 35.49 17.24
CA ASP D 528 -13.94 36.61 17.54
C ASP D 528 -14.66 37.94 17.41
N LYS D 529 -15.46 38.10 16.37
CA LYS D 529 -16.15 39.37 16.18
C LYS D 529 -17.14 39.63 17.31
N LEU D 530 -17.85 38.58 17.75
CA LEU D 530 -18.79 38.75 18.85
C LEU D 530 -18.07 39.13 20.13
N VAL D 531 -16.93 38.48 20.41
CA VAL D 531 -16.16 38.78 21.61
C VAL D 531 -15.61 40.21 21.57
N ASP D 532 -15.03 40.60 20.44
CA ASP D 532 -14.42 41.93 20.33
C ASP D 532 -15.45 43.03 20.47
N GLU D 533 -16.63 42.83 19.88
CA GLU D 533 -17.70 43.81 20.02
C GLU D 533 -18.08 44.00 21.49
N ALA D 534 -18.20 42.90 22.23
CA ALA D 534 -18.55 42.99 23.64
C ALA D 534 -17.44 43.66 24.43
N ALA D 535 -16.19 43.39 24.07
CA ALA D 535 -15.06 43.99 24.79
C ALA D 535 -15.00 45.51 24.61
N ARG D 536 -15.47 46.01 23.46
CA ARG D 536 -15.46 47.45 23.23
C ARG D 536 -16.44 48.21 24.12
N GLU D 537 -17.42 47.51 24.67
CA GLU D 537 -18.45 48.14 25.53
C GLU D 537 -17.85 48.44 26.90
N THR D 538 -17.18 49.59 26.99
CA THR D 538 -16.45 49.85 28.24
C THR D 538 -17.21 50.73 29.23
N SER D 539 -18.31 51.37 28.85
CA SER D 539 -19.00 52.31 29.79
C SER D 539 -20.46 51.95 30.07
N ASP D 540 -20.85 50.69 29.88
CA ASP D 540 -22.22 50.21 30.16
C ASP D 540 -22.11 48.71 30.41
N LEU D 541 -22.05 48.30 31.67
CA LEU D 541 -21.85 46.87 32.00
C LEU D 541 -23.07 46.03 31.59
N ASN D 542 -24.26 46.58 31.76
CA ASN D 542 -25.50 45.88 31.34
C ASN D 542 -25.42 45.54 29.85
N VAL D 543 -24.96 46.45 28.99
CA VAL D 543 -24.83 46.20 27.55
C VAL D 543 -23.60 45.33 27.25
N ARG D 544 -22.51 45.54 27.98
CA ARG D 544 -21.34 44.68 27.80
C ARG D 544 -21.72 43.22 28.02
N TYR D 545 -22.51 42.95 29.05
CA TYR D 545 -22.85 41.57 29.40
C TYR D 545 -23.80 40.96 28.38
N GLU D 546 -24.75 41.73 27.87
CA GLU D 546 -25.62 41.18 26.83
C GLU D 546 -24.84 40.85 25.57
N LYS D 547 -23.81 41.65 25.25
CA LYS D 547 -22.99 41.36 24.07
C LYS D 547 -22.06 40.18 24.30
N TYR D 548 -21.55 39.98 25.52
CA TYR D 548 -20.81 38.75 25.79
C TYR D 548 -21.74 37.54 25.78
N ALA D 549 -22.99 37.71 26.20
CA ALA D 549 -23.94 36.62 26.12
C ALA D 549 -24.20 36.19 24.69
N ALA D 550 -24.14 37.12 23.72
CA ALA D 550 -24.19 36.75 22.31
C ALA D 550 -23.02 35.86 21.94
N ALA D 551 -21.82 36.18 22.43
CA ALA D 551 -20.65 35.34 22.20
C ALA D 551 -20.81 33.95 22.82
N GLN D 552 -21.33 33.88 24.05
CA GLN D 552 -21.57 32.59 24.69
C GLN D 552 -22.67 31.80 23.97
N ALA D 553 -23.66 32.50 23.43
CA ALA D 553 -24.68 31.82 22.65
C ALA D 553 -24.06 31.11 21.45
N TRP D 554 -23.22 31.82 20.69
CA TRP D 554 -22.51 31.19 19.58
C TRP D 554 -21.72 29.96 20.05
N LEU D 555 -21.06 30.08 21.20
CA LEU D 555 -20.22 28.98 21.70
C LEU D 555 -21.07 27.79 22.14
N THR D 556 -22.19 28.05 22.80
CA THR D 556 -23.10 26.96 23.16
C THR D 556 -23.58 26.20 21.92
N ASP D 557 -24.03 26.94 20.90
CA ASP D 557 -24.52 26.29 19.68
C ASP D 557 -23.41 25.55 18.96
N SER D 558 -22.19 26.11 18.96
CA SER D 558 -21.08 25.50 18.22
C SER D 558 -20.71 24.13 18.78
N SER D 559 -20.98 23.90 20.06
CA SER D 559 -20.56 22.68 20.76
C SER D 559 -19.08 22.37 20.58
N LEU D 560 -18.24 23.39 20.42
CA LEU D 560 -16.79 23.18 20.30
C LEU D 560 -16.18 22.77 21.64
N PHE D 561 -16.81 23.18 22.74
CA PHE D 561 -16.50 22.71 24.08
C PHE D 561 -17.81 22.21 24.67
N ILE D 562 -17.77 21.01 25.24
CA ILE D 562 -18.97 20.35 25.78
C ILE D 562 -18.97 20.59 27.29
N PRO D 563 -19.77 21.51 27.82
CA PRO D 563 -19.73 21.74 29.26
C PRO D 563 -20.39 20.59 30.00
N ALA D 564 -19.86 20.29 31.18
CA ALA D 564 -20.44 19.18 31.94
C ALA D 564 -20.74 19.51 33.39
N MET D 565 -19.78 20.10 34.11
CA MET D 565 -19.98 20.33 35.54
C MET D 565 -19.07 21.46 36.01
N ALA D 566 -19.37 21.95 37.20
CA ALA D 566 -18.46 22.87 37.86
C ALA D 566 -17.16 22.15 38.16
N SER D 567 -16.05 22.86 37.99
CA SER D 567 -14.74 22.22 38.16
C SER D 567 -14.36 22.02 39.62
N SER D 568 -15.11 22.58 40.56
CA SER D 568 -14.88 22.37 41.97
C SER D 568 -16.20 22.61 42.68
N GLY D 569 -16.26 22.24 43.96
CA GLY D 569 -17.48 22.41 44.71
C GLY D 569 -18.54 21.40 44.34
N ALA D 570 -19.75 21.65 44.85
CA ALA D 570 -20.91 20.77 44.67
C ALA D 570 -20.55 19.32 45.00
N ALA D 571 -19.87 19.15 46.12
CA ALA D 571 -19.28 17.86 46.47
C ALA D 571 -19.51 17.59 47.95
N PRO D 572 -19.63 16.32 48.33
CA PRO D 572 -19.75 15.99 49.75
C PRO D 572 -18.37 16.05 50.39
N VAL D 573 -18.27 16.72 51.54
CA VAL D 573 -16.99 16.88 52.22
C VAL D 573 -17.14 16.69 53.73
N LEU D 574 -16.02 16.37 54.37
CA LEU D 574 -15.85 16.48 55.81
C LEU D 574 -14.86 17.60 56.09
N SER D 575 -15.03 18.30 57.20
CA SER D 575 -14.14 19.41 57.48
C SER D 575 -13.87 19.58 58.96
N ARG D 576 -12.65 20.02 59.29
CA ARG D 576 -12.32 20.60 60.59
C ARG D 576 -12.02 22.09 60.48
N ILE D 577 -12.43 22.72 59.38
CA ILE D 577 -12.22 24.16 59.15
C ILE D 577 -13.48 24.90 59.56
N VAL D 578 -13.33 25.95 60.35
CA VAL D 578 -14.52 26.70 60.79
C VAL D 578 -15.21 27.29 59.57
N PRO D 579 -16.53 27.08 59.40
CA PRO D 579 -17.17 27.50 58.15
C PRO D 579 -17.10 29.01 57.96
N PHE D 580 -16.78 29.40 56.73
CA PHE D 580 -16.84 30.79 56.27
C PHE D 580 -15.89 31.69 57.06
N THR D 581 -14.80 31.12 57.54
CA THR D 581 -13.68 31.92 58.03
C THR D 581 -12.64 32.19 56.97
N GLY D 582 -12.57 31.35 55.93
CA GLY D 582 -11.60 31.54 54.88
C GLY D 582 -11.97 32.63 53.89
N ALA D 583 -11.00 32.98 53.06
CA ALA D 583 -11.24 33.95 52.01
C ALA D 583 -12.25 33.41 51.01
N SER D 584 -13.08 34.29 50.48
CA SER D 584 -14.05 33.90 49.47
C SER D 584 -13.69 34.62 48.17
N ALA D 585 -13.50 33.86 47.10
CA ALA D 585 -13.18 34.51 45.82
C ALA D 585 -13.78 33.70 44.69
N GLN D 586 -14.50 34.36 43.79
CA GLN D 586 -15.03 33.58 42.65
C GLN D 586 -14.05 33.67 41.47
N THR D 587 -13.06 34.57 41.56
CA THR D 587 -12.04 34.71 40.50
C THR D 587 -10.66 34.92 41.14
N GLY D 588 -9.63 34.64 40.37
CA GLY D 588 -8.30 34.99 40.81
C GLY D 588 -7.65 33.97 41.72
N SER D 589 -6.55 34.40 42.33
CA SER D 589 -5.62 33.52 43.02
C SER D 589 -5.62 33.64 44.54
N LYS D 590 -6.58 34.37 45.13
CA LYS D 590 -6.55 34.56 46.58
C LYS D 590 -7.76 33.95 47.27
N GLY D 591 -8.43 33.00 46.62
CA GLY D 591 -9.48 32.25 47.27
C GLY D 591 -8.93 31.19 48.20
N SER D 592 -9.79 30.75 49.12
CA SER D 592 -9.36 29.78 50.13
C SER D 592 -9.00 28.43 49.56
N ASP D 593 -9.18 28.20 48.26
CA ASP D 593 -8.72 26.93 47.71
C ASP D 593 -7.22 26.87 47.63
N VAL D 594 -6.56 28.03 47.53
CA VAL D 594 -5.11 28.10 47.43
C VAL D 594 -4.48 29.00 48.49
N TYR D 595 -5.24 29.87 49.13
CA TYR D 595 -4.68 30.93 49.97
C TYR D 595 -5.36 30.87 51.32
N PHE D 596 -4.58 30.67 52.38
CA PHE D 596 -5.15 30.20 53.64
C PHE D 596 -5.11 31.25 54.74
N LYS D 597 -4.94 32.53 54.39
CA LYS D 597 -5.20 33.58 55.37
C LYS D 597 -6.65 33.54 55.83
N TYR D 598 -6.88 34.01 57.07
CA TYR D 598 -8.20 34.12 57.71
C TYR D 598 -8.78 32.79 58.17
N LEU D 599 -8.51 31.71 57.44
CA LEU D 599 -9.00 30.38 57.81
C LEU D 599 -8.69 30.06 59.26
N LYS D 600 -9.69 29.51 59.96
CA LYS D 600 -9.53 28.97 61.29
C LYS D 600 -9.94 27.51 61.29
N SER D 601 -9.25 26.70 62.08
CA SER D 601 -9.60 25.30 62.22
C SER D 601 -10.12 25.06 63.64
N GLN D 602 -10.90 23.99 63.78
CA GLN D 602 -11.38 23.58 65.10
C GLN D 602 -10.96 22.14 65.38
N ASP D 603 -11.22 21.70 66.60
CA ASP D 603 -10.83 20.34 66.98
C ASP D 603 -11.85 19.32 66.51
N LYS D 604 -13.13 19.58 66.74
CA LYS D 604 -14.19 18.66 66.36
C LYS D 604 -14.50 18.75 64.86
N VAL D 605 -15.08 17.68 64.34
CA VAL D 605 -15.52 17.67 62.95
C VAL D 605 -16.76 18.53 62.81
N VAL D 606 -16.76 19.39 61.79
CA VAL D 606 -17.92 20.23 61.51
C VAL D 606 -19.15 19.36 61.28
N THR D 607 -20.29 19.78 61.83
CA THR D 607 -21.56 19.14 61.52
C THR D 607 -22.24 19.85 60.36
N LYS D 608 -23.13 19.14 59.66
CA LYS D 608 -23.91 19.71 58.54
C LYS D 608 -24.70 20.92 59.03
N GLU D 609 -25.34 20.81 60.19
CA GLU D 609 -26.12 21.96 60.70
C GLU D 609 -25.20 23.14 61.03
N GLU D 610 -24.05 22.93 61.62
CA GLU D 610 -23.16 24.10 61.84
C GLU D 610 -22.84 24.76 60.50
N TYR D 611 -22.55 23.97 59.49
CA TYR D 611 -22.18 24.58 58.19
C TYR D 611 -23.36 25.34 57.59
N GLU D 612 -24.55 24.72 57.59
CA GLU D 612 -25.71 25.37 56.96
C GLU D 612 -26.10 26.66 57.70
N LYS D 613 -26.06 26.61 59.01
CA LYS D 613 -26.40 27.81 59.80
C LYS D 613 -25.37 28.88 59.48
N ALA D 614 -24.10 28.50 59.43
CA ALA D 614 -23.07 29.48 59.13
C ALA D 614 -23.28 30.07 57.73
N ARG D 615 -23.67 29.24 56.76
CA ARG D 615 -23.84 29.72 55.39
C ARG D 615 -24.99 30.72 55.29
N GLU D 616 -26.09 30.46 55.98
CA GLU D 616 -27.22 31.38 55.91
C GLU D 616 -26.85 32.73 56.49
N LYS D 617 -26.08 32.75 57.57
CA LYS D 617 -25.63 34.01 58.15
C LYS D 617 -24.67 34.71 57.21
N TRP D 618 -23.71 33.95 56.69
CA TRP D 618 -22.75 34.49 55.75
C TRP D 618 -23.44 35.11 54.55
N LEU D 619 -24.46 34.43 53.99
CA LEU D 619 -25.14 34.97 52.83
C LEU D 619 -25.76 36.33 53.15
N LYS D 620 -26.43 36.44 54.30
CA LYS D 620 -26.98 37.71 54.74
C LYS D 620 -25.89 38.77 54.87
N GLU D 621 -24.84 38.46 55.64
CA GLU D 621 -23.79 39.44 55.90
C GLU D 621 -23.04 39.79 54.61
N LYS D 622 -22.83 38.81 53.73
CA LYS D 622 -22.15 39.05 52.48
C LYS D 622 -22.88 40.09 51.63
N ALA D 623 -24.21 39.98 51.55
CA ALA D 623 -24.99 40.87 50.70
C ALA D 623 -24.80 42.34 51.09
N GLU D 624 -24.91 42.65 52.40
CA GLU D 624 -24.64 44.04 52.83
C GLU D 624 -23.18 44.42 52.61
N SER D 625 -22.26 43.51 52.86
CA SER D 625 -20.84 43.84 52.75
C SER D 625 -20.47 44.15 51.30
N ASN D 626 -20.95 43.33 50.36
CA ASN D 626 -20.64 43.58 48.96
C ASN D 626 -21.26 44.90 48.48
N GLU D 627 -22.50 45.18 48.88
CA GLU D 627 -23.14 46.40 48.41
C GLU D 627 -22.45 47.63 48.98
N LYS D 628 -22.04 47.57 50.25
CA LYS D 628 -21.28 48.66 50.85
C LYS D 628 -19.96 48.85 50.10
N ALA D 629 -19.30 47.75 49.74
CA ALA D 629 -18.03 47.87 49.01
C ALA D 629 -18.22 48.56 47.68
N GLN D 630 -19.27 48.20 46.94
CA GLN D 630 -19.48 48.78 45.62
C GLN D 630 -19.88 50.25 45.70
N LYS D 631 -20.61 50.65 46.74
CA LYS D 631 -20.89 52.06 46.87
C LYS D 631 -19.71 52.84 47.42
N GLU D 632 -18.80 52.17 48.13
CA GLU D 632 -17.58 52.84 48.57
C GLU D 632 -16.63 53.14 47.41
N LEU D 633 -16.85 52.56 46.23
CA LEU D 633 -15.96 52.83 45.11
C LEU D 633 -15.94 54.32 44.76
N ALA D 634 -17.06 55.02 44.99
CA ALA D 634 -17.10 56.46 44.77
C ALA D 634 -15.95 57.17 45.47
N SER D 635 -15.66 56.77 46.72
CA SER D 635 -14.52 57.22 47.52
C SER D 635 -13.30 57.50 46.68
N HIS D 636 -12.95 56.55 45.81
CA HIS D 636 -11.62 56.42 45.25
C HIS D 636 -11.42 57.13 43.92
N VAL D 637 -12.48 57.71 43.35
CA VAL D 637 -12.31 58.59 42.20
C VAL D 637 -11.78 59.92 42.73
N LYS D 638 -10.53 60.23 42.42
CA LYS D 638 -9.90 61.46 42.90
C LYS D 638 -9.57 62.37 41.72
N ALA E 1 -26.77 -24.15 -0.52
CA ALA E 1 -26.17 -23.57 0.68
C ALA E 1 -26.10 -22.06 0.60
N LYS E 2 -26.49 -21.40 1.69
CA LYS E 2 -26.32 -19.95 1.79
C LYS E 2 -24.90 -19.62 2.21
N THR E 3 -24.31 -18.60 1.57
CA THR E 3 -22.98 -18.11 1.89
C THR E 3 -23.01 -16.58 1.97
N ILE E 4 -22.17 -16.01 2.83
CA ILE E 4 -22.08 -14.53 2.96
C ILE E 4 -21.11 -14.02 1.89
N LYS E 5 -21.45 -12.89 1.26
CA LYS E 5 -20.69 -12.27 0.14
C LYS E 5 -19.90 -11.06 0.61
N ILE E 6 -20.02 -10.68 1.88
CA ILE E 6 -19.33 -9.45 2.33
C ILE E 6 -17.81 -9.56 2.14
N THR E 7 -17.23 -10.74 2.36
CA THR E 7 -15.80 -10.96 2.04
C THR E 7 -15.74 -12.12 1.04
N GLN E 8 -15.01 -11.99 -0.06
CA GLN E 8 -14.83 -13.05 -1.05
C GLN E 8 -13.40 -13.57 -0.92
N THR E 9 -13.20 -14.48 0.02
CA THR E 9 -11.86 -14.97 0.34
C THR E 9 -11.41 -16.13 -0.54
N ARG E 10 -12.26 -16.63 -1.44
CA ARG E 10 -11.82 -17.54 -2.50
C ARG E 10 -12.52 -17.19 -3.81
N ALA F 1 6.60 -30.21 -35.20
CA ALA F 1 7.12 -29.69 -33.92
C ALA F 1 7.11 -28.16 -33.90
N LYS F 2 6.75 -27.59 -32.77
CA LYS F 2 6.77 -26.13 -32.60
C LYS F 2 8.17 -25.69 -32.20
N THR F 3 8.69 -24.67 -32.84
CA THR F 3 10.04 -24.14 -32.51
C THR F 3 9.97 -22.64 -32.20
N ILE F 4 10.73 -22.19 -31.23
CA ILE F 4 10.69 -20.73 -30.96
C ILE F 4 11.60 -20.09 -31.99
N LYS F 5 11.15 -19.01 -32.60
CA LYS F 5 11.86 -18.31 -33.70
C LYS F 5 12.52 -17.01 -33.23
N ILE F 6 12.40 -16.64 -31.95
CA ILE F 6 12.98 -15.35 -31.49
C ILE F 6 14.51 -15.29 -31.66
N THR F 7 15.22 -16.41 -31.62
CA THR F 7 16.64 -16.40 -32.05
C THR F 7 16.83 -17.60 -32.97
N GLN F 8 17.59 -17.47 -34.06
CA GLN F 8 17.83 -18.57 -35.05
C GLN F 8 19.29 -19.04 -34.93
N THR F 9 19.63 -19.74 -33.86
CA THR F 9 21.00 -20.12 -33.58
C THR F 9 21.55 -21.18 -34.53
N ARG F 10 20.79 -21.60 -35.53
CA ARG F 10 21.33 -22.43 -36.61
C ARG F 10 20.46 -22.26 -37.84
N ALA G 1 26.60 24.41 0.04
CA ALA G 1 27.63 23.50 0.54
C ALA G 1 27.26 22.05 0.23
N LYS G 2 28.23 21.26 -0.24
CA LYS G 2 27.97 19.84 -0.50
C LYS G 2 28.06 19.03 0.79
N THR G 3 27.12 18.12 0.98
CA THR G 3 27.11 17.27 2.16
C THR G 3 26.88 15.82 1.74
N ILE G 4 27.48 14.90 2.43
CA ILE G 4 27.26 13.50 2.09
C ILE G 4 26.04 13.01 2.85
N LYS G 5 25.24 12.16 2.20
CA LYS G 5 23.93 11.77 2.72
C LYS G 5 23.84 10.27 3.01
N ILE G 6 24.83 9.47 2.59
CA ILE G 6 24.83 8.03 2.94
C ILE G 6 24.61 7.84 4.42
N THR G 7 25.10 8.77 5.23
CA THR G 7 24.89 8.78 6.66
C THR G 7 24.22 10.09 7.05
N GLN G 8 23.13 10.01 7.80
CA GLN G 8 22.42 11.21 8.26
C GLN G 8 22.29 11.17 9.78
N THR G 9 23.31 11.71 10.45
CA THR G 9 23.45 11.66 11.90
C THR G 9 22.80 12.85 12.61
N ARG G 10 22.17 13.75 11.88
CA ARG G 10 21.42 14.85 12.47
C ARG G 10 20.14 15.10 11.67
N ALA H 1 -7.42 30.61 34.51
CA ALA H 1 -6.33 29.72 34.94
C ALA H 1 -6.68 28.30 34.57
N LYS H 2 -5.70 27.56 34.06
CA LYS H 2 -5.92 26.16 33.74
C LYS H 2 -5.78 25.31 35.01
N THR H 3 -6.68 24.34 35.19
CA THR H 3 -6.60 23.41 36.33
C THR H 3 -6.79 22.00 35.83
N ILE H 4 -6.14 21.06 36.51
CA ILE H 4 -6.22 19.63 36.14
C ILE H 4 -7.50 19.07 36.78
N LYS H 5 -8.27 18.34 36.00
CA LYS H 5 -9.56 17.75 36.45
C LYS H 5 -9.47 16.24 36.76
N ILE H 6 -8.33 15.59 36.55
CA ILE H 6 -8.25 14.12 36.80
C ILE H 6 -8.53 13.75 38.27
N THR H 7 -8.15 14.61 39.22
CA THR H 7 -8.51 14.43 40.65
C THR H 7 -9.34 15.67 41.00
N GLN H 8 -10.53 15.53 41.60
CA GLN H 8 -11.37 16.69 42.01
C GLN H 8 -11.38 16.70 43.56
N THR H 9 -10.35 17.24 44.22
CA THR H 9 -10.17 17.19 45.66
C THR H 9 -10.93 18.28 46.41
N ARG H 10 -11.62 19.16 45.70
CA ARG H 10 -12.55 20.08 46.36
C ARG H 10 -13.63 20.54 45.38
#